data_8FXY
#
_entry.id   8FXY
#
_cell.length_a   1.00
_cell.length_b   1.00
_cell.length_c   1.00
_cell.angle_alpha   90.00
_cell.angle_beta   90.00
_cell.angle_gamma   90.00
#
_symmetry.space_group_name_H-M   'P 1'
#
loop_
_entity.id
_entity.type
_entity.pdbx_description
1 polymer 'CPXV040 protein'
2 polymer 'T-lymphocyte activation antigen CD86'
3 non-polymer 2-acetamido-2-deoxy-beta-D-glucopyranose
#
loop_
_entity_poly.entity_id
_entity_poly.type
_entity_poly.pdbx_seq_one_letter_code
_entity_poly.pdbx_strand_id
1 'polypeptide(L)'
;KPEAEYKNTICPPRQDYRYWYFAAELTIGVNYDINSTIMGECHMSESYIDRNANIVLTGYGLEINMTIMDTDQRFVAAAE
GVGKDNKLSVLLFTTQRLDKVHHNISVTITCMEMNCGTTKYDSDLPESIHHKSSCDITINGSCVTCVNLETDPTKINPHY
LHPKDKYLYRNSEYGMRGSYGVTFMDELNQCFLDIKEVSYDICY
;
A,B,D,F,I,K
2 'polypeptide(L)'
;MLKIQAYFNETADLPCQFANSQNQSLSELVVFWQDQENLVLNEVYLGKEKFDSVHSKYMGRTSFDSDSWTLRLHNLQIKD
KGLYQCIIHHKKPTGMIRIHQMNSELSVLANFSQPEIVPISNITENVYINLTCSSIHGYPEPKKMSVLLRTKNSTIEYDG
IMQKSQDNVTELYDVSISLSVSFPDVTSNMTIFCILETDKTRLLSSPFSIELEDPQPPP
;
H,C,E,G,J,L
#
# COMPACT_ATOMS: atom_id res chain seq x y z
N THR A 9 -23.05 13.34 40.98
CA THR A 9 -24.14 12.38 41.10
C THR A 9 -25.31 12.75 40.20
N ILE A 10 -25.51 14.05 40.01
CA ILE A 10 -26.68 14.53 39.28
C ILE A 10 -26.58 14.16 37.80
N CYS A 11 -25.39 14.23 37.23
CA CYS A 11 -25.30 14.13 35.77
C CYS A 11 -24.64 12.82 35.35
N PRO A 12 -25.04 12.24 34.22
CA PRO A 12 -24.25 11.19 33.60
C PRO A 12 -23.21 11.78 32.67
N PRO A 13 -22.05 11.12 32.52
CA PRO A 13 -20.95 11.74 31.77
C PRO A 13 -21.28 12.12 30.33
N ARG A 14 -22.06 11.30 29.63
CA ARG A 14 -22.37 11.52 28.22
C ARG A 14 -21.10 11.55 27.37
N GLN A 15 -20.37 10.44 27.42
CA GLN A 15 -19.07 10.31 26.77
C GLN A 15 -19.20 9.51 25.48
N ASP A 16 -18.06 9.17 24.89
CA ASP A 16 -18.03 8.29 23.73
C ASP A 16 -18.11 6.83 24.16
N TYR A 17 -17.13 6.36 24.92
CA TYR A 17 -17.09 4.99 25.42
C TYR A 17 -16.76 5.03 26.90
N ARG A 18 -17.22 3.99 27.61
CA ARG A 18 -17.08 3.92 29.06
C ARG A 18 -16.26 2.70 29.45
N TYR A 19 -15.46 2.86 30.50
CA TYR A 19 -14.78 1.74 31.13
C TYR A 19 -15.60 1.12 32.25
N TRP A 20 -16.46 1.91 32.89
CA TRP A 20 -17.27 1.46 34.01
C TRP A 20 -18.61 0.94 33.49
N TYR A 21 -19.01 -0.23 33.98
CA TYR A 21 -20.19 -0.95 33.50
C TYR A 21 -21.18 -1.18 34.63
N PHE A 22 -22.24 -1.91 34.31
CA PHE A 22 -23.28 -2.31 35.26
C PHE A 22 -23.89 -3.62 34.74
N ALA A 23 -25.14 -3.90 35.11
CA ALA A 23 -25.74 -5.16 34.67
C ALA A 23 -27.26 -5.03 34.50
N ALA A 24 -27.79 -5.78 33.54
CA ALA A 24 -29.22 -6.09 33.40
C ALA A 24 -29.40 -7.06 32.24
N GLU A 25 -30.03 -8.20 32.48
CA GLU A 25 -29.99 -9.30 31.52
C GLU A 25 -31.37 -9.74 31.08
N LEU A 26 -31.41 -10.47 29.98
CA LEU A 26 -32.66 -11.06 29.51
C LEU A 26 -32.34 -12.26 28.63
N THR A 27 -33.36 -13.08 28.39
CA THR A 27 -33.24 -14.29 27.59
C THR A 27 -34.49 -14.50 26.76
N ILE A 28 -34.29 -14.85 25.50
CA ILE A 28 -35.37 -15.08 24.54
C ILE A 28 -35.26 -16.51 24.02
N GLY A 29 -36.31 -17.29 24.20
CA GLY A 29 -36.35 -18.64 23.68
C GLY A 29 -37.14 -18.72 22.40
N VAL A 30 -36.43 -18.93 21.29
CA VAL A 30 -37.01 -18.90 19.95
C VAL A 30 -37.11 -20.33 19.43
N ASN A 31 -38.03 -20.54 18.48
CA ASN A 31 -38.29 -21.88 17.99
C ASN A 31 -37.36 -22.29 16.86
N TYR A 32 -37.03 -21.38 15.94
CA TYR A 32 -36.13 -21.75 14.86
C TYR A 32 -34.73 -21.98 15.42
N ASP A 33 -33.81 -22.40 14.55
CA ASP A 33 -32.56 -23.04 14.96
C ASP A 33 -31.40 -22.06 14.85
N ILE A 34 -30.59 -21.99 15.91
CA ILE A 34 -29.30 -21.31 15.89
C ILE A 34 -28.30 -22.22 16.58
N ASN A 35 -27.16 -22.46 15.92
CA ASN A 35 -26.18 -23.43 16.43
C ASN A 35 -25.32 -22.84 17.55
N SER A 36 -24.55 -21.81 17.24
CA SER A 36 -23.56 -21.31 18.19
C SER A 36 -23.27 -19.85 17.88
N THR A 37 -22.42 -19.24 18.71
CA THR A 37 -22.07 -17.84 18.54
C THR A 37 -21.24 -17.62 17.29
N ILE A 38 -21.33 -16.42 16.74
CA ILE A 38 -20.67 -16.09 15.49
C ILE A 38 -19.55 -15.08 15.66
N MET A 39 -19.40 -14.47 16.83
CA MET A 39 -18.28 -13.57 17.12
C MET A 39 -18.28 -12.38 16.16
N GLY A 40 -19.29 -11.53 16.30
CA GLY A 40 -19.38 -10.32 15.50
C GLY A 40 -20.71 -10.19 14.80
N GLU A 41 -21.66 -11.07 15.15
CA GLU A 41 -22.95 -11.07 14.48
C GLU A 41 -23.82 -9.90 14.93
N CYS A 42 -23.78 -9.57 16.22
CA CYS A 42 -24.65 -8.51 16.73
C CYS A 42 -24.25 -7.15 16.17
N HIS A 43 -25.20 -6.22 16.22
CA HIS A 43 -24.92 -4.80 15.98
C HIS A 43 -25.91 -3.99 16.79
N MET A 44 -25.41 -3.07 17.61
CA MET A 44 -26.24 -2.36 18.57
C MET A 44 -26.13 -0.85 18.38
N SER A 45 -27.21 -0.15 18.74
CA SER A 45 -27.25 1.31 18.76
C SER A 45 -27.93 1.77 20.04
N GLU A 46 -27.53 2.94 20.51
CA GLU A 46 -27.97 3.46 21.80
C GLU A 46 -28.38 4.91 21.68
N SER A 47 -29.27 5.35 22.57
CA SER A 47 -29.75 6.71 22.57
C SER A 47 -30.22 7.10 23.97
N TYR A 48 -30.02 8.37 24.31
CA TYR A 48 -30.50 8.92 25.57
C TYR A 48 -31.13 10.30 25.45
N ILE A 49 -31.00 10.96 24.29
CA ILE A 49 -31.32 12.39 24.19
C ILE A 49 -32.73 12.69 24.66
N ASP A 50 -33.58 11.69 24.75
CA ASP A 50 -34.99 11.90 25.08
C ASP A 50 -35.26 11.93 26.58
N ARG A 51 -34.24 11.70 27.40
CA ARG A 51 -34.39 11.53 28.85
C ARG A 51 -34.85 10.12 29.18
N ASN A 52 -35.05 9.29 28.15
CA ASN A 52 -35.38 7.89 28.32
C ASN A 52 -34.34 7.05 27.59
N ALA A 53 -33.67 6.15 28.30
CA ALA A 53 -32.63 5.34 27.69
C ALA A 53 -33.23 4.37 26.70
N ASN A 54 -32.55 4.16 25.58
CA ASN A 54 -33.05 3.25 24.56
C ASN A 54 -31.89 2.54 23.90
N ILE A 55 -32.03 1.23 23.71
CA ILE A 55 -31.02 0.41 23.06
C ILE A 55 -31.70 -0.52 22.06
N VAL A 56 -31.26 -0.48 20.82
CA VAL A 56 -31.80 -1.33 19.76
C VAL A 56 -30.65 -2.16 19.22
N LEU A 57 -30.73 -3.47 19.39
CA LEU A 57 -29.67 -4.38 18.97
C LEU A 57 -30.26 -5.44 18.05
N THR A 58 -29.66 -5.57 16.87
CA THR A 58 -30.03 -6.58 15.89
C THR A 58 -29.03 -7.72 15.98
N GLY A 59 -29.53 -8.93 16.20
CA GLY A 59 -28.66 -10.06 16.43
C GLY A 59 -28.79 -11.18 15.43
N TYR A 60 -28.99 -12.40 15.94
CA TYR A 60 -28.93 -13.58 15.09
C TYR A 60 -30.14 -13.66 14.17
N GLY A 61 -31.34 -13.48 14.71
CA GLY A 61 -32.53 -13.50 13.88
C GLY A 61 -33.62 -12.57 14.33
N LEU A 62 -33.34 -11.73 15.32
CA LEU A 62 -34.34 -10.85 15.87
C LEU A 62 -33.71 -9.54 16.31
N GLU A 63 -34.51 -8.48 16.31
CA GLU A 63 -34.10 -7.17 16.78
C GLU A 63 -34.81 -6.88 18.09
N ILE A 64 -34.04 -6.48 19.10
CA ILE A 64 -34.56 -6.20 20.44
C ILE A 64 -34.42 -4.71 20.70
N ASN A 65 -35.52 -4.07 21.10
CA ASN A 65 -35.58 -2.63 21.31
C ASN A 65 -36.08 -2.40 22.73
N MET A 66 -35.18 -1.94 23.59
CA MET A 66 -35.44 -1.76 25.02
C MET A 66 -35.42 -0.29 25.38
N THR A 67 -36.37 0.13 26.21
CA THR A 67 -36.48 1.52 26.62
C THR A 67 -36.73 1.57 28.12
N ILE A 68 -35.90 2.35 28.82
CA ILE A 68 -36.07 2.64 30.23
C ILE A 68 -36.54 4.08 30.37
N MET A 69 -37.65 4.27 31.07
CA MET A 69 -38.27 5.58 31.23
C MET A 69 -37.83 6.19 32.55
N ASP A 70 -37.37 7.45 32.50
CA ASP A 70 -36.86 8.15 33.68
C ASP A 70 -35.69 7.38 34.30
N THR A 71 -34.63 7.26 33.51
CA THR A 71 -33.56 6.31 33.80
C THR A 71 -32.34 6.91 34.48
N ASP A 72 -31.80 8.00 33.97
CA ASP A 72 -30.49 8.50 34.41
C ASP A 72 -29.39 7.51 34.09
N GLN A 73 -29.63 6.64 33.12
CA GLN A 73 -28.64 5.68 32.64
C GLN A 73 -28.66 5.67 31.12
N ARG A 74 -27.50 5.45 30.53
CA ARG A 74 -27.40 5.26 29.10
C ARG A 74 -26.64 3.96 28.84
N PHE A 75 -27.24 3.10 28.03
CA PHE A 75 -26.69 1.76 27.84
C PHE A 75 -25.30 1.86 27.23
N VAL A 76 -24.29 1.43 27.99
CA VAL A 76 -22.91 1.57 27.56
C VAL A 76 -22.56 0.47 26.56
N ALA A 77 -22.88 -0.78 26.89
CA ALA A 77 -22.48 -1.90 26.05
C ALA A 77 -23.46 -3.05 26.22
N ALA A 78 -23.25 -4.10 25.43
CA ALA A 78 -24.12 -5.27 25.48
C ALA A 78 -23.36 -6.48 24.93
N ALA A 79 -23.88 -7.66 25.26
CA ALA A 79 -23.31 -8.92 24.80
C ALA A 79 -24.44 -9.89 24.54
N GLU A 80 -24.22 -10.79 23.58
CA GLU A 80 -25.24 -11.75 23.20
C GLU A 80 -24.62 -13.13 23.07
N GLY A 81 -25.40 -14.15 23.43
CA GLY A 81 -24.92 -15.52 23.34
C GLY A 81 -26.05 -16.48 23.08
N VAL A 82 -25.68 -17.65 22.56
CA VAL A 82 -26.63 -18.70 22.23
C VAL A 82 -26.30 -19.93 23.05
N GLY A 83 -27.30 -20.50 23.70
CA GLY A 83 -27.10 -21.65 24.55
C GLY A 83 -27.74 -22.91 24.00
N LYS A 84 -28.22 -23.77 24.88
CA LYS A 84 -28.86 -25.00 24.47
C LYS A 84 -30.36 -24.78 24.24
N ASP A 85 -30.89 -25.52 23.26
CA ASP A 85 -32.32 -25.50 22.95
C ASP A 85 -32.75 -24.15 22.38
N ASN A 86 -31.85 -23.49 21.65
CA ASN A 86 -32.14 -22.27 20.92
C ASN A 86 -32.62 -21.16 21.86
N LYS A 87 -31.71 -20.76 22.74
CA LYS A 87 -31.94 -19.65 23.66
C LYS A 87 -30.92 -18.56 23.39
N LEU A 88 -31.38 -17.32 23.34
CA LEU A 88 -30.53 -16.17 23.05
C LEU A 88 -30.53 -15.27 24.29
N SER A 89 -29.40 -15.19 24.96
CA SER A 89 -29.25 -14.38 26.17
C SER A 89 -28.54 -13.09 25.83
N VAL A 90 -29.10 -11.97 26.27
CA VAL A 90 -28.54 -10.65 26.03
C VAL A 90 -28.28 -10.00 27.38
N LEU A 91 -27.02 -9.62 27.61
CA LEU A 91 -26.62 -8.83 28.76
C LEU A 91 -26.44 -7.39 28.33
N LEU A 92 -26.89 -6.46 29.18
CA LEU A 92 -26.83 -5.03 28.89
C LEU A 92 -26.14 -4.33 30.06
N PHE A 93 -25.10 -3.56 29.75
CA PHE A 93 -24.32 -2.84 30.75
C PHE A 93 -24.57 -1.35 30.57
N THR A 94 -25.08 -0.71 31.61
CA THR A 94 -25.36 0.71 31.66
C THR A 94 -24.29 1.44 32.46
N THR A 95 -24.36 2.76 32.43
CA THR A 95 -23.33 3.60 33.03
C THR A 95 -23.23 3.41 34.53
N GLN A 96 -24.26 3.80 35.27
CA GLN A 96 -24.19 3.74 36.72
C GLN A 96 -25.54 4.13 37.29
N ARG A 97 -25.80 3.71 38.52
CA ARG A 97 -27.08 3.94 39.18
C ARG A 97 -26.93 5.08 40.19
N LEU A 98 -27.87 6.03 40.12
CA LEU A 98 -27.86 7.17 41.04
C LEU A 98 -28.99 7.12 42.05
N ASP A 99 -30.09 6.44 41.74
CA ASP A 99 -31.24 6.38 42.62
C ASP A 99 -31.91 5.03 42.49
N LYS A 100 -32.73 4.68 43.49
CA LYS A 100 -33.47 3.42 43.51
C LYS A 100 -34.96 3.76 43.41
N VAL A 101 -35.49 3.66 42.19
CA VAL A 101 -36.89 4.01 41.94
C VAL A 101 -37.63 2.97 41.12
N HIS A 102 -37.00 1.86 40.75
CA HIS A 102 -37.67 0.77 40.03
C HIS A 102 -38.25 1.27 38.69
N HIS A 103 -37.34 1.64 37.80
CA HIS A 103 -37.72 2.17 36.50
C HIS A 103 -38.58 1.16 35.74
N ASN A 104 -39.51 1.68 34.95
CA ASN A 104 -40.29 0.85 34.03
C ASN A 104 -39.44 0.46 32.83
N ILE A 105 -39.96 -0.48 32.04
CA ILE A 105 -39.25 -0.93 30.85
C ILE A 105 -40.25 -1.27 29.75
N SER A 106 -39.85 -0.95 28.52
CA SER A 106 -40.62 -1.30 27.33
C SER A 106 -39.72 -2.08 26.38
N VAL A 107 -40.10 -3.31 26.06
CA VAL A 107 -39.29 -4.19 25.24
C VAL A 107 -40.10 -4.64 24.03
N THR A 108 -39.53 -4.47 22.84
CA THR A 108 -40.15 -4.93 21.61
C THR A 108 -39.18 -5.82 20.86
N ILE A 109 -39.65 -7.02 20.50
CA ILE A 109 -38.84 -8.04 19.83
C ILE A 109 -39.45 -8.29 18.46
N THR A 110 -38.68 -8.04 17.41
CA THR A 110 -39.15 -8.17 16.04
C THR A 110 -38.38 -9.28 15.34
N CYS A 111 -39.10 -10.20 14.70
CA CYS A 111 -38.49 -11.31 13.97
C CYS A 111 -38.13 -10.82 12.57
N MET A 112 -36.84 -10.72 12.30
CA MET A 112 -36.37 -10.26 11.00
C MET A 112 -35.83 -11.39 10.12
N GLU A 113 -36.04 -12.65 10.49
CA GLU A 113 -35.52 -13.75 9.68
C GLU A 113 -36.26 -15.03 10.00
N MET A 114 -36.85 -15.63 8.96
CA MET A 114 -37.39 -16.98 8.99
C MET A 114 -38.73 -17.11 9.70
N ASN A 115 -39.19 -16.09 10.41
CA ASN A 115 -40.56 -16.14 10.93
C ASN A 115 -41.24 -14.77 10.99
N CYS A 116 -40.91 -13.87 10.08
CA CYS A 116 -41.46 -12.53 10.15
C CYS A 116 -42.99 -12.57 10.23
N GLY A 117 -43.57 -11.44 10.63
CA GLY A 117 -45.01 -11.35 10.76
C GLY A 117 -45.41 -10.04 11.39
N THR A 118 -46.69 -9.94 11.71
CA THR A 118 -47.23 -8.75 12.35
C THR A 118 -47.28 -8.96 13.87
N THR A 119 -47.92 -8.02 14.56
CA THR A 119 -47.95 -8.06 16.02
C THR A 119 -48.74 -9.25 16.51
N LYS A 120 -48.21 -9.93 17.53
CA LYS A 120 -48.86 -11.09 18.13
C LYS A 120 -49.03 -10.97 19.64
N TYR A 121 -48.47 -9.93 20.26
CA TYR A 121 -48.57 -9.77 21.71
C TYR A 121 -48.32 -8.32 22.06
N ASP A 122 -49.22 -7.72 22.85
CA ASP A 122 -49.07 -6.33 23.24
C ASP A 122 -49.45 -6.09 24.70
N SER A 123 -49.40 -7.11 25.55
CA SER A 123 -49.80 -6.98 26.94
C SER A 123 -48.63 -6.47 27.78
N ASP A 124 -48.86 -6.27 29.07
CA ASP A 124 -47.84 -5.79 29.99
C ASP A 124 -47.65 -6.81 31.11
N LEU A 125 -46.42 -6.85 31.64
CA LEU A 125 -46.04 -7.84 32.64
C LEU A 125 -46.00 -7.17 34.02
N PRO A 126 -46.63 -7.75 35.04
CA PRO A 126 -46.73 -7.04 36.32
C PRO A 126 -45.43 -7.04 37.12
N GLU A 127 -44.74 -8.17 37.20
CA GLU A 127 -43.54 -8.31 38.01
C GLU A 127 -43.85 -8.04 39.48
N SER A 128 -44.65 -8.94 40.07
CA SER A 128 -45.07 -8.80 41.45
C SER A 128 -44.03 -9.32 42.45
N ILE A 129 -42.78 -9.50 42.00
CA ILE A 129 -41.71 -9.81 42.95
C ILE A 129 -41.65 -8.72 44.02
N HIS A 130 -41.71 -7.46 43.58
CA HIS A 130 -41.99 -6.33 44.45
C HIS A 130 -43.24 -5.56 44.06
N HIS A 131 -43.74 -5.76 42.84
CA HIS A 131 -44.98 -5.13 42.38
C HIS A 131 -44.89 -3.61 42.40
N LYS A 132 -43.85 -3.09 41.73
CA LYS A 132 -43.66 -1.65 41.63
C LYS A 132 -43.40 -1.22 40.20
N SER A 133 -42.85 -2.12 39.39
CA SER A 133 -42.49 -1.81 38.01
C SER A 133 -43.27 -2.71 37.06
N SER A 134 -43.55 -2.17 35.87
CA SER A 134 -44.26 -2.90 34.83
C SER A 134 -43.50 -2.79 33.52
N CYS A 135 -43.37 -3.91 32.82
CA CYS A 135 -42.68 -3.97 31.54
C CYS A 135 -43.69 -4.27 30.44
N ASP A 136 -43.70 -3.44 29.40
CA ASP A 136 -44.60 -3.62 28.28
C ASP A 136 -43.87 -4.32 27.14
N ILE A 137 -44.33 -5.52 26.79
CA ILE A 137 -43.68 -6.37 25.80
C ILE A 137 -44.52 -6.39 24.54
N THR A 138 -43.88 -6.09 23.41
CA THR A 138 -44.52 -6.18 22.10
C THR A 138 -43.69 -7.08 21.21
N ILE A 139 -44.33 -8.13 20.67
CA ILE A 139 -43.65 -9.15 19.88
C ILE A 139 -44.21 -9.10 18.46
N ASN A 140 -43.34 -8.91 17.49
CA ASN A 140 -43.71 -9.02 16.08
C ASN A 140 -43.12 -10.30 15.51
N GLY A 141 -43.99 -11.18 15.03
CA GLY A 141 -43.57 -12.46 14.50
C GLY A 141 -44.04 -13.62 15.36
N SER A 142 -43.49 -14.79 15.03
CA SER A 142 -43.77 -16.01 15.80
C SER A 142 -42.48 -16.68 16.24
N CYS A 143 -41.35 -15.97 16.19
CA CYS A 143 -40.06 -16.54 16.55
C CYS A 143 -39.72 -16.32 18.03
N VAL A 144 -40.64 -16.67 18.91
CA VAL A 144 -40.45 -16.50 20.35
C VAL A 144 -41.26 -17.53 21.09
N THR A 145 -40.65 -18.16 22.08
CA THR A 145 -41.34 -19.10 22.98
C THR A 145 -41.20 -18.72 24.44
N CYS A 146 -40.03 -18.24 24.86
CA CYS A 146 -39.83 -17.79 26.23
C CYS A 146 -39.29 -16.37 26.22
N VAL A 147 -39.63 -15.59 27.25
CA VAL A 147 -39.06 -14.25 27.41
C VAL A 147 -38.89 -13.99 28.90
N ASN A 148 -37.63 -13.88 29.34
CA ASN A 148 -37.32 -13.59 30.73
C ASN A 148 -36.45 -12.35 30.79
N LEU A 149 -36.69 -11.50 31.79
CA LEU A 149 -35.98 -10.24 31.93
C LEU A 149 -35.65 -10.03 33.40
N GLU A 150 -34.35 -10.03 33.74
CA GLU A 150 -33.89 -9.80 35.09
C GLU A 150 -33.18 -8.45 35.14
N THR A 151 -33.81 -7.50 35.83
CA THR A 151 -33.25 -6.17 36.03
C THR A 151 -32.47 -6.16 37.34
N ASP A 152 -31.24 -5.66 37.29
CA ASP A 152 -30.33 -5.68 38.43
C ASP A 152 -30.01 -7.11 38.81
N PRO A 153 -29.38 -7.88 37.93
CA PRO A 153 -29.01 -9.25 38.27
C PRO A 153 -28.01 -9.29 39.42
N THR A 154 -28.13 -10.34 40.23
CA THR A 154 -27.23 -10.56 41.34
C THR A 154 -26.23 -11.69 41.08
N LYS A 155 -26.25 -12.28 39.89
CA LYS A 155 -25.33 -13.35 39.53
C LYS A 155 -24.01 -12.78 39.04
N ILE A 156 -23.17 -13.66 38.49
CA ILE A 156 -21.83 -13.26 38.08
C ILE A 156 -21.83 -12.75 36.64
N ASN A 157 -22.13 -11.46 36.48
CA ASN A 157 -22.03 -10.85 35.17
C ASN A 157 -20.63 -10.95 34.56
N PRO A 158 -19.54 -10.78 35.31
CA PRO A 158 -18.21 -10.77 34.67
C PRO A 158 -17.94 -12.10 33.97
N HIS A 159 -17.96 -12.04 32.64
CA HIS A 159 -17.68 -13.20 31.80
C HIS A 159 -16.24 -13.08 31.29
N TYR A 160 -15.47 -14.16 31.47
CA TYR A 160 -14.03 -14.08 31.26
C TYR A 160 -13.45 -12.96 32.11
N LEU A 161 -13.89 -12.91 33.36
CA LEU A 161 -13.64 -11.77 34.23
C LEU A 161 -12.15 -11.45 34.31
N HIS A 162 -11.77 -10.30 33.77
CA HIS A 162 -12.72 -9.42 33.09
C HIS A 162 -12.15 -9.02 31.73
N PRO A 163 -12.98 -8.36 30.91
CA PRO A 163 -12.46 -7.81 29.65
C PRO A 163 -11.19 -7.00 29.88
N LYS A 164 -10.47 -6.76 28.79
CA LYS A 164 -9.09 -6.25 28.90
C LYS A 164 -9.01 -5.03 29.80
N ASP A 165 -9.88 -4.04 29.61
CA ASP A 165 -9.77 -2.78 30.32
C ASP A 165 -11.02 -2.38 31.08
N LYS A 166 -12.19 -2.88 30.70
CA LYS A 166 -13.44 -2.43 31.28
C LYS A 166 -13.57 -2.89 32.74
N TYR A 167 -14.20 -2.06 33.55
CA TYR A 167 -14.52 -2.38 34.94
C TYR A 167 -16.02 -2.68 35.02
N LEU A 168 -16.37 -3.69 35.80
CA LEU A 168 -17.75 -4.15 35.90
C LEU A 168 -18.23 -4.16 37.34
N TYR A 169 -19.43 -3.66 37.55
CA TYR A 169 -20.09 -3.66 38.85
C TYR A 169 -21.46 -4.32 38.74
N ARG A 170 -21.99 -4.74 39.87
CA ARG A 170 -23.28 -5.42 39.88
C ARG A 170 -23.97 -5.17 41.21
N ASN A 171 -25.29 -5.09 41.17
CA ASN A 171 -26.07 -4.86 42.37
C ASN A 171 -25.93 -6.03 43.33
N SER A 172 -25.81 -5.72 44.62
CA SER A 172 -25.75 -6.72 45.68
C SER A 172 -26.90 -6.60 46.66
N GLU A 173 -27.91 -5.80 46.37
CA GLU A 173 -29.06 -5.62 47.23
C GLU A 173 -30.25 -6.36 46.64
N TYR A 174 -30.80 -7.32 47.39
CA TYR A 174 -31.88 -8.15 46.87
C TYR A 174 -33.13 -7.33 46.56
N GLY A 175 -33.34 -6.23 47.27
CA GLY A 175 -34.56 -5.46 47.11
C GLY A 175 -34.72 -4.78 45.76
N MET A 176 -33.65 -4.67 44.98
CA MET A 176 -33.72 -3.98 43.70
C MET A 176 -33.93 -4.90 42.50
N ARG A 177 -33.64 -6.19 42.64
CA ARG A 177 -33.77 -7.09 41.50
C ARG A 177 -35.23 -7.21 41.09
N GLY A 178 -35.45 -7.30 39.79
CA GLY A 178 -36.79 -7.48 39.27
C GLY A 178 -36.81 -8.56 38.21
N SER A 179 -37.89 -9.34 38.20
CA SER A 179 -38.03 -10.47 37.28
C SER A 179 -39.34 -10.33 36.52
N TYR A 180 -39.26 -10.29 35.19
CA TYR A 180 -40.41 -10.28 34.31
C TYR A 180 -40.36 -11.54 33.46
N GLY A 181 -41.50 -12.22 33.33
CA GLY A 181 -41.52 -13.45 32.55
C GLY A 181 -42.77 -13.67 31.74
N VAL A 182 -42.62 -14.23 30.55
CA VAL A 182 -43.76 -14.58 29.71
C VAL A 182 -43.39 -15.80 28.87
N THR A 183 -44.21 -16.85 28.96
CA THR A 183 -43.97 -18.09 28.25
C THR A 183 -45.23 -18.51 27.51
N PHE A 184 -45.03 -19.11 26.34
CA PHE A 184 -46.11 -19.61 25.51
C PHE A 184 -46.18 -21.13 25.49
N MET A 185 -45.07 -21.82 25.68
CA MET A 185 -45.04 -23.26 25.84
C MET A 185 -45.42 -23.62 27.27
N ASP A 186 -45.19 -24.89 27.63
CA ASP A 186 -45.57 -25.38 28.95
C ASP A 186 -44.38 -25.34 29.92
N GLU A 187 -44.54 -24.57 30.99
CA GLU A 187 -43.60 -24.56 32.13
C GLU A 187 -42.15 -24.47 31.68
N LEU A 188 -41.81 -23.32 31.10
CA LEU A 188 -40.44 -23.04 30.66
C LEU A 188 -39.70 -22.10 31.61
N ASN A 189 -39.97 -22.19 32.91
CA ASN A 189 -39.27 -21.34 33.86
C ASN A 189 -37.78 -21.67 33.88
N GLN A 190 -36.97 -20.64 34.12
CA GLN A 190 -35.51 -20.77 34.09
C GLN A 190 -35.06 -21.26 32.70
N CYS A 191 -35.32 -20.42 31.71
CA CYS A 191 -35.15 -20.82 30.32
C CYS A 191 -33.73 -21.29 30.02
N PHE A 192 -32.74 -20.81 30.78
CA PHE A 192 -31.39 -21.34 30.68
C PHE A 192 -30.52 -20.61 31.71
N LEU A 193 -29.29 -21.11 31.88
CA LEU A 193 -28.38 -20.62 32.91
C LEU A 193 -27.15 -19.98 32.28
N ASP A 194 -26.46 -19.16 33.06
CA ASP A 194 -25.40 -18.31 32.54
C ASP A 194 -24.16 -19.12 32.17
N ILE A 195 -23.55 -19.80 33.15
CA ILE A 195 -22.25 -20.43 32.96
C ILE A 195 -22.47 -21.71 32.16
N LYS A 196 -22.27 -21.62 30.85
CA LYS A 196 -22.43 -22.77 29.95
C LYS A 196 -21.49 -22.56 28.77
N GLU A 197 -21.73 -23.30 27.69
CA GLU A 197 -20.96 -23.12 26.47
C GLU A 197 -21.20 -21.74 25.86
N VAL A 198 -22.04 -20.94 26.52
CA VAL A 198 -22.28 -19.57 26.06
C VAL A 198 -20.95 -18.85 25.91
N SER A 199 -20.64 -18.45 24.68
CA SER A 199 -19.37 -17.77 24.40
C SER A 199 -19.39 -16.31 24.82
N TYR A 200 -20.50 -15.62 24.63
CA TYR A 200 -20.65 -14.23 25.03
C TYR A 200 -19.59 -13.33 24.39
N ASP A 201 -19.70 -13.20 23.07
CA ASP A 201 -18.91 -12.23 22.33
C ASP A 201 -19.48 -10.84 22.51
N ILE A 202 -18.59 -9.84 22.56
CA ILE A 202 -19.03 -8.46 22.75
C ILE A 202 -19.95 -8.06 21.61
N CYS A 203 -20.96 -7.25 21.93
CA CYS A 203 -22.02 -6.91 20.99
C CYS A 203 -21.75 -5.53 20.40
N TYR A 204 -20.99 -5.53 19.30
CA TYR A 204 -20.74 -4.34 18.50
C TYR A 204 -19.64 -4.61 17.47
N MET B 1 -35.30 -13.39 51.37
CA MET B 1 -35.76 -12.52 52.43
C MET B 1 -36.49 -13.31 53.52
N LEU B 2 -36.69 -14.60 53.27
CA LEU B 2 -37.37 -15.47 54.23
C LEU B 2 -36.40 -16.57 54.64
N LYS B 3 -36.03 -16.59 55.92
CA LYS B 3 -35.14 -17.61 56.47
C LYS B 3 -35.94 -18.53 57.38
N ILE B 4 -35.91 -19.82 57.08
CA ILE B 4 -36.62 -20.83 57.83
C ILE B 4 -35.61 -21.82 58.38
N GLN B 5 -35.72 -22.11 59.68
CA GLN B 5 -34.84 -23.05 60.36
C GLN B 5 -35.67 -24.21 60.88
N ALA B 6 -35.14 -25.42 60.74
CA ALA B 6 -35.81 -26.62 61.23
C ALA B 6 -34.81 -27.46 62.02
N TYR B 7 -35.33 -28.12 63.06
CA TYR B 7 -34.49 -28.99 63.87
C TYR B 7 -34.08 -30.22 63.05
N PHE B 8 -33.08 -30.95 63.56
CA PHE B 8 -32.57 -32.11 62.83
C PHE B 8 -33.71 -33.07 62.48
N ASN B 9 -33.86 -33.33 61.18
CA ASN B 9 -34.93 -34.20 60.69
C ASN B 9 -36.30 -33.72 61.19
N GLU B 10 -36.47 -32.40 61.19
CA GLU B 10 -37.74 -31.79 61.54
C GLU B 10 -38.62 -31.68 60.29
N THR B 11 -39.73 -30.95 60.41
CA THR B 11 -40.62 -30.70 59.30
C THR B 11 -40.32 -29.35 58.68
N ALA B 12 -40.50 -29.23 57.36
CA ALA B 12 -40.21 -28.02 56.63
C ALA B 12 -41.49 -27.43 56.05
N ASP B 13 -41.61 -26.10 56.12
CA ASP B 13 -42.75 -25.40 55.54
C ASP B 13 -42.25 -24.28 54.64
N LEU B 14 -42.80 -24.22 53.43
CA LEU B 14 -42.44 -23.20 52.46
C LEU B 14 -43.68 -22.36 52.15
N PRO B 15 -43.87 -21.21 52.80
CA PRO B 15 -44.90 -20.27 52.36
C PRO B 15 -44.31 -19.19 51.46
N CYS B 16 -45.13 -18.54 50.65
CA CYS B 16 -44.66 -17.42 49.85
C CYS B 16 -45.60 -16.22 49.85
N GLN B 17 -46.70 -16.27 50.60
CA GLN B 17 -47.48 -15.08 50.95
C GLN B 17 -47.90 -14.30 49.70
N PHE B 18 -48.75 -14.95 48.90
CA PHE B 18 -49.30 -14.31 47.71
C PHE B 18 -50.33 -13.27 48.14
N ALA B 19 -50.06 -12.00 47.82
CA ALA B 19 -50.97 -10.94 48.23
C ALA B 19 -52.33 -11.09 47.57
N ASN B 20 -52.35 -11.44 46.28
CA ASN B 20 -53.59 -11.66 45.54
C ASN B 20 -54.46 -10.40 45.56
N SER B 21 -53.85 -9.29 45.14
CA SER B 21 -54.58 -8.03 45.10
C SER B 21 -55.75 -8.08 44.13
N GLN B 22 -55.67 -8.90 43.09
CA GLN B 22 -56.72 -8.99 42.09
C GLN B 22 -57.85 -9.94 42.48
N ASN B 23 -57.74 -10.59 43.64
CA ASN B 23 -58.76 -11.53 44.10
C ASN B 23 -59.02 -12.61 43.05
N GLN B 24 -57.94 -13.16 42.53
CA GLN B 24 -58.00 -14.21 41.52
C GLN B 24 -58.29 -15.55 42.18
N SER B 25 -58.61 -16.54 41.36
CA SER B 25 -58.99 -17.87 41.83
C SER B 25 -57.97 -18.90 41.36
N LEU B 26 -57.89 -20.00 42.11
CA LEU B 26 -56.94 -21.05 41.78
C LEU B 26 -57.26 -21.75 40.46
N SER B 27 -58.45 -21.56 39.93
CA SER B 27 -58.82 -22.22 38.68
C SER B 27 -58.10 -21.66 37.47
N GLU B 28 -57.59 -20.44 37.55
CA GLU B 28 -56.91 -19.80 36.43
C GLU B 28 -55.43 -19.54 36.70
N LEU B 29 -54.83 -20.24 37.65
CA LEU B 29 -53.44 -20.01 38.01
C LEU B 29 -52.70 -21.34 38.11
N VAL B 30 -51.38 -21.28 37.92
CA VAL B 30 -50.50 -22.42 38.14
C VAL B 30 -49.41 -21.99 39.12
N VAL B 31 -48.96 -22.96 39.92
CA VAL B 31 -47.98 -22.71 40.96
C VAL B 31 -46.87 -23.76 40.88
N PHE B 32 -45.64 -23.29 41.00
CA PHE B 32 -44.47 -24.16 40.98
C PHE B 32 -43.58 -23.81 42.17
N TRP B 33 -43.04 -24.85 42.80
CA TRP B 33 -41.98 -24.70 43.78
C TRP B 33 -40.78 -25.48 43.28
N GLN B 34 -39.65 -24.80 43.11
CA GLN B 34 -38.47 -25.45 42.56
C GLN B 34 -37.27 -25.11 43.41
N ASP B 35 -36.30 -26.03 43.41
CA ASP B 35 -35.09 -25.90 44.22
C ASP B 35 -34.00 -25.20 43.39
N GLN B 36 -32.78 -25.19 43.92
CA GLN B 36 -31.67 -24.51 43.27
C GLN B 36 -31.12 -25.27 42.07
N GLU B 37 -31.50 -26.54 41.90
CA GLU B 37 -31.04 -27.33 40.76
C GLU B 37 -32.05 -27.36 39.63
N ASN B 38 -33.15 -26.62 39.74
CA ASN B 38 -34.21 -26.52 38.74
C ASN B 38 -35.15 -27.72 38.74
N LEU B 39 -35.01 -28.63 39.70
CA LEU B 39 -35.91 -29.77 39.80
C LEU B 39 -37.22 -29.35 40.44
N VAL B 40 -38.33 -29.78 39.84
CA VAL B 40 -39.65 -29.39 40.31
C VAL B 40 -40.01 -30.14 41.59
N LEU B 41 -40.85 -29.52 42.41
CA LEU B 41 -41.31 -30.11 43.65
C LEU B 41 -42.81 -30.38 43.66
N ASN B 42 -43.61 -29.52 43.04
CA ASN B 42 -45.05 -29.67 43.03
C ASN B 42 -45.65 -28.73 42.00
N GLU B 43 -46.89 -29.02 41.61
CA GLU B 43 -47.58 -28.20 40.63
C GLU B 43 -49.08 -28.29 40.86
N VAL B 44 -49.73 -27.14 40.92
CA VAL B 44 -51.17 -27.05 41.09
C VAL B 44 -51.71 -26.38 39.83
N TYR B 45 -52.09 -27.20 38.85
CA TYR B 45 -52.56 -26.69 37.57
C TYR B 45 -54.05 -26.37 37.69
N LEU B 46 -54.38 -25.08 37.65
CA LEU B 46 -55.76 -24.61 37.61
C LEU B 46 -56.61 -25.25 38.70
N GLY B 47 -56.03 -25.57 39.84
CA GLY B 47 -56.76 -26.08 40.98
C GLY B 47 -56.59 -27.56 41.23
N LYS B 48 -56.02 -28.31 40.30
CA LYS B 48 -55.80 -29.75 40.49
C LYS B 48 -54.31 -30.03 40.54
N GLU B 49 -53.90 -30.82 41.52
CA GLU B 49 -52.48 -31.17 41.64
C GLU B 49 -52.05 -32.02 40.46
N LYS B 50 -50.78 -31.92 40.08
CA LYS B 50 -50.21 -32.74 39.03
C LYS B 50 -48.86 -33.28 39.49
N PHE B 51 -48.52 -34.46 38.99
CA PHE B 51 -47.28 -35.15 39.35
C PHE B 51 -46.58 -35.64 38.08
N ASP B 52 -46.44 -34.75 37.11
CA ASP B 52 -45.93 -35.12 35.79
C ASP B 52 -44.42 -34.97 35.66
N SER B 53 -43.78 -34.11 36.44
CA SER B 53 -42.35 -33.88 36.30
C SER B 53 -41.57 -33.93 37.60
N VAL B 54 -42.22 -34.21 38.73
CA VAL B 54 -41.52 -34.24 40.00
C VAL B 54 -40.49 -35.36 40.01
N HIS B 55 -39.29 -35.06 40.49
CA HIS B 55 -38.27 -36.09 40.65
C HIS B 55 -38.70 -37.10 41.70
N SER B 56 -38.20 -38.33 41.55
CA SER B 56 -38.65 -39.43 42.41
C SER B 56 -38.43 -39.11 43.88
N LYS B 57 -37.28 -38.53 44.22
CA LYS B 57 -36.97 -38.26 45.62
C LYS B 57 -37.96 -37.28 46.23
N TYR B 58 -38.59 -36.46 45.42
CA TYR B 58 -39.55 -35.46 45.90
C TYR B 58 -40.99 -35.99 45.89
N MET B 59 -41.22 -37.20 45.41
CA MET B 59 -42.57 -37.72 45.29
C MET B 59 -43.16 -38.04 46.66
N GLY B 60 -44.41 -37.66 46.86
CA GLY B 60 -45.14 -38.03 48.06
C GLY B 60 -44.88 -37.14 49.26
N ARG B 61 -43.63 -36.70 49.43
CA ARG B 61 -43.28 -35.92 50.61
C ARG B 61 -43.89 -34.53 50.61
N THR B 62 -44.46 -34.08 49.50
CA THR B 62 -45.03 -32.75 49.38
C THR B 62 -46.51 -32.77 49.68
N SER B 63 -47.01 -31.67 50.22
CA SER B 63 -48.43 -31.50 50.48
C SER B 63 -48.78 -30.03 50.34
N PHE B 64 -49.87 -29.77 49.63
CA PHE B 64 -50.28 -28.41 49.30
C PHE B 64 -51.55 -28.05 50.07
N ASP B 65 -51.61 -26.79 50.52
CA ASP B 65 -52.73 -26.27 51.26
C ASP B 65 -53.38 -25.13 50.47
N SER B 66 -54.70 -25.03 50.56
CA SER B 66 -55.43 -24.04 49.78
C SER B 66 -55.35 -22.66 50.43
N ASP B 67 -55.88 -22.52 51.64
CA ASP B 67 -55.97 -21.20 52.26
C ASP B 67 -54.60 -20.64 52.63
N SER B 68 -53.71 -21.50 53.12
CA SER B 68 -52.41 -21.04 53.60
C SER B 68 -51.42 -20.76 52.48
N TRP B 69 -51.61 -21.35 51.29
CA TRP B 69 -50.67 -21.18 50.19
C TRP B 69 -49.26 -21.59 50.60
N THR B 70 -49.16 -22.66 51.39
CA THR B 70 -47.90 -23.13 51.92
C THR B 70 -47.71 -24.60 51.55
N LEU B 71 -46.49 -24.96 51.17
CA LEU B 71 -46.16 -26.34 50.85
C LEU B 71 -45.40 -26.97 52.01
N ARG B 72 -45.84 -28.15 52.43
CA ARG B 72 -45.26 -28.84 53.58
C ARG B 72 -44.37 -29.97 53.07
N LEU B 73 -43.06 -29.85 53.33
CA LEU B 73 -42.09 -30.87 52.96
C LEU B 73 -41.67 -31.65 54.21
N HIS B 74 -41.71 -32.97 54.10
CA HIS B 74 -41.41 -33.86 55.20
C HIS B 74 -40.15 -34.66 54.91
N ASN B 75 -39.66 -35.37 55.93
CA ASN B 75 -38.48 -36.22 55.82
C ASN B 75 -37.27 -35.41 55.34
N LEU B 76 -36.99 -34.33 56.06
CA LEU B 76 -35.83 -33.50 55.74
C LEU B 76 -34.55 -34.32 55.80
N GLN B 77 -33.48 -33.76 55.27
CA GLN B 77 -32.18 -34.43 55.23
C GLN B 77 -31.08 -33.39 55.33
N ILE B 78 -29.88 -33.86 55.66
CA ILE B 78 -28.74 -32.96 55.80
C ILE B 78 -28.43 -32.29 54.47
N LYS B 79 -28.69 -32.98 53.36
CA LYS B 79 -28.35 -32.47 52.03
C LYS B 79 -29.50 -31.75 51.35
N ASP B 80 -30.63 -31.54 52.04
CA ASP B 80 -31.78 -30.88 51.44
C ASP B 80 -31.78 -29.37 51.65
N LYS B 81 -30.77 -28.82 52.30
CA LYS B 81 -30.70 -27.37 52.48
C LYS B 81 -30.48 -26.69 51.14
N GLY B 82 -31.18 -25.59 50.92
CA GLY B 82 -31.07 -24.89 49.66
C GLY B 82 -32.16 -23.85 49.52
N LEU B 83 -32.28 -23.32 48.30
CA LEU B 83 -33.21 -22.26 47.99
C LEU B 83 -34.38 -22.79 47.17
N TYR B 84 -35.58 -22.36 47.54
CA TYR B 84 -36.81 -22.77 46.89
C TYR B 84 -37.60 -21.54 46.47
N GLN B 85 -38.28 -21.66 45.34
CA GLN B 85 -38.95 -20.54 44.70
C GLN B 85 -40.43 -20.80 44.56
N CYS B 86 -41.23 -19.74 44.69
CA CYS B 86 -42.69 -19.81 44.56
C CYS B 86 -43.09 -19.04 43.31
N ILE B 87 -43.15 -19.75 42.19
CA ILE B 87 -43.46 -19.14 40.91
C ILE B 87 -44.95 -19.31 40.65
N ILE B 88 -45.65 -18.20 40.43
CA ILE B 88 -47.08 -18.21 40.12
C ILE B 88 -47.26 -17.69 38.70
N HIS B 89 -47.98 -18.44 37.89
CA HIS B 89 -48.25 -18.08 36.50
C HIS B 89 -49.74 -17.94 36.27
N HIS B 90 -50.12 -16.98 35.43
CA HIS B 90 -51.51 -16.76 35.03
C HIS B 90 -51.69 -17.31 33.63
N LYS B 91 -52.62 -18.26 33.48
CA LYS B 91 -52.81 -18.97 32.22
C LYS B 91 -53.86 -18.24 31.38
N LYS B 92 -53.44 -17.18 30.72
CA LYS B 92 -54.31 -16.50 29.77
C LYS B 92 -54.39 -17.27 28.46
N PRO B 93 -55.43 -17.04 27.67
CA PRO B 93 -55.52 -17.75 26.38
C PRO B 93 -54.33 -17.50 25.48
N THR B 94 -53.74 -16.30 25.52
CA THR B 94 -52.59 -16.00 24.70
C THR B 94 -51.33 -16.68 25.23
N GLY B 95 -50.99 -16.44 26.48
CA GLY B 95 -49.82 -17.05 27.08
C GLY B 95 -49.86 -16.93 28.58
N MET B 96 -48.83 -17.47 29.22
CA MET B 96 -48.69 -17.43 30.67
C MET B 96 -47.69 -16.36 31.06
N ILE B 97 -48.08 -15.46 31.95
CA ILE B 97 -47.24 -14.35 32.39
C ILE B 97 -47.04 -14.47 33.89
N ARG B 98 -45.79 -14.37 34.32
CA ARG B 98 -45.43 -14.58 35.72
C ARG B 98 -45.94 -13.40 36.55
N ILE B 99 -46.68 -13.70 37.62
CA ILE B 99 -47.31 -12.67 38.43
C ILE B 99 -46.90 -12.74 39.89
N HIS B 100 -45.99 -13.64 40.26
CA HIS B 100 -45.46 -13.62 41.62
C HIS B 100 -44.32 -14.61 41.75
N GLN B 101 -43.36 -14.27 42.61
CA GLN B 101 -42.16 -15.06 42.83
C GLN B 101 -41.61 -14.71 44.20
N MET B 102 -41.14 -15.73 44.93
CA MET B 102 -40.64 -15.52 46.29
C MET B 102 -39.57 -16.58 46.58
N ASN B 103 -38.41 -16.13 47.03
CA ASN B 103 -37.31 -17.03 47.37
C ASN B 103 -37.33 -17.35 48.85
N SER B 104 -36.88 -18.56 49.21
CA SER B 104 -36.77 -18.95 50.60
C SER B 104 -35.66 -19.98 50.74
N GLU B 105 -34.71 -19.72 51.63
CA GLU B 105 -33.59 -20.61 51.86
C GLU B 105 -33.78 -21.35 53.17
N LEU B 106 -33.62 -22.67 53.15
CA LEU B 106 -33.80 -23.50 54.33
C LEU B 106 -32.56 -24.35 54.59
N SER B 107 -32.24 -24.51 55.87
CA SER B 107 -31.11 -25.32 56.31
C SER B 107 -31.54 -26.15 57.51
N VAL B 108 -30.81 -27.22 57.77
CA VAL B 108 -31.13 -28.16 58.83
C VAL B 108 -30.02 -28.13 59.89
N LEU B 109 -30.22 -28.88 60.96
CA LEU B 109 -29.25 -28.92 62.05
C LEU B 109 -27.88 -29.34 61.52
N ALA B 110 -26.85 -28.63 61.98
CA ALA B 110 -25.49 -28.88 61.53
C ALA B 110 -24.69 -29.66 62.54
N THR C 9 -45.63 -14.78 10.08
CA THR C 9 -45.84 -15.65 8.92
C THR C 9 -46.14 -14.84 7.67
N ILE C 10 -46.85 -13.73 7.86
CA ILE C 10 -47.30 -12.94 6.72
C ILE C 10 -46.13 -12.33 5.96
N CYS C 11 -45.16 -11.81 6.67
CA CYS C 11 -44.14 -11.01 6.00
C CYS C 11 -42.87 -11.81 5.76
N PRO C 12 -42.25 -11.68 4.59
CA PRO C 12 -40.87 -12.13 4.43
C PRO C 12 -39.90 -11.06 4.93
N PRO C 13 -38.73 -11.48 5.45
CA PRO C 13 -37.84 -10.49 6.10
C PRO C 13 -37.41 -9.34 5.20
N ARG C 14 -37.14 -9.60 3.92
CA ARG C 14 -36.62 -8.58 3.00
C ARG C 14 -35.29 -8.02 3.50
N GLN C 15 -34.32 -8.92 3.64
CA GLN C 15 -33.01 -8.60 4.20
C GLN C 15 -31.98 -8.47 3.08
N ASP C 16 -30.71 -8.36 3.48
CA ASP C 16 -29.61 -8.36 2.52
C ASP C 16 -29.24 -9.78 2.12
N TYR C 17 -28.79 -10.58 3.08
CA TYR C 17 -28.43 -11.97 2.85
C TYR C 17 -29.11 -12.84 3.89
N ARG C 18 -29.39 -14.09 3.52
CA ARG C 18 -30.13 -15.00 4.37
C ARG C 18 -29.26 -16.18 4.78
N TYR C 19 -29.29 -16.51 6.07
CA TYR C 19 -28.70 -17.75 6.55
C TYR C 19 -29.62 -18.94 6.32
N TRP C 20 -30.90 -18.70 6.05
CA TRP C 20 -31.89 -19.75 5.86
C TRP C 20 -32.15 -19.95 4.37
N TYR C 21 -32.18 -21.20 3.94
CA TYR C 21 -32.36 -21.57 2.53
C TYR C 21 -33.57 -22.48 2.37
N PHE C 22 -33.80 -22.92 1.14
CA PHE C 22 -34.86 -23.85 0.77
C PHE C 22 -34.39 -24.60 -0.48
N ALA C 23 -35.32 -25.05 -1.32
CA ALA C 23 -34.93 -25.84 -2.48
C ALA C 23 -35.87 -25.62 -3.66
N ALA C 24 -35.30 -25.68 -4.87
CA ALA C 24 -36.01 -25.89 -6.13
C ALA C 24 -34.97 -26.02 -7.24
N GLU C 25 -35.04 -27.10 -8.02
CA GLU C 25 -33.92 -27.45 -8.90
C GLU C 25 -34.37 -27.52 -10.35
N LEU C 26 -33.38 -27.48 -11.25
CA LEU C 26 -33.65 -27.68 -12.67
C LEU C 26 -32.36 -28.08 -13.37
N THR C 27 -32.52 -28.64 -14.56
CA THR C 27 -31.40 -29.10 -15.37
C THR C 27 -31.67 -28.78 -16.84
N ILE C 28 -30.63 -28.31 -17.52
CA ILE C 28 -30.68 -27.97 -18.94
C ILE C 28 -29.63 -28.78 -19.67
N GLY C 29 -30.07 -29.53 -20.67
CA GLY C 29 -29.16 -30.30 -21.50
C GLY C 29 -28.88 -29.59 -22.80
N VAL C 30 -27.67 -29.06 -22.93
CA VAL C 30 -27.25 -28.23 -24.06
C VAL C 30 -26.33 -29.03 -24.96
N ASN C 31 -26.27 -28.63 -26.23
CA ASN C 31 -25.54 -29.40 -27.22
C ASN C 31 -24.07 -29.02 -27.30
N TYR C 32 -23.73 -27.74 -27.20
CA TYR C 32 -22.34 -27.35 -27.26
C TYR C 32 -21.60 -27.88 -26.03
N ASP C 33 -20.29 -27.64 -25.98
CA ASP C 33 -19.40 -28.34 -25.06
C ASP C 33 -19.14 -27.51 -23.81
N ILE C 34 -19.32 -28.13 -22.65
CA ILE C 34 -18.90 -27.57 -21.36
C ILE C 34 -18.06 -28.63 -20.67
N ASN C 35 -16.84 -28.27 -20.27
CA ASN C 35 -15.92 -29.25 -19.70
C ASN C 35 -16.18 -29.49 -18.21
N SER C 36 -16.06 -28.46 -17.39
CA SER C 36 -16.17 -28.62 -15.95
C SER C 36 -16.49 -27.27 -15.32
N THR C 37 -16.74 -27.29 -14.02
CA THR C 37 -17.08 -26.08 -13.30
C THR C 37 -15.89 -25.14 -13.22
N ILE C 38 -16.17 -23.83 -13.20
CA ILE C 38 -15.15 -22.80 -13.24
C ILE C 38 -14.98 -22.08 -11.90
N MET C 39 -15.88 -22.27 -10.96
CA MET C 39 -15.75 -21.69 -9.62
C MET C 39 -15.69 -20.16 -9.70
N GLY C 40 -16.82 -19.58 -10.07
CA GLY C 40 -16.94 -18.13 -10.14
C GLY C 40 -17.52 -17.66 -11.47
N GLU C 41 -17.97 -18.62 -12.28
CA GLU C 41 -18.47 -18.29 -13.61
C GLU C 41 -19.85 -17.64 -13.54
N CYS C 42 -20.72 -18.14 -12.68
CA CYS C 42 -22.09 -17.65 -12.65
C CYS C 42 -22.16 -16.22 -12.11
N HIS C 43 -23.25 -15.54 -12.44
CA HIS C 43 -23.60 -14.26 -11.83
C HIS C 43 -25.12 -14.13 -11.85
N MET C 44 -25.72 -13.89 -10.69
CA MET C 44 -27.16 -13.92 -10.56
C MET C 44 -27.69 -12.63 -9.95
N SER C 45 -28.93 -12.30 -10.31
CA SER C 45 -29.64 -11.16 -9.75
C SER C 45 -31.05 -11.59 -9.38
N GLU C 46 -31.60 -10.94 -8.36
CA GLU C 46 -32.88 -11.32 -7.78
C GLU C 46 -33.76 -10.10 -7.60
N SER C 47 -35.07 -10.32 -7.63
CA SER C 47 -36.02 -9.23 -7.48
C SER C 47 -37.33 -9.77 -6.91
N TYR C 48 -38.00 -8.94 -6.12
CA TYR C 48 -39.31 -9.27 -5.58
C TYR C 48 -40.30 -8.11 -5.63
N ILE C 49 -39.85 -6.89 -5.90
CA ILE C 49 -40.67 -5.70 -5.67
C ILE C 49 -42.03 -5.81 -6.36
N ASP C 50 -42.17 -6.71 -7.32
CA ASP C 50 -43.38 -6.82 -8.12
C ASP C 50 -44.45 -7.69 -7.46
N ARG C 51 -44.12 -8.34 -6.33
CA ARG C 51 -44.99 -9.33 -5.71
C ARG C 51 -44.86 -10.68 -6.43
N ASN C 52 -44.01 -10.73 -7.45
CA ASN C 52 -43.66 -11.96 -8.15
C ASN C 52 -42.16 -12.15 -8.06
N ALA C 53 -41.73 -13.31 -7.54
CA ALA C 53 -40.31 -13.54 -7.34
C ALA C 53 -39.63 -13.77 -8.68
N ASN C 54 -38.46 -13.18 -8.88
CA ASN C 54 -37.76 -13.29 -10.15
C ASN C 54 -36.27 -13.45 -9.90
N ILE C 55 -35.65 -14.36 -10.64
CA ILE C 55 -34.22 -14.60 -10.55
C ILE C 55 -33.66 -14.78 -11.96
N VAL C 56 -32.65 -13.99 -12.30
CA VAL C 56 -32.01 -14.06 -13.61
C VAL C 56 -30.53 -14.32 -13.37
N LEU C 57 -30.06 -15.47 -13.84
CA LEU C 57 -28.67 -15.86 -13.63
C LEU C 57 -28.03 -16.18 -14.96
N THR C 58 -26.88 -15.58 -15.21
CA THR C 58 -26.08 -15.82 -16.41
C THR C 58 -24.90 -16.70 -16.04
N GLY C 59 -24.75 -17.81 -16.76
CA GLY C 59 -23.73 -18.78 -16.44
C GLY C 59 -22.78 -19.08 -17.57
N TYR C 60 -22.61 -20.37 -17.86
CA TYR C 60 -21.55 -20.79 -18.77
C TYR C 60 -21.81 -20.33 -20.20
N GLY C 61 -23.01 -20.60 -20.72
CA GLY C 61 -23.31 -20.17 -22.06
C GLY C 61 -24.76 -19.77 -22.29
N LEU C 62 -25.54 -19.72 -21.22
CA LEU C 62 -26.95 -19.37 -21.33
C LEU C 62 -27.38 -18.57 -20.11
N GLU C 63 -28.39 -17.73 -20.31
CA GLU C 63 -28.97 -16.93 -19.25
C GLU C 63 -30.37 -17.46 -18.95
N ILE C 64 -30.63 -17.74 -17.68
CA ILE C 64 -31.89 -18.34 -17.24
C ILE C 64 -32.64 -17.32 -16.41
N ASN C 65 -33.91 -17.10 -16.75
CA ASN C 65 -34.75 -16.08 -16.13
C ASN C 65 -36.04 -16.74 -15.66
N MET C 66 -36.19 -16.89 -14.34
CA MET C 66 -37.30 -17.62 -13.74
C MET C 66 -38.15 -16.69 -12.91
N THR C 67 -39.47 -16.89 -12.97
CA THR C 67 -40.42 -16.06 -12.25
C THR C 67 -41.50 -16.94 -11.62
N ILE C 68 -41.75 -16.71 -10.35
CA ILE C 68 -42.84 -17.35 -9.60
C ILE C 68 -43.89 -16.31 -9.31
N MET C 69 -45.14 -16.63 -9.63
CA MET C 69 -46.26 -15.71 -9.48
C MET C 69 -46.99 -16.01 -8.18
N ASP C 70 -47.25 -14.98 -7.38
CA ASP C 70 -47.93 -15.12 -6.09
C ASP C 70 -47.16 -16.09 -5.19
N THR C 71 -45.92 -15.69 -4.87
CA THR C 71 -44.94 -16.60 -4.30
C THR C 71 -44.72 -16.45 -2.81
N ASP C 72 -44.58 -15.23 -2.29
CA ASP C 72 -44.16 -15.03 -0.91
C ASP C 72 -42.76 -15.59 -0.66
N GLN C 73 -41.94 -15.64 -1.72
CA GLN C 73 -40.57 -16.09 -1.62
C GLN C 73 -39.68 -15.20 -2.47
N ARG C 74 -38.45 -15.03 -2.03
CA ARG C 74 -37.44 -14.31 -2.79
C ARG C 74 -36.20 -15.17 -2.87
N PHE C 75 -35.68 -15.34 -4.08
CA PHE C 75 -34.58 -16.28 -4.30
C PHE C 75 -33.35 -15.82 -3.53
N VAL C 76 -33.03 -16.53 -2.44
CA VAL C 76 -31.91 -16.13 -1.60
C VAL C 76 -30.59 -16.39 -2.29
N ALA C 77 -30.43 -17.57 -2.89
CA ALA C 77 -29.15 -17.95 -3.47
C ALA C 77 -29.37 -19.00 -4.55
N ALA C 78 -28.29 -19.38 -5.22
CA ALA C 78 -28.35 -20.37 -6.28
C ALA C 78 -26.97 -20.99 -6.45
N ALA C 79 -26.96 -22.15 -7.10
CA ALA C 79 -25.73 -22.89 -7.38
C ALA C 79 -25.84 -23.51 -8.76
N GLU C 80 -24.71 -23.60 -9.44
CA GLU C 80 -24.69 -24.14 -10.81
C GLU C 80 -23.55 -25.15 -10.93
N GLY C 81 -23.81 -26.20 -11.71
CA GLY C 81 -22.81 -27.23 -11.92
C GLY C 81 -22.96 -27.86 -13.28
N VAL C 82 -21.88 -28.51 -13.72
CA VAL C 82 -21.83 -29.17 -15.02
C VAL C 82 -21.50 -30.64 -14.80
N GLY C 83 -22.23 -31.52 -15.48
CA GLY C 83 -22.03 -32.95 -15.33
C GLY C 83 -21.58 -33.62 -16.61
N LYS C 84 -21.98 -34.87 -16.80
CA LYS C 84 -21.61 -35.61 -18.00
C LYS C 84 -22.59 -35.31 -19.13
N ASP C 85 -22.06 -35.31 -20.35
CA ASP C 85 -22.87 -35.10 -21.56
C ASP C 85 -23.42 -33.68 -21.63
N ASN C 86 -22.67 -32.73 -21.06
CA ASN C 86 -22.99 -31.30 -21.16
C ASN C 86 -24.38 -30.99 -20.60
N LYS C 87 -24.52 -31.24 -19.31
CA LYS C 87 -25.73 -30.93 -18.57
C LYS C 87 -25.42 -29.86 -17.53
N LEU C 88 -26.24 -28.82 -17.50
CA LEU C 88 -26.06 -27.70 -16.57
C LEU C 88 -27.19 -27.76 -15.55
N SER C 89 -26.85 -28.07 -14.30
CA SER C 89 -27.82 -28.15 -13.22
C SER C 89 -27.78 -26.89 -12.39
N VAL C 90 -28.96 -26.31 -12.13
CA VAL C 90 -29.08 -25.11 -11.34
C VAL C 90 -30.00 -25.41 -10.16
N LEU C 91 -29.50 -25.19 -8.95
CA LEU C 91 -30.28 -25.26 -7.73
C LEU C 91 -30.58 -23.85 -7.24
N LEU C 92 -31.80 -23.64 -6.74
CA LEU C 92 -32.24 -22.32 -6.30
C LEU C 92 -32.78 -22.44 -4.87
N PHE C 93 -32.26 -21.59 -3.99
CA PHE C 93 -32.64 -21.57 -2.59
C PHE C 93 -33.41 -20.28 -2.31
N THR C 94 -34.64 -20.43 -1.86
CA THR C 94 -35.52 -19.32 -1.51
C THR C 94 -35.63 -19.19 0.00
N THR C 95 -36.27 -18.10 0.44
CA THR C 95 -36.33 -17.77 1.86
C THR C 95 -37.05 -18.82 2.68
N GLN C 96 -38.35 -18.96 2.45
CA GLN C 96 -39.13 -19.90 3.27
C GLN C 96 -40.54 -19.99 2.70
N ARG C 97 -41.19 -21.12 2.96
CA ARG C 97 -42.52 -21.39 2.44
C ARG C 97 -43.56 -21.06 3.50
N LEU C 98 -44.58 -20.29 3.12
CA LEU C 98 -45.63 -19.90 4.04
C LEU C 98 -46.95 -20.61 3.76
N ASP C 99 -47.20 -21.01 2.51
CA ASP C 99 -48.45 -21.66 2.15
C ASP C 99 -48.21 -22.64 1.03
N LYS C 100 -49.15 -23.57 0.86
CA LYS C 100 -49.07 -24.60 -0.18
C LYS C 100 -50.19 -24.35 -1.20
N VAL C 101 -49.83 -23.71 -2.30
CA VAL C 101 -50.80 -23.36 -3.33
C VAL C 101 -50.34 -23.70 -4.75
N HIS C 102 -49.17 -24.30 -4.92
CA HIS C 102 -48.70 -24.72 -6.25
C HIS C 102 -48.60 -23.54 -7.21
N HIS C 103 -47.66 -22.65 -6.90
CA HIS C 103 -47.45 -21.46 -7.71
C HIS C 103 -47.11 -21.84 -9.14
N ASN C 104 -47.48 -20.97 -10.07
CA ASN C 104 -47.07 -21.10 -11.46
C ASN C 104 -45.63 -20.67 -11.63
N ILE C 105 -45.05 -20.96 -12.79
CA ILE C 105 -43.66 -20.63 -13.07
C ILE C 105 -43.50 -20.25 -14.53
N SER C 106 -42.63 -19.26 -14.76
CA SER C 106 -42.26 -18.85 -16.11
C SER C 106 -40.75 -18.90 -16.23
N VAL C 107 -40.23 -19.65 -17.20
CA VAL C 107 -38.80 -19.82 -17.37
C VAL C 107 -38.43 -19.46 -18.80
N THR C 108 -37.41 -18.61 -18.95
CA THR C 108 -36.90 -18.22 -20.24
C THR C 108 -35.40 -18.45 -20.29
N ILE C 109 -34.94 -19.19 -21.29
CA ILE C 109 -33.54 -19.57 -21.45
C ILE C 109 -33.03 -18.95 -22.74
N THR C 110 -32.01 -18.11 -22.65
CA THR C 110 -31.47 -17.41 -23.80
C THR C 110 -30.03 -17.87 -24.03
N CYS C 111 -29.73 -18.27 -25.27
CA CYS C 111 -28.38 -18.70 -25.64
C CYS C 111 -27.55 -17.48 -25.97
N MET C 112 -26.59 -17.17 -25.10
CA MET C 112 -25.73 -16.01 -25.29
C MET C 112 -24.33 -16.36 -25.77
N GLU C 113 -24.09 -17.61 -26.20
CA GLU C 113 -22.76 -17.99 -26.65
C GLU C 113 -22.83 -19.25 -27.50
N MET C 114 -22.33 -19.14 -28.72
CA MET C 114 -22.10 -20.27 -29.61
C MET C 114 -23.35 -20.82 -30.27
N ASN C 115 -24.54 -20.39 -29.84
CA ASN C 115 -25.73 -20.78 -30.58
C ASN C 115 -26.84 -19.72 -30.56
N CYS C 116 -26.47 -18.44 -30.52
CA CYS C 116 -27.48 -17.40 -30.41
C CYS C 116 -28.52 -17.54 -31.52
N GLY C 117 -29.65 -16.89 -31.33
CA GLY C 117 -30.72 -16.96 -32.29
C GLY C 117 -31.97 -16.30 -31.75
N THR C 118 -33.08 -16.55 -32.44
CA THR C 118 -34.37 -16.00 -32.04
C THR C 118 -35.20 -17.08 -31.34
N THR C 119 -36.46 -16.74 -31.04
CA THR C 119 -37.32 -17.65 -30.30
C THR C 119 -37.58 -18.93 -31.09
N LYS C 120 -37.46 -20.07 -30.41
CA LYS C 120 -37.71 -21.36 -31.02
C LYS C 120 -38.75 -22.19 -30.27
N TYR C 121 -39.20 -21.73 -29.11
CA TYR C 121 -40.19 -22.47 -28.33
C TYR C 121 -40.92 -21.49 -27.42
N ASP C 122 -42.26 -21.53 -27.46
CA ASP C 122 -43.05 -20.64 -26.62
C ASP C 122 -44.27 -21.33 -26.00
N SER C 123 -44.25 -22.66 -25.91
CA SER C 123 -45.40 -23.41 -25.42
C SER C 123 -45.36 -23.46 -23.89
N ASP C 124 -46.35 -24.14 -23.29
CA ASP C 124 -46.44 -24.29 -21.85
C ASP C 124 -46.42 -25.77 -21.49
N LEU C 125 -45.97 -26.06 -20.28
CA LEU C 125 -45.80 -27.42 -19.81
C LEU C 125 -46.87 -27.74 -18.77
N PRO C 126 -47.65 -28.82 -18.95
CA PRO C 126 -48.78 -29.05 -18.05
C PRO C 126 -48.38 -29.49 -16.65
N GLU C 127 -47.46 -30.45 -16.53
CA GLU C 127 -47.09 -31.02 -15.24
C GLU C 127 -48.30 -31.64 -14.54
N SER C 128 -48.81 -32.71 -15.13
CA SER C 128 -49.99 -33.40 -14.62
C SER C 128 -49.64 -34.40 -13.52
N ILE C 129 -48.48 -34.28 -12.89
CA ILE C 129 -48.18 -35.10 -11.72
C ILE C 129 -49.26 -34.90 -10.67
N HIS C 130 -49.64 -33.64 -10.43
CA HIS C 130 -50.86 -33.30 -9.74
C HIS C 130 -51.83 -32.50 -10.60
N HIS C 131 -51.35 -31.91 -11.71
CA HIS C 131 -52.21 -31.19 -12.65
C HIS C 131 -52.87 -29.99 -11.98
N LYS C 132 -52.05 -29.13 -11.37
CA LYS C 132 -52.56 -27.92 -10.74
C LYS C 132 -51.73 -26.70 -11.12
N SER C 133 -50.48 -26.93 -11.54
CA SER C 133 -49.56 -25.85 -11.88
C SER C 133 -49.13 -25.97 -13.33
N SER C 134 -48.85 -24.82 -13.94
CA SER C 134 -48.40 -24.77 -15.33
C SER C 134 -47.17 -23.86 -15.42
N CYS C 135 -46.14 -24.35 -16.10
CA CYS C 135 -44.91 -23.61 -16.31
C CYS C 135 -44.76 -23.27 -17.78
N ASP C 136 -44.55 -22.00 -18.08
CA ASP C 136 -44.40 -21.55 -19.46
C ASP C 136 -42.92 -21.34 -19.78
N ILE C 137 -42.45 -22.02 -20.81
CA ILE C 137 -41.03 -22.04 -21.17
C ILE C 137 -40.85 -21.31 -22.49
N THR C 138 -39.91 -20.37 -22.51
CA THR C 138 -39.54 -19.66 -23.73
C THR C 138 -38.03 -19.82 -23.94
N ILE C 139 -37.64 -20.38 -25.07
CA ILE C 139 -36.25 -20.68 -25.38
C ILE C 139 -35.83 -19.85 -26.57
N ASN C 140 -34.79 -19.06 -26.42
CA ASN C 140 -34.17 -18.34 -27.52
C ASN C 140 -32.82 -18.98 -27.84
N GLY C 141 -32.68 -19.43 -29.08
CA GLY C 141 -31.47 -20.11 -29.52
C GLY C 141 -31.71 -21.57 -29.82
N SER C 142 -30.61 -22.25 -30.15
CA SER C 142 -30.64 -23.68 -30.43
C SER C 142 -29.74 -24.46 -29.47
N CYS C 143 -29.33 -23.84 -28.37
CA CYS C 143 -28.41 -24.47 -27.42
C CYS C 143 -29.15 -25.16 -26.28
N VAL C 144 -30.14 -26.00 -26.60
CA VAL C 144 -30.89 -26.73 -25.59
C VAL C 144 -31.38 -28.04 -26.18
N THR C 145 -31.24 -29.11 -25.41
CA THR C 145 -31.75 -30.42 -25.78
C THR C 145 -32.71 -31.00 -24.76
N CYS C 146 -32.43 -30.83 -23.46
CA CYS C 146 -33.32 -31.29 -22.40
C CYS C 146 -33.65 -30.11 -21.49
N VAL C 147 -34.85 -30.13 -20.93
CA VAL C 147 -35.23 -29.15 -19.91
C VAL C 147 -36.06 -29.87 -18.85
N ASN C 148 -35.53 -29.94 -17.63
CA ASN C 148 -36.26 -30.55 -16.52
C ASN C 148 -36.29 -29.57 -15.37
N LEU C 149 -37.42 -29.51 -14.67
CA LEU C 149 -37.61 -28.58 -13.56
C LEU C 149 -38.35 -29.29 -12.44
N GLU C 150 -37.71 -29.41 -11.29
CA GLU C 150 -38.29 -30.07 -10.13
C GLU C 150 -38.55 -29.03 -9.05
N THR C 151 -39.81 -28.77 -8.79
CA THR C 151 -40.23 -27.81 -7.77
C THR C 151 -40.52 -28.56 -6.47
N ASP C 152 -39.99 -28.05 -5.36
CA ASP C 152 -40.09 -28.72 -4.07
C ASP C 152 -39.40 -30.07 -4.14
N PRO C 153 -38.08 -30.11 -4.35
CA PRO C 153 -37.39 -31.40 -4.43
C PRO C 153 -37.43 -32.14 -3.10
N THR C 154 -37.39 -33.47 -3.21
CA THR C 154 -37.32 -34.34 -2.05
C THR C 154 -35.96 -34.99 -1.87
N LYS C 155 -35.05 -34.82 -2.82
CA LYS C 155 -33.72 -35.40 -2.74
C LYS C 155 -32.83 -34.55 -1.83
N ILE C 156 -31.54 -34.89 -1.80
CA ILE C 156 -30.62 -34.26 -0.87
C ILE C 156 -30.02 -33.00 -1.48
N ASN C 157 -30.74 -31.88 -1.37
CA ASN C 157 -30.17 -30.61 -1.78
C ASN C 157 -28.87 -30.27 -1.07
N PRO C 158 -28.72 -30.51 0.23
CA PRO C 158 -27.46 -30.13 0.91
C PRO C 158 -26.25 -30.77 0.23
N HIS C 159 -25.46 -29.93 -0.42
CA HIS C 159 -24.24 -30.35 -1.09
C HIS C 159 -23.05 -29.94 -0.24
N TYR C 160 -22.15 -30.88 0.01
CA TYR C 160 -21.10 -30.68 1.01
C TYR C 160 -21.72 -30.27 2.33
N LEU C 161 -22.78 -30.99 2.70
CA LEU C 161 -23.64 -30.58 3.81
C LEU C 161 -22.83 -30.34 5.07
N HIS C 162 -22.79 -29.09 5.51
CA HIS C 162 -23.42 -27.99 4.76
C HIS C 162 -22.44 -26.83 4.60
N PRO C 163 -22.81 -25.85 3.79
CA PRO C 163 -21.97 -24.66 3.67
C PRO C 163 -21.62 -24.09 5.04
N LYS C 164 -20.62 -23.21 5.07
CA LYS C 164 -20.00 -22.83 6.33
C LYS C 164 -21.02 -22.38 7.37
N ASP C 165 -21.94 -21.50 6.99
CA ASP C 165 -22.85 -20.91 7.97
C ASP C 165 -24.33 -21.09 7.63
N LYS C 166 -24.66 -21.27 6.36
CA LYS C 166 -26.05 -21.30 5.95
C LYS C 166 -26.77 -22.53 6.49
N TYR C 167 -28.08 -22.39 6.69
CA TYR C 167 -28.95 -23.49 7.09
C TYR C 167 -29.87 -23.83 5.93
N LEU C 168 -30.04 -25.11 5.64
CA LEU C 168 -30.77 -25.58 4.47
C LEU C 168 -31.91 -26.49 4.88
N TYR C 169 -33.10 -26.19 4.39
CA TYR C 169 -34.29 -26.99 4.62
C TYR C 169 -34.82 -27.50 3.29
N ARG C 170 -35.64 -28.54 3.34
CA ARG C 170 -36.17 -29.12 2.12
C ARG C 170 -37.53 -29.75 2.40
N ASN C 171 -38.40 -29.69 1.40
CA ASN C 171 -39.72 -30.28 1.54
C ASN C 171 -39.62 -31.79 1.72
N SER C 172 -40.44 -32.32 2.61
CA SER C 172 -40.53 -33.76 2.83
C SER C 172 -41.91 -34.32 2.54
N GLU C 173 -42.81 -33.51 1.98
CA GLU C 173 -44.17 -33.95 1.66
C GLU C 173 -44.27 -34.21 0.17
N TYR C 174 -44.61 -35.45 -0.19
CA TYR C 174 -44.63 -35.84 -1.59
C TYR C 174 -45.66 -35.05 -2.40
N GLY C 175 -46.74 -34.61 -1.76
CA GLY C 175 -47.82 -33.97 -2.48
C GLY C 175 -47.50 -32.61 -3.06
N MET C 176 -46.44 -31.95 -2.57
CA MET C 176 -46.11 -30.61 -3.03
C MET C 176 -45.07 -30.59 -4.14
N ARG C 177 -44.48 -31.73 -4.50
CA ARG C 177 -43.46 -31.75 -5.53
C ARG C 177 -44.10 -31.66 -6.91
N GLY C 178 -43.38 -31.05 -7.84
CA GLY C 178 -43.84 -30.95 -9.21
C GLY C 178 -42.69 -31.15 -10.17
N SER C 179 -43.01 -31.76 -11.32
CA SER C 179 -42.00 -32.07 -12.33
C SER C 179 -42.47 -31.55 -13.68
N TYR C 180 -41.66 -30.68 -14.30
CA TYR C 180 -41.91 -30.16 -15.63
C TYR C 180 -40.79 -30.65 -16.54
N GLY C 181 -41.15 -31.12 -17.73
CA GLY C 181 -40.14 -31.64 -18.64
C GLY C 181 -40.42 -31.38 -20.10
N VAL C 182 -39.36 -31.14 -20.87
CA VAL C 182 -39.47 -30.96 -22.32
C VAL C 182 -38.19 -31.45 -22.96
N THR C 183 -38.32 -32.36 -23.93
CA THR C 183 -37.17 -32.94 -24.60
C THR C 183 -37.37 -32.85 -26.11
N PHE C 184 -36.26 -32.63 -26.82
CA PHE C 184 -36.25 -32.57 -28.28
C PHE C 184 -35.62 -33.79 -28.91
N MET C 185 -34.65 -34.41 -28.25
CA MET C 185 -34.05 -35.65 -28.72
C MET C 185 -34.95 -36.84 -28.35
N ASP C 186 -34.38 -38.04 -28.45
CA ASP C 186 -35.14 -39.26 -28.18
C ASP C 186 -34.97 -39.72 -26.74
N GLU C 187 -36.07 -39.72 -25.98
CA GLU C 187 -36.15 -40.32 -24.65
C GLU C 187 -34.95 -39.94 -23.78
N LEU C 188 -34.88 -38.66 -23.44
CA LEU C 188 -33.86 -38.14 -22.55
C LEU C 188 -34.36 -37.94 -21.12
N ASN C 189 -35.28 -38.79 -20.67
CA ASN C 189 -35.78 -38.68 -19.31
C ASN C 189 -34.65 -38.91 -18.30
N GLN C 190 -34.73 -38.20 -17.17
CA GLN C 190 -33.69 -38.24 -16.15
C GLN C 190 -32.35 -37.78 -16.73
N CYS C 191 -32.32 -36.49 -17.09
CA CYS C 191 -31.19 -35.95 -17.84
C CYS C 191 -29.88 -36.15 -17.09
N PHE C 192 -29.92 -36.22 -15.76
CA PHE C 192 -28.76 -36.60 -14.97
C PHE C 192 -29.15 -36.60 -13.50
N LEU C 193 -28.22 -37.06 -12.66
CA LEU C 193 -28.48 -37.25 -11.24
C LEU C 193 -27.55 -36.37 -10.40
N ASP C 194 -28.01 -36.03 -9.19
CA ASP C 194 -27.34 -35.02 -8.39
C ASP C 194 -25.93 -35.46 -8.01
N ILE C 195 -25.79 -36.54 -7.25
CA ILE C 195 -24.52 -36.90 -6.64
C ILE C 195 -23.63 -37.48 -7.73
N LYS C 196 -22.74 -36.65 -8.26
CA LYS C 196 -21.79 -37.05 -9.29
C LYS C 196 -20.55 -36.16 -9.16
N GLU C 197 -19.74 -36.12 -10.21
CA GLU C 197 -18.58 -35.24 -10.23
C GLU C 197 -19.01 -33.78 -10.21
N VAL C 198 -20.33 -33.54 -10.16
CA VAL C 198 -20.84 -32.18 -10.06
C VAL C 198 -20.17 -31.47 -8.89
N SER C 199 -19.50 -30.36 -9.17
CA SER C 199 -18.79 -29.63 -8.15
C SER C 199 -19.69 -28.69 -7.36
N TYR C 200 -20.60 -27.99 -8.03
CA TYR C 200 -21.58 -27.13 -7.39
C TYR C 200 -20.93 -26.01 -6.58
N ASP C 201 -20.30 -25.09 -7.31
CA ASP C 201 -19.81 -23.85 -6.71
C ASP C 201 -20.95 -22.87 -6.50
N ILE C 202 -20.89 -22.11 -5.41
CA ILE C 202 -21.95 -21.15 -5.11
C ILE C 202 -22.07 -20.16 -6.27
N CYS C 203 -23.30 -19.76 -6.57
CA CYS C 203 -23.59 -18.96 -7.75
C CYS C 203 -23.68 -17.48 -7.35
N TYR C 204 -22.53 -16.83 -7.37
CA TYR C 204 -22.44 -15.38 -7.19
C TYR C 204 -20.98 -14.97 -7.04
N MET D 1 -47.09 -42.79 -3.69
CA MET D 1 -48.48 -42.69 -3.28
C MET D 1 -49.23 -43.99 -3.51
N LEU D 2 -48.63 -44.89 -4.28
CA LEU D 2 -49.23 -46.19 -4.58
C LEU D 2 -48.27 -47.27 -4.11
N LYS D 3 -48.68 -48.02 -3.08
CA LYS D 3 -47.90 -49.12 -2.54
C LYS D 3 -48.53 -50.44 -2.97
N ILE D 4 -47.71 -51.29 -3.58
CA ILE D 4 -48.15 -52.59 -4.10
C ILE D 4 -47.41 -53.68 -3.38
N GLN D 5 -48.14 -54.65 -2.85
CA GLN D 5 -47.57 -55.81 -2.18
C GLN D 5 -48.05 -57.07 -2.88
N ALA D 6 -47.15 -58.04 -3.04
CA ALA D 6 -47.48 -59.30 -3.70
C ALA D 6 -46.88 -60.44 -2.90
N TYR D 7 -47.52 -61.60 -3.00
CA TYR D 7 -47.01 -62.79 -2.32
C TYR D 7 -45.70 -63.23 -2.97
N PHE D 8 -44.97 -64.10 -2.29
CA PHE D 8 -43.65 -64.52 -2.74
C PHE D 8 -43.74 -65.07 -4.16
N ASN D 9 -42.91 -64.51 -5.05
CA ASN D 9 -42.87 -64.92 -6.45
C ASN D 9 -44.27 -64.86 -7.07
N GLU D 10 -45.02 -63.83 -6.71
CA GLU D 10 -46.33 -63.59 -7.28
C GLU D 10 -46.20 -62.75 -8.55
N THR D 11 -47.34 -62.36 -9.11
CA THR D 11 -47.39 -61.49 -10.27
C THR D 11 -47.46 -60.04 -9.81
N ALA D 12 -46.78 -59.16 -10.54
CA ALA D 12 -46.72 -57.74 -10.20
C ALA D 12 -47.45 -56.92 -11.25
N ASP D 13 -48.19 -55.92 -10.78
CA ASP D 13 -48.93 -55.01 -11.67
C ASP D 13 -48.55 -53.58 -11.35
N LEU D 14 -48.20 -52.82 -12.39
CA LEU D 14 -47.85 -51.41 -12.25
C LEU D 14 -48.85 -50.58 -13.07
N PRO D 15 -49.89 -50.05 -12.45
CA PRO D 15 -50.73 -49.06 -13.15
C PRO D 15 -50.29 -47.64 -12.81
N CYS D 16 -50.74 -46.64 -13.56
CA CYS D 16 -50.47 -45.26 -13.19
C CYS D 16 -51.66 -44.32 -13.42
N GLN D 17 -52.81 -44.84 -13.83
CA GLN D 17 -54.08 -44.11 -13.76
C GLN D 17 -53.99 -42.76 -14.46
N PHE D 18 -53.78 -42.81 -15.78
CA PHE D 18 -53.76 -41.61 -16.58
C PHE D 18 -55.18 -41.07 -16.71
N ALA D 19 -55.41 -39.87 -16.16
CA ALA D 19 -56.75 -39.29 -16.20
C ALA D 19 -57.21 -39.05 -17.63
N ASN D 20 -56.33 -38.53 -18.48
CA ASN D 20 -56.63 -38.29 -19.89
C ASN D 20 -57.83 -37.33 -20.03
N SER D 21 -57.65 -36.14 -19.47
CA SER D 21 -58.71 -35.13 -19.55
C SER D 21 -58.96 -34.69 -20.99
N GLN D 22 -57.92 -34.70 -21.83
CA GLN D 22 -58.06 -34.26 -23.21
C GLN D 22 -58.58 -35.35 -24.14
N ASN D 23 -58.79 -36.56 -23.65
CA ASN D 23 -59.27 -37.67 -24.47
C ASN D 23 -58.35 -37.90 -25.66
N GLN D 24 -57.06 -38.03 -25.36
CA GLN D 24 -56.04 -38.23 -26.38
C GLN D 24 -55.97 -39.71 -26.77
N SER D 25 -55.19 -40.00 -27.80
CA SER D 25 -55.05 -41.35 -28.33
C SER D 25 -53.61 -41.81 -28.22
N LEU D 26 -53.43 -43.14 -28.18
CA LEU D 26 -52.10 -43.71 -28.04
C LEU D 26 -51.23 -43.46 -29.26
N SER D 27 -51.82 -43.08 -30.40
CA SER D 27 -51.04 -42.85 -31.59
C SER D 27 -50.16 -41.61 -31.49
N GLU D 28 -50.41 -40.73 -30.52
CA GLU D 28 -49.63 -39.51 -30.35
C GLU D 28 -48.92 -39.45 -29.00
N LEU D 29 -48.87 -40.56 -28.26
CA LEU D 29 -48.28 -40.57 -26.93
C LEU D 29 -47.29 -41.71 -26.81
N VAL D 30 -46.24 -41.49 -26.01
CA VAL D 30 -45.26 -42.52 -25.71
C VAL D 30 -45.26 -42.73 -24.20
N VAL D 31 -45.09 -43.98 -23.80
CA VAL D 31 -45.14 -44.36 -22.39
C VAL D 31 -43.89 -45.14 -22.03
N PHE D 32 -43.29 -44.77 -20.90
CA PHE D 32 -42.10 -45.44 -20.39
C PHE D 32 -42.33 -45.83 -18.94
N TRP D 33 -41.81 -47.00 -18.57
CA TRP D 33 -41.74 -47.43 -17.19
C TRP D 33 -40.27 -47.69 -16.87
N GLN D 34 -39.77 -47.06 -15.82
CA GLN D 34 -38.36 -47.21 -15.48
C GLN D 34 -38.22 -47.40 -13.98
N ASP D 35 -37.14 -48.07 -13.60
CA ASP D 35 -36.88 -48.42 -12.21
C ASP D 35 -35.99 -47.36 -11.57
N GLN D 36 -35.53 -47.64 -10.34
CA GLN D 36 -34.73 -46.69 -9.59
C GLN D 36 -33.30 -46.58 -10.11
N GLU D 37 -32.88 -47.45 -11.01
CA GLU D 37 -31.54 -47.39 -11.58
C GLU D 37 -31.52 -46.78 -12.98
N ASN D 38 -32.67 -46.33 -13.48
CA ASN D 38 -32.81 -45.69 -14.79
C ASN D 38 -32.84 -46.67 -15.94
N LEU D 39 -32.93 -47.98 -15.66
CA LEU D 39 -33.06 -48.96 -16.72
C LEU D 39 -34.50 -49.08 -17.17
N VAL D 40 -34.71 -49.06 -18.48
CA VAL D 40 -36.05 -49.06 -19.05
C VAL D 40 -36.68 -50.43 -18.88
N LEU D 41 -38.02 -50.45 -18.89
CA LEU D 41 -38.80 -51.68 -18.79
C LEU D 41 -39.67 -51.95 -20.00
N ASN D 42 -40.21 -50.90 -20.62
CA ASN D 42 -41.07 -51.06 -21.78
C ASN D 42 -41.39 -49.70 -22.35
N GLU D 43 -41.67 -49.68 -23.65
CA GLU D 43 -41.99 -48.44 -24.35
C GLU D 43 -43.08 -48.70 -25.37
N VAL D 44 -44.07 -47.83 -25.42
CA VAL D 44 -45.17 -47.91 -26.36
C VAL D 44 -45.12 -46.65 -27.21
N TYR D 45 -44.55 -46.76 -28.40
CA TYR D 45 -44.35 -45.62 -29.29
C TYR D 45 -45.55 -45.49 -30.22
N LEU D 46 -46.34 -44.43 -30.04
CA LEU D 46 -47.42 -44.07 -30.94
C LEU D 46 -48.31 -45.26 -31.31
N GLY D 47 -48.44 -46.23 -30.41
CA GLY D 47 -49.36 -47.34 -30.60
C GLY D 47 -48.72 -48.69 -30.80
N LYS D 48 -47.41 -48.77 -30.98
CA LYS D 48 -46.72 -50.04 -31.17
C LYS D 48 -45.63 -50.22 -30.13
N GLU D 49 -45.50 -51.44 -29.61
CA GLU D 49 -44.47 -51.71 -28.62
C GLU D 49 -43.09 -51.60 -29.25
N LYS D 50 -42.11 -51.17 -28.47
CA LYS D 50 -40.72 -51.13 -28.91
C LYS D 50 -39.82 -51.77 -27.85
N PHE D 51 -38.80 -52.49 -28.31
CA PHE D 51 -37.87 -53.20 -27.45
C PHE D 51 -36.44 -52.82 -27.80
N ASP D 52 -36.19 -51.51 -27.92
CA ASP D 52 -34.91 -51.02 -28.40
C ASP D 52 -33.88 -50.80 -27.30
N SER D 53 -34.30 -50.61 -26.05
CA SER D 53 -33.36 -50.33 -24.98
C SER D 53 -33.60 -51.14 -23.71
N VAL D 54 -34.55 -52.07 -23.71
CA VAL D 54 -34.83 -52.84 -22.51
C VAL D 54 -33.65 -53.72 -22.17
N HIS D 55 -33.28 -53.75 -20.88
CA HIS D 55 -32.23 -54.64 -20.43
C HIS D 55 -32.66 -56.09 -20.59
N SER D 56 -31.67 -56.97 -20.77
CA SER D 56 -31.97 -58.37 -21.07
C SER D 56 -32.84 -59.00 -19.99
N LYS D 57 -32.54 -58.74 -18.73
CA LYS D 57 -33.30 -59.36 -17.65
C LYS D 57 -34.76 -58.91 -17.68
N TYR D 58 -35.04 -57.73 -18.23
CA TYR D 58 -36.39 -57.21 -18.31
C TYR D 58 -37.11 -57.62 -19.59
N MET D 59 -36.46 -58.34 -20.48
CA MET D 59 -37.07 -58.73 -21.74
C MET D 59 -38.07 -59.86 -21.53
N GLY D 60 -39.23 -59.72 -22.17
CA GLY D 60 -40.24 -60.78 -22.15
C GLY D 60 -41.16 -60.76 -20.95
N ARG D 61 -40.61 -60.44 -19.77
CA ARG D 61 -41.40 -60.48 -18.55
C ARG D 61 -42.46 -59.38 -18.49
N THR D 62 -42.40 -58.40 -19.38
CA THR D 62 -43.33 -57.28 -19.38
C THR D 62 -44.46 -57.52 -20.39
N SER D 63 -45.64 -57.00 -20.04
CA SER D 63 -46.79 -57.07 -20.93
C SER D 63 -47.61 -55.81 -20.74
N PHE D 64 -48.08 -55.25 -21.85
CA PHE D 64 -48.80 -53.99 -21.86
C PHE D 64 -50.25 -54.22 -22.26
N ASP D 65 -51.14 -53.42 -21.68
CA ASP D 65 -52.57 -53.52 -21.93
C ASP D 65 -53.08 -52.19 -22.46
N SER D 66 -54.14 -52.27 -23.28
CA SER D 66 -54.68 -51.06 -23.91
C SER D 66 -55.62 -50.31 -22.96
N ASP D 67 -56.71 -50.95 -22.55
CA ASP D 67 -57.72 -50.24 -21.78
C ASP D 67 -57.27 -49.99 -20.34
N SER D 68 -56.57 -50.94 -19.74
CA SER D 68 -56.19 -50.83 -18.34
C SER D 68 -55.03 -49.86 -18.10
N TRP D 69 -54.18 -49.65 -19.09
CA TRP D 69 -53.00 -48.80 -18.91
C TRP D 69 -52.11 -49.30 -17.78
N THR D 70 -52.03 -50.62 -17.65
CA THR D 70 -51.26 -51.26 -16.59
C THR D 70 -50.25 -52.21 -17.19
N LEU D 71 -49.03 -52.18 -16.66
CA LEU D 71 -47.97 -53.09 -17.10
C LEU D 71 -47.91 -54.29 -16.15
N ARG D 72 -47.96 -55.48 -16.71
CA ARG D 72 -47.98 -56.71 -15.93
C ARG D 72 -46.61 -57.36 -16.00
N LEU D 73 -45.86 -57.28 -14.90
CA LEU D 73 -44.54 -57.87 -14.80
C LEU D 73 -44.64 -59.21 -14.09
N HIS D 74 -44.04 -60.23 -14.70
CA HIS D 74 -44.07 -61.60 -14.20
C HIS D 74 -42.68 -62.02 -13.73
N ASN D 75 -42.64 -63.11 -12.97
CA ASN D 75 -41.39 -63.65 -12.44
C ASN D 75 -40.72 -62.63 -11.51
N LEU D 76 -41.44 -62.26 -10.46
CA LEU D 76 -40.87 -61.39 -9.44
C LEU D 76 -39.68 -62.07 -8.77
N GLN D 77 -38.86 -61.28 -8.09
CA GLN D 77 -37.68 -61.79 -7.42
C GLN D 77 -37.46 -61.00 -6.14
N ILE D 78 -36.59 -61.55 -5.28
CA ILE D 78 -36.32 -60.89 -4.00
C ILE D 78 -35.66 -59.54 -4.22
N LYS D 79 -34.82 -59.43 -5.25
CA LYS D 79 -34.06 -58.21 -5.50
C LYS D 79 -34.76 -57.23 -6.42
N ASP D 80 -36.00 -57.51 -6.83
CA ASP D 80 -36.72 -56.63 -7.74
C ASP D 80 -37.52 -55.54 -7.03
N LYS D 81 -37.49 -55.48 -5.71
CA LYS D 81 -38.19 -54.44 -4.99
C LYS D 81 -37.57 -53.07 -5.31
N GLY D 82 -38.43 -52.08 -5.53
CA GLY D 82 -37.94 -50.77 -5.88
C GLY D 82 -39.08 -49.89 -6.37
N LEU D 83 -38.70 -48.74 -6.92
CA LEU D 83 -39.63 -47.73 -7.39
C LEU D 83 -39.68 -47.69 -8.91
N TYR D 84 -40.90 -47.64 -9.44
CA TYR D 84 -41.14 -47.61 -10.87
C TYR D 84 -41.93 -46.35 -11.22
N GLN D 85 -41.62 -45.80 -12.40
CA GLN D 85 -42.19 -44.54 -12.83
C GLN D 85 -42.95 -44.70 -14.13
N CYS D 86 -44.10 -44.04 -14.23
CA CYS D 86 -44.95 -44.08 -15.41
C CYS D 86 -44.88 -42.72 -16.09
N ILE D 87 -43.95 -42.60 -17.04
CA ILE D 87 -43.69 -41.32 -17.70
C ILE D 87 -44.40 -41.33 -19.05
N ILE D 88 -45.29 -40.36 -19.26
CA ILE D 88 -46.02 -40.23 -20.51
C ILE D 88 -45.57 -38.95 -21.20
N HIS D 89 -45.20 -39.07 -22.48
CA HIS D 89 -44.76 -37.96 -23.29
C HIS D 89 -45.71 -37.77 -24.47
N HIS D 90 -45.91 -36.51 -24.84
CA HIS D 90 -46.73 -36.15 -26.00
C HIS D 90 -45.78 -35.73 -27.12
N LYS D 91 -45.83 -36.45 -28.24
CA LYS D 91 -44.91 -36.24 -29.35
C LYS D 91 -45.48 -35.20 -30.30
N LYS D 92 -45.29 -33.93 -29.96
CA LYS D 92 -45.62 -32.86 -30.86
C LYS D 92 -44.56 -32.73 -31.96
N PRO D 93 -44.89 -32.08 -33.06
CA PRO D 93 -43.89 -31.90 -34.13
C PRO D 93 -42.64 -31.18 -33.64
N THR D 94 -42.78 -30.25 -32.69
CA THR D 94 -41.61 -29.51 -32.20
C THR D 94 -40.81 -30.33 -31.21
N GLY D 95 -41.43 -30.72 -30.09
CA GLY D 95 -40.74 -31.51 -29.08
C GLY D 95 -41.73 -32.30 -28.25
N MET D 96 -41.19 -33.11 -27.36
CA MET D 96 -41.99 -33.93 -26.47
C MET D 96 -42.11 -33.25 -25.11
N ILE D 97 -43.35 -33.14 -24.62
CA ILE D 97 -43.63 -32.50 -23.34
C ILE D 97 -44.24 -33.54 -22.41
N ARG D 98 -43.72 -33.63 -21.20
CA ARG D 98 -44.17 -34.62 -20.23
C ARG D 98 -45.55 -34.23 -19.72
N ILE D 99 -46.51 -35.14 -19.84
CA ILE D 99 -47.90 -34.84 -19.51
C ILE D 99 -48.44 -35.71 -18.39
N HIS D 100 -47.67 -36.66 -17.89
CA HIS D 100 -48.14 -37.45 -16.76
C HIS D 100 -47.01 -38.30 -16.19
N GLN D 101 -47.05 -38.49 -14.87
CA GLN D 101 -46.05 -39.24 -14.14
C GLN D 101 -46.70 -39.83 -12.90
N MET D 102 -46.29 -41.04 -12.53
CA MET D 102 -46.86 -41.72 -11.37
C MET D 102 -45.82 -42.67 -10.81
N ASN D 103 -45.57 -42.59 -9.50
CA ASN D 103 -44.61 -43.47 -8.85
C ASN D 103 -45.32 -44.67 -8.24
N SER D 104 -44.59 -45.78 -8.13
CA SER D 104 -45.12 -46.96 -7.47
C SER D 104 -43.96 -47.78 -6.90
N GLU D 105 -44.02 -48.06 -5.61
CA GLU D 105 -42.98 -48.83 -4.93
C GLU D 105 -43.49 -50.24 -4.66
N LEU D 106 -42.69 -51.24 -5.03
CA LEU D 106 -43.06 -52.64 -4.88
C LEU D 106 -42.01 -53.38 -4.06
N SER D 107 -42.49 -54.25 -3.17
CA SER D 107 -41.66 -55.11 -2.35
C SER D 107 -42.24 -56.52 -2.35
N VAL D 108 -41.40 -57.50 -2.07
CA VAL D 108 -41.77 -58.91 -2.13
C VAL D 108 -41.69 -59.50 -0.73
N LEU D 109 -42.09 -60.77 -0.61
CA LEU D 109 -42.10 -61.45 0.67
C LEU D 109 -40.71 -61.42 1.31
N ALA D 110 -40.68 -61.09 2.60
CA ALA D 110 -39.42 -60.97 3.32
C ALA D 110 -39.09 -62.24 4.09
N THR E 9 -28.99 -19.17 -34.30
CA THR E 9 -28.16 -19.24 -35.49
C THR E 9 -28.04 -17.87 -36.17
N ILE E 10 -29.13 -17.10 -36.12
CA ILE E 10 -29.16 -15.82 -36.82
C ILE E 10 -28.23 -14.82 -36.15
N CYS E 11 -28.15 -14.85 -34.82
CA CYS E 11 -27.49 -13.77 -34.12
C CYS E 11 -26.13 -14.21 -33.60
N PRO E 12 -25.10 -13.38 -33.71
CA PRO E 12 -23.88 -13.59 -32.93
C PRO E 12 -24.05 -13.02 -31.53
N PRO E 13 -23.43 -13.64 -30.52
CA PRO E 13 -23.70 -13.22 -29.13
C PRO E 13 -23.43 -11.76 -28.84
N ARG E 14 -22.37 -11.18 -29.43
CA ARG E 14 -21.99 -9.79 -29.18
C ARG E 14 -21.68 -9.57 -27.70
N GLN E 15 -20.73 -10.35 -27.20
CA GLN E 15 -20.35 -10.37 -25.79
C GLN E 15 -19.09 -9.55 -25.56
N ASP E 16 -18.52 -9.66 -24.36
CA ASP E 16 -17.23 -9.06 -24.06
C ASP E 16 -16.09 -9.94 -24.55
N TYR E 17 -15.97 -11.15 -24.00
CA TYR E 17 -14.93 -12.10 -24.39
C TYR E 17 -15.57 -13.45 -24.61
N ARG E 18 -14.92 -14.26 -25.44
CA ARG E 18 -15.48 -15.55 -25.84
C ARG E 18 -14.56 -16.69 -25.41
N TYR E 19 -15.17 -17.80 -25.01
CA TYR E 19 -14.44 -19.05 -24.79
C TYR E 19 -14.34 -19.88 -26.07
N TRP E 20 -15.22 -19.65 -27.04
CA TRP E 20 -15.26 -20.41 -28.27
C TRP E 20 -14.53 -19.65 -29.37
N TYR E 21 -13.70 -20.37 -30.13
CA TYR E 21 -12.84 -19.80 -31.15
C TYR E 21 -13.11 -20.46 -32.52
N PHE E 22 -12.31 -20.05 -33.49
CA PHE E 22 -12.35 -20.58 -34.86
C PHE E 22 -10.95 -20.42 -35.44
N ALA E 23 -10.83 -20.30 -36.76
CA ALA E 23 -9.51 -20.21 -37.36
C ALA E 23 -9.52 -19.36 -38.63
N ALA E 24 -8.40 -18.67 -38.87
CA ALA E 24 -8.03 -18.12 -40.17
C ALA E 24 -6.66 -17.47 -40.04
N GLU E 25 -5.72 -17.81 -40.93
CA GLU E 25 -4.32 -17.47 -40.69
C GLU E 25 -3.73 -16.69 -41.86
N LEU E 26 -2.60 -16.05 -41.59
CA LEU E 26 -1.86 -15.36 -42.63
C LEU E 26 -0.40 -15.25 -42.22
N THR E 27 0.46 -15.02 -43.21
CA THR E 27 1.90 -14.91 -42.99
C THR E 27 2.45 -13.79 -43.86
N ILE E 28 3.31 -12.97 -43.26
CA ILE E 28 3.92 -11.82 -43.92
C ILE E 28 5.43 -11.98 -43.84
N GLY E 29 6.08 -12.04 -45.00
CA GLY E 29 7.52 -12.11 -45.06
C GLY E 29 8.13 -10.75 -45.29
N VAL E 30 8.75 -10.21 -44.24
CA VAL E 30 9.26 -8.85 -44.23
C VAL E 30 10.78 -8.89 -44.33
N ASN E 31 11.36 -7.83 -44.89
CA ASN E 31 12.78 -7.82 -45.19
C ASN E 31 13.65 -7.45 -44.00
N TYR E 32 13.24 -6.47 -43.20
CA TYR E 32 14.04 -6.10 -42.04
C TYR E 32 14.00 -7.22 -41.01
N ASP E 33 14.71 -7.02 -39.91
CA ASP E 33 15.09 -8.11 -39.00
C ASP E 33 14.16 -8.14 -37.79
N ILE E 34 13.67 -9.34 -37.46
CA ILE E 34 12.97 -9.62 -36.21
C ILE E 34 13.58 -10.87 -35.61
N ASN E 35 13.99 -10.79 -34.35
CA ASN E 35 14.70 -11.91 -33.72
C ASN E 35 13.74 -12.98 -33.21
N SER E 36 12.89 -12.64 -32.25
CA SER E 36 12.04 -13.62 -31.60
C SER E 36 10.84 -12.92 -30.99
N THR E 37 9.90 -13.72 -30.49
CA THR E 37 8.69 -13.18 -29.88
C THR E 37 9.02 -12.42 -28.60
N ILE E 38 8.20 -11.42 -28.30
CA ILE E 38 8.42 -10.54 -27.16
C ILE E 38 7.41 -10.73 -26.05
N MET E 39 6.36 -11.55 -26.27
CA MET E 39 5.40 -11.87 -25.23
C MET E 39 4.73 -10.60 -24.68
N GLY E 40 3.92 -9.99 -25.55
CA GLY E 40 3.17 -8.81 -25.18
C GLY E 40 3.36 -7.67 -26.15
N GLU E 41 3.98 -7.96 -27.28
CA GLU E 41 4.27 -6.91 -28.26
C GLU E 41 3.02 -6.49 -29.01
N CYS E 42 2.15 -7.43 -29.35
CA CYS E 42 0.98 -7.11 -30.15
C CYS E 42 -0.03 -6.28 -29.35
N HIS E 43 -0.91 -5.61 -30.08
CA HIS E 43 -2.09 -4.98 -29.51
C HIS E 43 -3.17 -4.94 -30.58
N MET E 44 -4.36 -5.42 -30.27
CA MET E 44 -5.41 -5.58 -31.27
C MET E 44 -6.65 -4.78 -30.90
N SER E 45 -7.43 -4.45 -31.94
CA SER E 45 -8.72 -3.82 -31.79
C SER E 45 -9.70 -4.48 -32.76
N GLU E 46 -10.94 -4.65 -32.31
CA GLU E 46 -11.96 -5.38 -33.05
C GLU E 46 -13.21 -4.53 -33.17
N SER E 47 -13.93 -4.71 -34.28
CA SER E 47 -15.15 -3.95 -34.52
C SER E 47 -16.08 -4.76 -35.40
N TYR E 48 -17.38 -4.60 -35.16
CA TYR E 48 -18.40 -5.22 -35.99
C TYR E 48 -19.58 -4.30 -36.30
N ILE E 49 -19.68 -3.13 -35.67
CA ILE E 49 -20.91 -2.35 -35.70
C ILE E 49 -21.38 -2.09 -37.13
N ASP E 50 -20.50 -2.21 -38.11
CA ASP E 50 -20.84 -1.85 -39.48
C ASP E 50 -21.47 -3.00 -40.25
N ARG E 51 -21.59 -4.19 -39.64
CA ARG E 51 -22.01 -5.39 -40.34
C ARG E 51 -20.84 -6.00 -41.10
N ASN E 52 -19.66 -5.41 -40.96
CA ASN E 52 -18.44 -5.92 -41.54
C ASN E 52 -17.40 -6.10 -40.43
N ALA E 53 -16.83 -7.30 -40.33
CA ALA E 53 -15.92 -7.59 -39.24
C ALA E 53 -14.55 -7.00 -39.52
N ASN E 54 -14.03 -6.21 -38.60
CA ASN E 54 -12.76 -5.53 -38.83
C ASN E 54 -11.85 -5.75 -37.64
N ILE E 55 -10.62 -6.17 -37.92
CA ILE E 55 -9.61 -6.37 -36.89
C ILE E 55 -8.34 -5.64 -37.30
N VAL E 56 -7.86 -4.76 -36.43
CA VAL E 56 -6.65 -3.99 -36.67
C VAL E 56 -5.68 -4.31 -35.54
N LEU E 57 -4.57 -4.94 -35.88
CA LEU E 57 -3.58 -5.36 -34.90
C LEU E 57 -2.23 -4.75 -35.24
N THR E 58 -1.64 -4.06 -34.27
CA THR E 58 -0.33 -3.47 -34.39
C THR E 58 0.66 -4.36 -33.66
N GLY E 59 1.70 -4.80 -34.37
CA GLY E 59 2.62 -5.77 -33.81
C GLY E 59 4.07 -5.35 -33.80
N TYR E 60 4.93 -6.20 -34.34
CA TYR E 60 6.37 -6.01 -34.19
C TYR E 60 6.86 -4.79 -34.98
N GLY E 61 6.48 -4.71 -36.25
CA GLY E 61 6.92 -3.59 -37.05
C GLY E 61 5.91 -3.09 -38.05
N LEU E 62 4.70 -3.62 -38.01
CA LEU E 62 3.67 -3.26 -38.97
C LEU E 62 2.29 -3.38 -38.34
N GLU E 63 1.34 -2.69 -38.93
CA GLU E 63 -0.06 -2.75 -38.52
C GLU E 63 -0.87 -3.42 -39.62
N ILE E 64 -1.66 -4.43 -39.24
CA ILE E 64 -2.46 -5.21 -40.17
C ILE E 64 -3.92 -4.91 -39.92
N ASN E 65 -4.65 -4.56 -40.97
CA ASN E 65 -6.05 -4.15 -40.89
C ASN E 65 -6.84 -5.03 -41.84
N MET E 66 -7.60 -5.98 -41.29
CA MET E 66 -8.33 -6.95 -42.09
C MET E 66 -9.83 -6.75 -41.91
N THR E 67 -10.56 -6.79 -43.02
CA THR E 67 -12.00 -6.59 -43.01
C THR E 67 -12.68 -7.69 -43.82
N ILE E 68 -13.66 -8.34 -43.20
CA ILE E 68 -14.52 -9.32 -43.84
C ILE E 68 -15.88 -8.67 -44.08
N MET E 69 -16.35 -8.74 -45.32
CA MET E 69 -17.60 -8.13 -45.74
C MET E 69 -18.72 -9.17 -45.69
N ASP E 70 -19.83 -8.82 -45.06
CA ASP E 70 -20.98 -9.72 -44.92
C ASP E 70 -20.56 -11.01 -44.20
N THR E 71 -20.16 -10.85 -42.95
CA THR E 71 -19.44 -11.89 -42.24
C THR E 71 -20.29 -12.70 -41.26
N ASP E 72 -21.07 -12.06 -40.41
CA ASP E 72 -21.72 -12.75 -39.30
C ASP E 72 -20.69 -13.32 -38.32
N GLN E 73 -19.50 -12.73 -38.31
CA GLN E 73 -18.45 -13.11 -37.39
C GLN E 73 -17.77 -11.86 -36.86
N ARG E 74 -17.32 -11.93 -35.61
CA ARG E 74 -16.55 -10.85 -35.01
C ARG E 74 -15.27 -11.45 -34.46
N PHE E 75 -14.14 -10.85 -34.82
CA PHE E 75 -12.84 -11.43 -34.51
C PHE E 75 -12.66 -11.48 -33.00
N VAL E 76 -12.71 -12.69 -32.45
CA VAL E 76 -12.66 -12.86 -30.99
C VAL E 76 -11.25 -12.65 -30.47
N ALA E 77 -10.25 -13.25 -31.11
CA ALA E 77 -8.89 -13.20 -30.59
C ALA E 77 -7.90 -13.36 -31.72
N ALA E 78 -6.62 -13.20 -31.39
CA ALA E 78 -5.56 -13.32 -32.38
C ALA E 78 -4.25 -13.66 -31.68
N ALA E 79 -3.30 -14.15 -32.47
CA ALA E 79 -1.98 -14.51 -31.98
C ALA E 79 -0.96 -14.23 -33.07
N GLU E 80 0.26 -13.85 -32.66
CA GLU E 80 1.30 -13.50 -33.61
C GLU E 80 2.61 -14.15 -33.19
N GLY E 81 3.40 -14.52 -34.20
CA GLY E 81 4.68 -15.15 -33.93
C GLY E 81 5.68 -14.86 -35.03
N VAL E 82 6.96 -15.04 -34.70
CA VAL E 82 8.06 -14.79 -35.61
C VAL E 82 8.85 -16.07 -35.81
N GLY E 83 9.13 -16.41 -37.06
CA GLY E 83 9.84 -17.63 -37.37
C GLY E 83 11.18 -17.41 -38.05
N LYS E 84 11.57 -18.32 -38.93
CA LYS E 84 12.84 -18.21 -39.62
C LYS E 84 12.72 -17.32 -40.84
N ASP E 85 13.82 -16.64 -41.15
CA ASP E 85 13.92 -15.78 -42.33
C ASP E 85 12.97 -14.58 -42.23
N ASN E 86 12.74 -14.12 -41.00
CA ASN E 86 11.97 -12.90 -40.73
C ASN E 86 10.56 -13.00 -41.32
N LYS E 87 9.81 -13.96 -40.78
CA LYS E 87 8.42 -14.18 -41.16
C LYS E 87 7.52 -13.93 -39.95
N LEU E 88 6.36 -13.32 -40.19
CA LEU E 88 5.42 -12.96 -39.14
C LEU E 88 4.10 -13.67 -39.43
N SER E 89 3.74 -14.63 -38.57
CA SER E 89 2.51 -15.38 -38.73
C SER E 89 1.46 -14.86 -37.76
N VAL E 90 0.28 -14.58 -38.29
CA VAL E 90 -0.85 -14.07 -37.50
C VAL E 90 -2.01 -15.02 -37.67
N LEU E 91 -2.49 -15.57 -36.56
CA LEU E 91 -3.69 -16.38 -36.52
C LEU E 91 -4.82 -15.55 -35.93
N LEU E 92 -6.02 -15.67 -36.51
CA LEU E 92 -7.19 -14.93 -36.07
C LEU E 92 -8.32 -15.91 -35.81
N PHE E 93 -8.92 -15.80 -34.63
CA PHE E 93 -10.02 -16.67 -34.21
C PHE E 93 -11.30 -15.83 -34.11
N THR E 94 -12.33 -16.25 -34.82
CA THR E 94 -13.62 -15.60 -34.84
C THR E 94 -14.63 -16.41 -34.03
N THR E 95 -15.82 -15.85 -33.88
CA THR E 95 -16.86 -16.44 -33.04
C THR E 95 -17.31 -17.81 -33.55
N GLN E 96 -17.95 -17.84 -34.71
CA GLN E 96 -18.48 -19.10 -35.22
C GLN E 96 -19.04 -18.88 -36.62
N ARG E 97 -19.09 -19.96 -37.39
CA ARG E 97 -19.52 -19.90 -38.78
C ARG E 97 -20.98 -20.32 -38.88
N LEU E 98 -21.78 -19.51 -39.57
CA LEU E 98 -23.20 -19.77 -39.71
C LEU E 98 -23.60 -20.20 -41.12
N ASP E 99 -22.86 -19.77 -42.14
CA ASP E 99 -23.21 -20.09 -43.52
C ASP E 99 -21.95 -20.17 -44.36
N LYS E 100 -22.08 -20.79 -45.53
CA LYS E 100 -20.96 -20.97 -46.46
C LYS E 100 -21.23 -20.13 -47.71
N VAL E 101 -20.56 -18.98 -47.78
CA VAL E 101 -20.75 -18.05 -48.90
C VAL E 101 -19.43 -17.52 -49.46
N HIS E 102 -18.29 -17.86 -48.87
CA HIS E 102 -16.98 -17.42 -49.38
C HIS E 102 -16.87 -15.89 -49.37
N HIS E 103 -16.86 -15.35 -48.16
CA HIS E 103 -16.79 -13.90 -47.97
C HIS E 103 -15.56 -13.31 -48.68
N ASN E 104 -15.65 -12.02 -48.98
CA ASN E 104 -14.51 -11.27 -49.48
C ASN E 104 -13.64 -10.80 -48.32
N ILE E 105 -12.45 -10.28 -48.64
CA ILE E 105 -11.52 -9.81 -47.63
C ILE E 105 -10.73 -8.62 -48.16
N SER E 106 -10.51 -7.66 -47.26
CA SER E 106 -9.67 -6.50 -47.55
C SER E 106 -8.59 -6.42 -46.49
N VAL E 107 -7.32 -6.47 -46.92
CA VAL E 107 -6.19 -6.48 -45.99
C VAL E 107 -5.27 -5.32 -46.33
N THR E 108 -4.93 -4.53 -45.31
CA THR E 108 -4.01 -3.41 -45.45
C THR E 108 -2.86 -3.58 -44.48
N ILE E 109 -1.65 -3.51 -44.99
CA ILE E 109 -0.43 -3.71 -44.20
C ILE E 109 0.37 -2.41 -44.26
N THR E 110 0.55 -1.77 -43.10
CA THR E 110 1.24 -0.49 -43.03
C THR E 110 2.53 -0.66 -42.25
N CYS E 111 3.65 -0.22 -42.83
CA CYS E 111 4.95 -0.29 -42.18
C CYS E 111 5.07 0.90 -41.24
N MET E 112 5.06 0.62 -39.94
CA MET E 112 5.16 1.68 -38.94
C MET E 112 6.55 1.77 -38.30
N GLU E 113 7.54 1.05 -38.83
CA GLU E 113 8.87 1.10 -38.22
C GLU E 113 9.91 0.61 -39.22
N MET E 114 10.91 1.45 -39.47
CA MET E 114 12.12 1.09 -40.18
C MET E 114 11.95 1.01 -41.70
N ASN E 115 10.72 1.05 -42.22
CA ASN E 115 10.57 1.15 -43.66
C ASN E 115 9.33 1.94 -44.09
N CYS E 116 8.93 2.95 -43.32
CA CYS E 116 7.71 3.66 -43.63
C CYS E 116 7.72 4.14 -45.08
N GLY E 117 6.54 4.50 -45.57
CA GLY E 117 6.42 4.98 -46.93
C GLY E 117 4.98 5.16 -47.32
N THR E 118 4.76 5.44 -48.60
CA THR E 118 3.42 5.58 -49.13
C THR E 118 2.95 4.27 -49.77
N THR E 119 1.81 4.33 -50.45
CA THR E 119 1.22 3.12 -51.01
C THR E 119 2.07 2.58 -52.16
N LYS E 120 2.29 1.27 -52.16
CA LYS E 120 3.07 0.61 -53.21
C LYS E 120 2.33 -0.54 -53.87
N TYR E 121 1.13 -0.88 -53.41
CA TYR E 121 0.38 -1.99 -54.00
C TYR E 121 -1.10 -1.82 -53.67
N ASP E 122 -1.95 -1.89 -54.70
CA ASP E 122 -3.38 -1.74 -54.48
C ASP E 122 -4.20 -2.72 -55.31
N SER E 123 -3.59 -3.77 -55.84
CA SER E 123 -4.28 -4.70 -56.72
C SER E 123 -5.10 -5.69 -55.90
N ASP E 124 -5.82 -6.57 -56.59
CA ASP E 124 -6.66 -7.57 -55.94
C ASP E 124 -6.18 -8.96 -56.31
N LEU E 125 -6.38 -9.90 -55.39
CA LEU E 125 -5.92 -11.27 -55.55
C LEU E 125 -7.10 -12.16 -55.89
N PRO E 126 -7.06 -12.91 -57.01
CA PRO E 126 -8.26 -13.64 -57.43
C PRO E 126 -8.56 -14.84 -56.58
N GLU E 127 -7.55 -15.63 -56.21
CA GLU E 127 -7.75 -16.88 -55.47
C GLU E 127 -8.66 -17.82 -56.25
N SER E 128 -8.18 -18.24 -57.42
CA SER E 128 -8.93 -19.12 -58.30
C SER E 128 -8.90 -20.57 -57.86
N ILE E 129 -8.48 -20.84 -56.62
CA ILE E 129 -8.57 -22.19 -56.08
C ILE E 129 -10.02 -22.68 -56.16
N HIS E 130 -10.95 -21.83 -55.75
CA HIS E 130 -12.36 -21.96 -56.08
C HIS E 130 -12.89 -20.81 -56.92
N HIS E 131 -12.18 -19.68 -56.97
CA HIS E 131 -12.55 -18.56 -57.82
C HIS E 131 -13.91 -18.01 -57.44
N LYS E 132 -14.09 -17.73 -56.16
CA LYS E 132 -15.35 -17.19 -55.67
C LYS E 132 -15.13 -15.98 -54.77
N SER E 133 -13.93 -15.87 -54.20
CA SER E 133 -13.60 -14.79 -53.27
C SER E 133 -12.45 -13.97 -53.83
N SER E 134 -12.45 -12.68 -53.52
CA SER E 134 -11.41 -11.77 -53.96
C SER E 134 -10.91 -10.96 -52.78
N CYS E 135 -9.60 -10.91 -52.61
CA CYS E 135 -8.96 -10.18 -51.52
C CYS E 135 -8.22 -8.98 -52.08
N ASP E 136 -8.51 -7.80 -51.52
CA ASP E 136 -7.85 -6.57 -51.93
C ASP E 136 -6.76 -6.23 -50.93
N ILE E 137 -5.51 -6.22 -51.40
CA ILE E 137 -4.34 -6.00 -50.56
C ILE E 137 -3.79 -4.61 -50.84
N THR E 138 -3.67 -3.80 -49.80
CA THR E 138 -3.03 -2.49 -49.89
C THR E 138 -1.84 -2.46 -48.96
N ILE E 139 -0.65 -2.23 -49.51
CA ILE E 139 0.59 -2.26 -48.76
C ILE E 139 1.18 -0.86 -48.77
N ASN E 140 1.38 -0.29 -47.57
CA ASN E 140 2.08 0.97 -47.43
C ASN E 140 3.45 0.72 -46.82
N GLY E 141 4.49 1.12 -47.54
CA GLY E 141 5.85 0.87 -47.15
C GLY E 141 6.55 -0.08 -48.10
N SER E 142 7.78 -0.43 -47.72
CA SER E 142 8.57 -1.40 -48.46
C SER E 142 8.94 -2.61 -47.61
N CYS E 143 8.31 -2.76 -46.45
CA CYS E 143 8.67 -3.80 -45.49
C CYS E 143 7.84 -5.07 -45.69
N VAL E 144 7.77 -5.56 -46.91
CA VAL E 144 7.03 -6.78 -47.20
C VAL E 144 7.67 -7.48 -48.40
N THR E 145 7.83 -8.79 -48.30
CA THR E 145 8.31 -9.62 -49.40
C THR E 145 7.36 -10.73 -49.76
N CYS E 146 6.74 -11.39 -48.78
CA CYS E 146 5.73 -12.42 -49.03
C CYS E 146 4.44 -12.04 -48.32
N VAL E 147 3.32 -12.44 -48.90
CA VAL E 147 2.02 -12.29 -48.24
C VAL E 147 1.17 -13.50 -48.60
N ASN E 148 0.86 -14.33 -47.60
CA ASN E 148 0.03 -15.51 -47.80
C ASN E 148 -1.14 -15.44 -46.82
N LEU E 149 -2.31 -15.90 -47.27
CA LEU E 149 -3.53 -15.80 -46.49
C LEU E 149 -4.34 -17.07 -46.68
N GLU E 150 -4.57 -17.80 -45.60
CA GLU E 150 -5.35 -19.04 -45.62
C GLU E 150 -6.63 -18.84 -44.83
N THR E 151 -7.76 -18.84 -45.54
CA THR E 151 -9.07 -18.69 -44.93
C THR E 151 -9.68 -20.08 -44.72
N ASP E 152 -10.19 -20.30 -43.50
CA ASP E 152 -10.72 -21.61 -43.12
C ASP E 152 -9.61 -22.65 -43.20
N PRO E 153 -8.55 -22.51 -42.41
CA PRO E 153 -7.44 -23.46 -42.49
C PRO E 153 -7.86 -24.84 -42.01
N THR E 154 -7.15 -25.85 -42.53
CA THR E 154 -7.36 -27.23 -42.14
C THR E 154 -6.20 -27.79 -41.33
N LYS E 155 -5.14 -27.01 -41.11
CA LYS E 155 -4.00 -27.44 -40.30
C LYS E 155 -4.34 -27.32 -38.82
N ILE E 156 -3.33 -27.52 -37.97
CA ILE E 156 -3.56 -27.53 -36.53
C ILE E 156 -3.41 -26.12 -35.96
N ASN E 157 -4.49 -25.34 -36.03
CA ASN E 157 -4.50 -24.04 -35.35
C ASN E 157 -4.18 -24.16 -33.87
N PRO E 158 -4.71 -25.14 -33.13
CA PRO E 158 -4.42 -25.20 -31.69
C PRO E 158 -2.93 -25.22 -31.40
N HIS E 159 -2.45 -24.14 -30.80
CA HIS E 159 -1.06 -24.02 -30.38
C HIS E 159 -0.99 -24.22 -28.88
N TYR E 160 -0.10 -25.11 -28.43
CA TYR E 160 -0.09 -25.56 -27.05
C TYR E 160 -1.47 -26.08 -26.67
N LEU E 161 -2.03 -26.91 -27.55
CA LEU E 161 -3.42 -27.30 -27.45
C LEU E 161 -3.74 -27.88 -26.08
N HIS E 162 -4.58 -27.17 -25.33
CA HIS E 162 -5.10 -25.87 -25.77
C HIS E 162 -4.92 -24.84 -24.67
N PRO E 163 -5.17 -23.57 -24.99
CA PRO E 163 -5.12 -22.52 -23.97
C PRO E 163 -5.94 -22.91 -22.74
N LYS E 164 -5.70 -22.21 -21.64
CA LYS E 164 -6.18 -22.66 -20.33
C LYS E 164 -7.67 -22.98 -20.35
N ASP E 165 -8.48 -22.06 -20.86
CA ASP E 165 -9.93 -22.21 -20.76
C ASP E 165 -10.65 -22.15 -22.09
N LYS E 166 -10.05 -21.59 -23.12
CA LYS E 166 -10.74 -21.39 -24.39
C LYS E 166 -10.95 -22.72 -25.11
N TYR E 167 -12.00 -22.77 -25.92
CA TYR E 167 -12.28 -23.91 -26.78
C TYR E 167 -12.05 -23.49 -28.23
N LEU E 168 -11.50 -24.39 -29.03
CA LEU E 168 -11.10 -24.09 -30.39
C LEU E 168 -11.72 -25.07 -31.37
N TYR E 169 -12.20 -24.55 -32.50
CA TYR E 169 -12.76 -25.34 -33.57
C TYR E 169 -12.10 -24.96 -34.88
N ARG E 170 -12.16 -25.87 -35.86
CA ARG E 170 -11.53 -25.63 -37.15
C ARG E 170 -12.32 -26.35 -38.23
N ASN E 171 -12.35 -25.75 -39.41
CA ASN E 171 -13.05 -26.35 -40.53
C ASN E 171 -12.37 -27.64 -40.97
N SER E 172 -13.19 -28.65 -41.26
CA SER E 172 -12.70 -29.92 -41.77
C SER E 172 -13.17 -30.21 -43.19
N GLU E 173 -13.79 -29.24 -43.86
CA GLU E 173 -14.31 -29.42 -45.20
C GLU E 173 -13.37 -28.73 -46.19
N TYR E 174 -12.87 -29.50 -47.16
CA TYR E 174 -11.89 -28.97 -48.09
C TYR E 174 -12.44 -27.82 -48.93
N GLY E 175 -13.72 -27.89 -49.30
CA GLY E 175 -14.28 -26.92 -50.22
C GLY E 175 -14.36 -25.50 -49.69
N MET E 176 -14.14 -25.29 -48.40
CA MET E 176 -14.26 -23.97 -47.81
C MET E 176 -12.93 -23.23 -47.69
N ARG E 177 -11.80 -23.92 -47.73
CA ARG E 177 -10.52 -23.26 -47.55
C ARG E 177 -10.18 -22.41 -48.77
N GLY E 178 -9.54 -21.28 -48.53
CA GLY E 178 -9.11 -20.41 -49.60
C GLY E 178 -7.70 -19.93 -49.38
N SER E 179 -6.96 -19.79 -50.48
CA SER E 179 -5.55 -19.40 -50.42
C SER E 179 -5.33 -18.17 -51.29
N TYR E 180 -4.84 -17.10 -50.67
CA TYR E 180 -4.47 -15.88 -51.38
C TYR E 180 -2.96 -15.70 -51.24
N GLY E 181 -2.30 -15.34 -52.33
CA GLY E 181 -0.86 -15.18 -52.27
C GLY E 181 -0.30 -14.05 -53.13
N VAL E 182 0.76 -13.41 -52.66
CA VAL E 182 1.44 -12.38 -53.43
C VAL E 182 2.90 -12.35 -53.01
N THR E 183 3.80 -12.41 -53.99
CA THR E 183 5.23 -12.45 -53.72
C THR E 183 5.94 -11.42 -54.59
N PHE E 184 6.98 -10.82 -54.03
CA PHE E 184 7.82 -9.86 -54.75
C PHE E 184 9.21 -10.39 -55.03
N MET E 185 9.69 -11.34 -54.23
CA MET E 185 10.92 -12.06 -54.51
C MET E 185 10.64 -13.23 -55.44
N ASP E 186 11.60 -14.13 -55.57
CA ASP E 186 11.48 -15.25 -56.50
C ASP E 186 11.02 -16.51 -55.77
N GLU E 187 9.87 -17.04 -56.18
CA GLU E 187 9.37 -18.34 -55.77
C GLU E 187 9.47 -18.54 -54.26
N LEU E 188 8.69 -17.75 -53.52
CA LEU E 188 8.62 -17.86 -52.07
C LEU E 188 7.37 -18.59 -51.60
N ASN E 189 6.90 -19.58 -52.36
CA ASN E 189 5.72 -20.32 -51.96
C ASN E 189 5.99 -21.09 -50.66
N GLN E 190 4.93 -21.20 -49.84
CA GLN E 190 5.04 -21.82 -48.51
C GLN E 190 6.04 -21.05 -47.65
N CYS E 191 5.67 -19.80 -47.37
CA CYS E 191 6.61 -18.87 -46.75
C CYS E 191 7.11 -19.38 -45.41
N PHE E 192 6.35 -20.25 -44.75
CA PHE E 192 6.82 -20.92 -43.53
C PHE E 192 5.74 -21.88 -43.06
N LEU E 193 6.10 -22.70 -42.07
CA LEU E 193 5.20 -23.73 -41.56
C LEU E 193 4.94 -23.54 -40.08
N ASP E 194 3.77 -23.99 -39.63
CA ASP E 194 3.28 -23.66 -38.29
C ASP E 194 4.22 -24.19 -37.21
N ILE E 195 4.39 -25.50 -37.14
CA ILE E 195 5.07 -26.14 -36.01
C ILE E 195 6.57 -25.87 -36.14
N LYS E 196 7.05 -24.86 -35.43
CA LYS E 196 8.46 -24.50 -35.41
C LYS E 196 8.76 -23.86 -34.07
N GLU E 197 9.87 -23.14 -33.98
CA GLU E 197 10.22 -22.39 -32.78
C GLU E 197 9.22 -21.27 -32.53
N VAL E 198 8.22 -21.16 -33.40
CA VAL E 198 7.17 -20.16 -33.24
C VAL E 198 6.60 -20.25 -31.84
N SER E 199 6.74 -19.17 -31.06
CA SER E 199 6.23 -19.15 -29.70
C SER E 199 4.72 -18.95 -29.65
N TYR E 200 4.20 -18.05 -30.49
CA TYR E 200 2.75 -17.80 -30.58
C TYR E 200 2.18 -17.35 -29.24
N ASP E 201 2.59 -16.16 -28.82
CA ASP E 201 2.00 -15.51 -27.67
C ASP E 201 0.64 -14.92 -28.04
N ILE E 202 -0.30 -14.96 -27.08
CA ILE E 202 -1.62 -14.41 -27.33
C ILE E 202 -1.53 -12.93 -27.65
N CYS E 203 -2.41 -12.46 -28.53
CA CYS E 203 -2.32 -11.11 -29.07
C CYS E 203 -3.33 -10.20 -28.36
N TYR E 204 -2.89 -9.66 -27.23
CA TYR E 204 -3.63 -8.62 -26.51
C TYR E 204 -3.02 -8.40 -25.13
N MET F 1 -9.01 -33.29 -53.71
CA MET F 1 -10.24 -33.62 -54.43
C MET F 1 -9.97 -34.50 -55.64
N LEU F 2 -8.69 -34.74 -55.92
CA LEU F 2 -8.29 -35.58 -57.05
C LEU F 2 -7.42 -36.70 -56.51
N LYS F 3 -7.95 -37.91 -56.50
CA LYS F 3 -7.22 -39.09 -56.06
C LYS F 3 -6.77 -39.90 -57.27
N ILE F 4 -5.46 -40.16 -57.35
CA ILE F 4 -4.86 -40.88 -58.45
C ILE F 4 -4.26 -42.17 -57.91
N GLN F 5 -4.60 -43.28 -58.56
CA GLN F 5 -4.08 -44.59 -58.20
C GLN F 5 -3.32 -45.15 -59.39
N ALA F 6 -2.16 -45.74 -59.13
CA ALA F 6 -1.34 -46.34 -60.17
C ALA F 6 -0.90 -47.73 -59.73
N TYR F 7 -0.77 -48.62 -60.72
CA TYR F 7 -0.32 -49.97 -60.43
C TYR F 7 1.14 -49.95 -59.97
N PHE F 8 1.58 -51.06 -59.38
CA PHE F 8 2.94 -51.11 -58.82
C PHE F 8 3.96 -50.72 -59.88
N ASN F 9 4.78 -49.72 -59.56
CA ASN F 9 5.79 -49.21 -60.49
C ASN F 9 5.18 -48.84 -61.83
N GLU F 10 3.97 -48.26 -61.76
CA GLU F 10 3.31 -47.74 -62.94
C GLU F 10 3.79 -46.32 -63.22
N THR F 11 3.19 -45.68 -64.21
CA THR F 11 3.48 -44.28 -64.52
C THR F 11 2.48 -43.38 -63.80
N ALA F 12 2.96 -42.21 -63.37
CA ALA F 12 2.16 -41.28 -62.61
C ALA F 12 1.89 -40.02 -63.42
N ASP F 13 0.66 -39.52 -63.33
CA ASP F 13 0.27 -38.28 -64.00
C ASP F 13 -0.33 -37.32 -62.98
N LEU F 14 0.15 -36.08 -62.99
CA LEU F 14 -0.36 -35.04 -62.11
C LEU F 14 -0.96 -33.93 -62.96
N PRO F 15 -2.27 -33.92 -63.17
CA PRO F 15 -2.91 -32.75 -63.79
C PRO F 15 -3.50 -31.83 -62.74
N CYS F 16 -3.73 -30.55 -63.08
CA CYS F 16 -4.41 -29.65 -62.17
C CYS F 16 -5.46 -28.79 -62.86
N GLN F 17 -5.65 -28.94 -64.17
CA GLN F 17 -6.83 -28.43 -64.88
C GLN F 17 -7.04 -26.94 -64.63
N PHE F 18 -6.08 -26.16 -65.12
CA PHE F 18 -6.19 -24.71 -65.06
C PHE F 18 -7.30 -24.26 -66.00
N ALA F 19 -8.36 -23.67 -65.45
CA ALA F 19 -9.50 -23.26 -66.27
C ALA F 19 -9.09 -22.20 -67.28
N ASN F 20 -8.27 -21.24 -66.87
CA ASN F 20 -7.79 -20.17 -67.74
C ASN F 20 -8.96 -19.37 -68.31
N SER F 21 -9.74 -18.79 -67.39
CA SER F 21 -10.90 -17.99 -67.79
C SER F 21 -10.48 -16.75 -68.57
N GLN F 22 -9.33 -16.17 -68.23
CA GLN F 22 -8.85 -14.96 -68.90
C GLN F 22 -8.17 -15.25 -70.23
N ASN F 23 -7.98 -16.52 -70.58
CA ASN F 23 -7.32 -16.89 -71.84
C ASN F 23 -5.90 -16.32 -71.90
N GLN F 24 -5.11 -16.66 -70.88
CA GLN F 24 -3.74 -16.19 -70.79
C GLN F 24 -2.80 -17.15 -71.53
N SER F 25 -1.54 -16.76 -71.64
CA SER F 25 -0.54 -17.53 -72.36
C SER F 25 0.58 -17.95 -71.42
N LEU F 26 1.33 -18.97 -71.83
CA LEU F 26 2.41 -19.49 -71.01
C LEU F 26 3.59 -18.52 -70.92
N SER F 27 3.60 -17.47 -71.74
CA SER F 27 4.70 -16.51 -71.71
C SER F 27 4.64 -15.59 -70.50
N GLU F 28 3.48 -15.49 -69.83
CA GLU F 28 3.33 -14.62 -68.67
C GLU F 28 2.98 -15.39 -67.41
N LEU F 29 3.21 -16.70 -67.38
CA LEU F 29 2.83 -17.53 -66.24
C LEU F 29 3.98 -18.44 -65.85
N VAL F 30 4.00 -18.82 -64.58
CA VAL F 30 4.94 -19.82 -64.06
C VAL F 30 4.13 -20.88 -63.34
N VAL F 31 4.66 -22.11 -63.35
CA VAL F 31 3.99 -23.25 -62.74
C VAL F 31 4.99 -24.01 -61.89
N PHE F 32 4.57 -24.37 -60.68
CA PHE F 32 5.40 -25.14 -59.77
C PHE F 32 4.61 -26.34 -59.25
N TRP F 33 5.30 -27.45 -59.13
CA TRP F 33 4.76 -28.64 -58.49
C TRP F 33 5.65 -28.99 -57.32
N GLN F 34 5.06 -29.13 -56.14
CA GLN F 34 5.85 -29.40 -54.95
C GLN F 34 5.16 -30.49 -54.13
N ASP F 35 5.97 -31.21 -53.37
CA ASP F 35 5.51 -32.31 -52.54
C ASP F 35 5.24 -31.80 -51.12
N GLN F 36 4.98 -32.74 -50.20
CA GLN F 36 4.67 -32.38 -48.82
C GLN F 36 5.87 -31.88 -48.04
N GLU F 37 7.09 -32.10 -48.54
CA GLU F 37 8.30 -31.64 -47.88
C GLU F 37 8.80 -30.32 -48.44
N ASN F 38 8.08 -29.72 -49.38
CA ASN F 38 8.39 -28.43 -50.00
C ASN F 38 9.48 -28.51 -51.05
N LEU F 39 9.89 -29.71 -51.45
CA LEU F 39 10.86 -29.86 -52.52
C LEU F 39 10.18 -29.69 -53.87
N VAL F 40 10.85 -28.97 -54.76
CA VAL F 40 10.28 -28.66 -56.08
C VAL F 40 10.43 -29.86 -57.00
N LEU F 41 9.63 -29.88 -58.07
CA LEU F 41 9.69 -30.92 -59.09
C LEU F 41 9.96 -30.38 -60.48
N ASN F 42 9.36 -29.26 -60.85
CA ASN F 42 9.54 -28.70 -62.18
C ASN F 42 9.11 -27.24 -62.15
N GLU F 43 9.54 -26.50 -63.16
CA GLU F 43 9.21 -25.09 -63.27
C GLU F 43 9.21 -24.68 -64.73
N VAL F 44 8.15 -24.00 -65.15
CA VAL F 44 7.99 -23.50 -66.51
C VAL F 44 7.94 -21.99 -66.42
N TYR F 45 9.10 -21.34 -66.56
CA TYR F 45 9.20 -19.90 -66.44
C TYR F 45 8.91 -19.25 -67.79
N LEU F 46 7.78 -18.55 -67.89
CA LEU F 46 7.41 -17.79 -69.07
C LEU F 46 7.51 -18.62 -70.35
N GLY F 47 7.28 -19.93 -70.26
CA GLY F 47 7.26 -20.80 -71.42
C GLY F 47 8.50 -21.65 -71.61
N LYS F 48 9.56 -21.43 -70.85
CA LYS F 48 10.78 -22.21 -70.96
C LYS F 48 11.00 -22.98 -69.66
N GLU F 49 11.33 -24.27 -69.79
CA GLU F 49 11.57 -25.09 -68.61
C GLU F 49 12.83 -24.63 -67.90
N LYS F 50 12.84 -24.77 -66.57
CA LYS F 50 14.02 -24.49 -65.77
C LYS F 50 14.26 -25.63 -64.80
N PHE F 51 15.54 -25.94 -64.57
CA PHE F 51 15.96 -27.03 -63.70
C PHE F 51 16.95 -26.52 -62.66
N ASP F 52 16.62 -25.39 -62.03
CA ASP F 52 17.55 -24.72 -61.14
C ASP F 52 17.43 -25.15 -59.68
N SER F 53 16.31 -25.76 -59.28
CA SER F 53 16.14 -26.15 -57.89
C SER F 53 15.61 -27.56 -57.70
N VAL F 54 15.42 -28.33 -58.77
CA VAL F 54 14.89 -29.68 -58.63
C VAL F 54 15.92 -30.56 -57.92
N HIS F 55 15.44 -31.36 -56.97
CA HIS F 55 16.30 -32.30 -56.27
C HIS F 55 16.80 -33.37 -57.23
N SER F 56 17.98 -33.92 -56.93
CA SER F 56 18.62 -34.87 -57.84
C SER F 56 17.70 -36.06 -58.13
N LYS F 57 17.06 -36.61 -57.10
CA LYS F 57 16.17 -37.74 -57.32
C LYS F 57 15.00 -37.36 -58.21
N TYR F 58 14.59 -36.10 -58.20
CA TYR F 58 13.50 -35.63 -59.03
C TYR F 58 13.93 -35.22 -60.43
N MET F 59 15.23 -35.19 -60.71
CA MET F 59 15.71 -34.75 -62.00
C MET F 59 15.45 -35.81 -63.08
N GLY F 60 15.02 -35.35 -64.25
CA GLY F 60 14.85 -36.23 -65.39
C GLY F 60 13.53 -36.99 -65.40
N ARG F 61 13.06 -37.39 -64.23
CA ARG F 61 11.84 -38.20 -64.16
C ARG F 61 10.59 -37.39 -64.48
N THR F 62 10.68 -36.07 -64.57
CA THR F 62 9.53 -35.22 -64.83
C THR F 62 9.50 -34.79 -66.28
N SER F 63 8.28 -34.62 -66.80
CA SER F 63 8.09 -34.14 -68.16
C SER F 63 6.81 -33.31 -68.19
N PHE F 64 6.87 -32.18 -68.89
CA PHE F 64 5.77 -31.24 -68.93
C PHE F 64 5.13 -31.23 -70.32
N ASP F 65 3.80 -31.10 -70.34
CA ASP F 65 3.03 -31.10 -71.56
C ASP F 65 2.37 -29.74 -71.74
N SER F 66 2.16 -29.34 -73.00
CA SER F 66 1.60 -28.03 -73.29
C SER F 66 0.07 -28.03 -73.18
N ASP F 67 -0.59 -28.81 -74.03
CA ASP F 67 -2.05 -28.76 -74.09
C ASP F 67 -2.69 -29.39 -72.87
N SER F 68 -2.16 -30.50 -72.38
CA SER F 68 -2.77 -31.22 -71.27
C SER F 68 -2.53 -30.56 -69.93
N TRP F 69 -1.50 -29.74 -69.79
CA TRP F 69 -1.17 -29.11 -68.52
C TRP F 69 -0.99 -30.15 -67.42
N THR F 70 -0.39 -31.28 -67.78
CA THR F 70 -0.18 -32.39 -66.87
C THR F 70 1.30 -32.74 -66.82
N LEU F 71 1.80 -32.98 -65.62
CA LEU F 71 3.19 -33.39 -65.42
C LEU F 71 3.25 -34.90 -65.30
N ARG F 72 4.10 -35.53 -66.10
CA ARG F 72 4.21 -36.97 -66.16
C ARG F 72 5.47 -37.40 -65.40
N LEU F 73 5.27 -38.08 -64.28
CA LEU F 73 6.37 -38.59 -63.47
C LEU F 73 6.51 -40.09 -63.69
N HIS F 74 7.73 -40.53 -63.96
CA HIS F 74 8.04 -41.93 -64.23
C HIS F 74 8.89 -42.50 -63.10
N ASN F 75 8.97 -43.83 -63.07
CA ASN F 75 9.74 -44.54 -62.05
C ASN F 75 9.18 -44.26 -60.66
N LEU F 76 7.92 -44.62 -60.48
CA LEU F 76 7.29 -44.49 -59.17
C LEU F 76 7.96 -45.44 -58.18
N GLN F 77 7.85 -45.11 -56.90
CA GLN F 77 8.46 -45.89 -55.84
C GLN F 77 7.50 -46.00 -54.66
N ILE F 78 7.81 -46.91 -53.74
CA ILE F 78 6.95 -47.13 -52.59
C ILE F 78 6.89 -45.89 -51.73
N LYS F 79 7.98 -45.15 -51.62
CA LYS F 79 8.08 -44.00 -50.74
C LYS F 79 7.68 -42.69 -51.42
N ASP F 80 7.24 -42.74 -52.67
CA ASP F 80 6.85 -41.53 -53.39
C ASP F 80 5.40 -41.11 -53.14
N LYS F 81 4.64 -41.90 -52.38
CA LYS F 81 3.25 -41.54 -52.11
C LYS F 81 3.20 -40.27 -51.26
N GLY F 82 2.28 -39.38 -51.61
CA GLY F 82 2.16 -38.13 -50.88
C GLY F 82 1.31 -37.14 -51.65
N LEU F 83 1.37 -35.89 -51.19
CA LEU F 83 0.56 -34.81 -51.75
C LEU F 83 1.43 -33.90 -52.61
N TYR F 84 0.88 -33.49 -53.74
CA TYR F 84 1.53 -32.62 -54.70
C TYR F 84 0.61 -31.44 -55.02
N GLN F 85 1.24 -30.29 -55.24
CA GLN F 85 0.50 -29.04 -55.43
C GLN F 85 0.83 -28.44 -56.79
N CYS F 86 -0.18 -27.86 -57.43
CA CYS F 86 -0.04 -27.20 -58.72
C CYS F 86 -0.24 -25.70 -58.50
N ILE F 87 0.86 -25.00 -58.24
CA ILE F 87 0.81 -23.58 -57.93
C ILE F 87 1.14 -22.80 -59.20
N ILE F 88 0.19 -22.00 -59.67
CA ILE F 88 0.37 -21.19 -60.86
C ILE F 88 0.48 -19.73 -60.44
N HIS F 89 1.50 -19.04 -60.95
CA HIS F 89 1.75 -17.64 -60.63
C HIS F 89 1.72 -16.80 -61.89
N HIS F 90 1.24 -15.57 -61.76
CA HIS F 90 1.19 -14.60 -62.85
C HIS F 90 2.26 -13.55 -62.60
N LYS F 91 3.19 -13.42 -63.53
CA LYS F 91 4.36 -12.57 -63.35
C LYS F 91 4.08 -11.17 -63.89
N LYS F 92 3.47 -10.33 -63.06
CA LYS F 92 3.31 -8.93 -63.40
C LYS F 92 4.58 -8.16 -63.12
N PRO F 93 4.73 -6.97 -63.72
CA PRO F 93 5.94 -6.18 -63.46
C PRO F 93 6.13 -5.86 -61.98
N THR F 94 5.05 -5.67 -61.23
CA THR F 94 5.15 -5.36 -59.81
C THR F 94 5.50 -6.61 -59.00
N GLY F 95 4.64 -7.62 -59.07
CA GLY F 95 4.86 -8.85 -58.32
C GLY F 95 4.08 -9.99 -58.93
N MET F 96 4.23 -11.17 -58.34
CA MET F 96 3.55 -12.37 -58.80
C MET F 96 2.40 -12.68 -57.84
N ILE F 97 1.22 -12.92 -58.40
CA ILE F 97 0.01 -13.20 -57.63
C ILE F 97 -0.44 -14.61 -57.99
N ARG F 98 -0.69 -15.44 -56.96
CA ARG F 98 -1.08 -16.82 -57.16
C ARG F 98 -2.49 -16.86 -57.72
N ILE F 99 -2.63 -17.36 -58.95
CA ILE F 99 -3.92 -17.38 -59.65
C ILE F 99 -4.50 -18.77 -59.78
N HIS F 100 -3.85 -19.80 -59.23
CA HIS F 100 -4.43 -21.13 -59.28
C HIS F 100 -3.61 -22.09 -58.43
N GLN F 101 -4.30 -23.07 -57.86
CA GLN F 101 -3.70 -24.08 -56.99
C GLN F 101 -4.58 -25.31 -56.99
N MET F 102 -3.96 -26.49 -56.90
CA MET F 102 -4.71 -27.74 -56.91
C MET F 102 -3.91 -28.80 -56.15
N ASN F 103 -4.56 -29.49 -55.22
CA ASN F 103 -3.94 -30.57 -54.47
C ASN F 103 -4.19 -31.90 -55.17
N SER F 104 -3.26 -32.83 -55.00
CA SER F 104 -3.43 -34.18 -55.54
C SER F 104 -2.60 -35.16 -54.74
N GLU F 105 -3.24 -36.19 -54.20
CA GLU F 105 -2.56 -37.21 -53.40
C GLU F 105 -2.42 -38.48 -54.22
N LEU F 106 -1.21 -39.04 -54.25
CA LEU F 106 -0.93 -40.24 -55.02
C LEU F 106 -0.32 -41.31 -54.13
N SER F 107 -0.76 -42.55 -54.34
CA SER F 107 -0.28 -43.72 -53.63
C SER F 107 -0.02 -44.85 -54.62
N VAL F 108 0.80 -45.82 -54.20
CA VAL F 108 1.20 -46.92 -55.06
C VAL F 108 0.71 -48.23 -54.46
N LEU F 109 0.98 -49.33 -55.16
CA LEU F 109 0.53 -50.65 -54.72
C LEU F 109 1.04 -50.95 -53.33
N ALA F 110 0.15 -51.43 -52.47
CA ALA F 110 0.48 -51.70 -51.07
C ALA F 110 0.91 -53.14 -50.86
N THR G 9 9.89 4.45 -47.61
CA THR G 9 11.16 5.14 -47.62
C THR G 9 10.97 6.64 -47.40
N ILE G 10 9.86 7.17 -47.92
CA ILE G 10 9.63 8.60 -47.87
C ILE G 10 9.38 9.06 -46.44
N CYS G 11 8.67 8.27 -45.65
CA CYS G 11 8.20 8.77 -44.36
C CYS G 11 9.01 8.16 -43.22
N PRO G 12 9.31 8.92 -42.18
CA PRO G 12 9.76 8.31 -40.92
C PRO G 12 8.59 7.92 -40.05
N PRO G 13 8.72 6.85 -39.25
CA PRO G 13 7.55 6.32 -38.54
C PRO G 13 6.87 7.32 -37.62
N ARG G 14 7.63 8.15 -36.91
CA ARG G 14 7.08 9.08 -35.92
C ARG G 14 6.34 8.34 -34.81
N GLN G 15 7.07 7.47 -34.13
CA GLN G 15 6.53 6.59 -33.11
C GLN G 15 6.87 7.13 -31.71
N ASP G 16 6.57 6.32 -30.69
CA ASP G 16 6.95 6.66 -29.32
C ASP G 16 8.39 6.26 -29.04
N TYR G 17 8.68 4.96 -29.11
CA TYR G 17 10.03 4.44 -28.90
C TYR G 17 10.38 3.49 -30.04
N ARG G 18 11.66 3.42 -30.36
CA ARG G 18 12.14 2.66 -31.50
C ARG G 18 13.09 1.56 -31.06
N TYR G 19 12.98 0.40 -31.70
CA TYR G 19 13.95 -0.67 -31.53
C TYR G 19 15.13 -0.53 -32.48
N TRP G 20 14.93 0.12 -33.62
CA TRP G 20 15.96 0.27 -34.64
C TRP G 20 16.73 1.57 -34.40
N TYR G 21 18.05 1.49 -34.42
CA TYR G 21 18.94 2.60 -34.10
C TYR G 21 19.86 2.91 -35.27
N PHE G 22 20.76 3.87 -35.05
CA PHE G 22 21.79 4.27 -36.00
C PHE G 22 22.96 4.81 -35.20
N ALA G 23 23.76 5.70 -35.79
CA ALA G 23 24.94 6.19 -35.08
C ALA G 23 25.30 7.62 -35.49
N ALA G 24 25.83 8.37 -34.52
CA ALA G 24 26.60 9.59 -34.74
C ALA G 24 27.11 10.08 -33.38
N GLU G 25 28.42 10.36 -33.28
CA GLU G 25 29.02 10.52 -31.96
C GLU G 25 29.77 11.84 -31.86
N LEU G 26 30.08 12.23 -30.62
CA LEU G 26 30.89 13.42 -30.39
C LEU G 26 31.53 13.32 -29.02
N THR G 27 32.54 14.17 -28.80
CA THR G 27 33.29 14.19 -27.55
C THR G 27 33.63 15.64 -27.18
N ILE G 28 33.47 15.94 -25.90
CA ILE G 28 33.73 17.27 -25.35
C ILE G 28 34.78 17.14 -24.26
N GLY G 29 35.88 17.87 -24.41
CA GLY G 29 36.92 17.88 -23.40
C GLY G 29 36.83 19.14 -22.54
N VAL G 30 36.38 18.96 -21.31
CA VAL G 30 36.11 20.06 -20.38
C VAL G 30 37.22 20.12 -19.35
N ASN G 31 37.42 21.31 -18.79
CA ASN G 31 38.54 21.53 -17.87
C ASN G 31 38.20 21.13 -16.44
N TYR G 32 37.01 21.43 -15.94
CA TYR G 32 36.68 21.06 -14.59
C TYR G 32 36.57 19.54 -14.47
N ASP G 33 36.34 19.06 -13.25
CA ASP G 33 36.59 17.66 -12.90
C ASP G 33 35.30 16.86 -12.93
N ILE G 34 35.34 15.71 -13.57
CA ILE G 34 34.30 14.69 -13.50
C ILE G 34 34.97 13.35 -13.23
N ASN G 35 34.49 12.63 -12.22
CA ASN G 35 35.15 11.39 -11.82
C ASN G 35 34.73 10.21 -12.68
N SER G 36 33.44 9.87 -12.68
CA SER G 36 32.98 8.66 -13.35
C SER G 36 31.49 8.81 -13.66
N THR G 37 30.96 7.82 -14.37
CA THR G 37 29.56 7.85 -14.77
C THR G 37 28.66 7.69 -13.55
N ILE G 38 27.46 8.28 -13.64
CA ILE G 38 26.52 8.29 -12.53
C ILE G 38 25.31 7.40 -12.76
N MET G 39 25.13 6.86 -13.96
CA MET G 39 24.06 5.91 -14.24
C MET G 39 22.69 6.53 -13.96
N GLY G 40 22.33 7.52 -14.79
CA GLY G 40 21.04 8.16 -14.69
C GLY G 40 21.14 9.67 -14.61
N GLU G 41 22.34 10.19 -14.84
CA GLU G 41 22.55 11.63 -14.71
C GLU G 41 21.95 12.39 -15.90
N CYS G 42 22.08 11.86 -17.10
CA CYS G 42 21.63 12.57 -18.28
C CYS G 42 20.11 12.71 -18.29
N HIS G 43 19.64 13.69 -19.06
CA HIS G 43 18.23 13.82 -19.39
C HIS G 43 18.12 14.48 -20.75
N MET G 44 17.38 13.85 -21.67
CA MET G 44 17.36 14.27 -23.05
C MET G 44 15.93 14.55 -23.52
N SER G 45 15.83 15.46 -24.49
CA SER G 45 14.57 15.75 -25.17
C SER G 45 14.83 15.86 -26.67
N GLU G 46 13.82 15.51 -27.45
CA GLU G 46 13.96 15.39 -28.89
C GLU G 46 12.78 16.06 -29.59
N SER G 47 12.99 16.52 -30.81
CA SER G 47 11.96 17.18 -31.57
C SER G 47 12.24 17.05 -33.06
N TYR G 48 11.16 16.96 -33.85
CA TYR G 48 11.25 16.95 -35.29
C TYR G 48 10.22 17.84 -35.98
N ILE G 49 9.23 18.35 -35.25
CA ILE G 49 8.06 18.97 -35.87
C ILE G 49 8.45 20.07 -36.85
N ASP G 50 9.67 20.60 -36.74
CA ASP G 50 10.09 21.72 -37.57
C ASP G 50 10.62 21.29 -38.93
N ARG G 51 10.72 19.98 -39.18
CA ARG G 51 11.36 19.44 -40.37
C ARG G 51 12.88 19.40 -40.19
N ASN G 52 13.35 19.86 -39.04
CA ASN G 52 14.77 19.81 -38.69
C ASN G 52 14.91 19.07 -37.38
N ALA G 53 15.73 18.02 -37.37
CA ALA G 53 15.89 17.21 -36.17
C ALA G 53 16.61 18.00 -35.10
N ASN G 54 16.16 17.87 -33.85
CA ASN G 54 16.78 18.59 -32.75
C ASN G 54 16.81 17.72 -31.52
N ILE G 55 17.96 17.69 -30.84
CA ILE G 55 18.12 16.93 -29.60
C ILE G 55 18.85 17.81 -28.60
N VAL G 56 18.26 17.98 -27.43
CA VAL G 56 18.84 18.77 -26.35
C VAL G 56 18.99 17.88 -25.13
N LEU G 57 20.22 17.65 -24.71
CA LEU G 57 20.49 16.75 -23.59
C LEU G 57 21.33 17.48 -22.55
N THR G 58 20.83 17.46 -21.31
CA THR G 58 21.53 18.04 -20.17
C THR G 58 22.18 16.91 -19.38
N GLY G 59 23.49 17.03 -19.16
CA GLY G 59 24.24 15.95 -18.57
C GLY G 59 24.96 16.32 -17.29
N TYR G 60 26.26 16.01 -17.25
CA TYR G 60 27.01 16.14 -16.00
C TYR G 60 27.20 17.58 -15.61
N GLY G 61 27.65 18.43 -16.54
CA GLY G 61 27.84 19.82 -16.23
C GLY G 61 27.56 20.77 -17.37
N LEU G 62 27.02 20.25 -18.48
CA LEU G 62 26.79 21.06 -19.66
C LEU G 62 25.57 20.53 -20.40
N GLU G 63 24.92 21.43 -21.13
CA GLU G 63 23.79 21.10 -21.97
C GLU G 63 24.21 21.19 -23.42
N ILE G 64 23.91 20.15 -24.20
CA ILE G 64 24.28 20.05 -25.60
C ILE G 64 23.02 20.10 -26.44
N ASN G 65 23.00 20.99 -27.43
CA ASN G 65 21.84 21.23 -28.28
C ASN G 65 22.29 21.04 -29.72
N MET G 66 21.84 19.95 -30.35
CA MET G 66 22.24 19.57 -31.70
C MET G 66 21.05 19.68 -32.63
N THR G 67 21.29 20.23 -33.82
CA THR G 67 20.24 20.39 -34.82
C THR G 67 20.77 19.93 -36.18
N ILE G 68 20.03 19.03 -36.81
CA ILE G 68 20.31 18.58 -38.18
C ILE G 68 19.26 19.19 -39.09
N MET G 69 19.73 19.89 -40.12
CA MET G 69 18.87 20.62 -41.04
C MET G 69 18.59 19.77 -42.27
N ASP G 70 17.32 19.64 -42.64
CA ASP G 70 16.89 18.83 -43.78
C ASP G 70 17.37 17.39 -43.63
N THR G 71 16.85 16.75 -42.58
CA THR G 71 17.43 15.50 -42.10
C THR G 71 16.67 14.25 -42.50
N ASP G 72 15.35 14.23 -42.37
CA ASP G 72 14.57 12.99 -42.51
C ASP G 72 14.94 11.98 -41.44
N GLN G 73 15.49 12.47 -40.32
CA GLN G 73 15.83 11.64 -39.18
C GLN G 73 15.34 12.32 -37.91
N ARG G 74 14.95 11.52 -36.94
CA ARG G 74 14.60 12.01 -35.62
C ARG G 74 15.38 11.22 -34.58
N PHE G 75 16.04 11.94 -33.68
CA PHE G 75 16.94 11.29 -32.73
C PHE G 75 16.15 10.38 -31.80
N VAL G 76 16.45 9.08 -31.86
CA VAL G 76 15.71 8.11 -31.07
C VAL G 76 16.25 8.03 -29.65
N ALA G 77 17.57 7.89 -29.50
CA ALA G 77 18.16 7.68 -28.19
C ALA G 77 19.56 8.28 -28.15
N ALA G 78 20.16 8.24 -26.97
CA ALA G 78 21.50 8.78 -26.77
C ALA G 78 22.12 8.13 -25.55
N ALA G 79 23.45 8.26 -25.45
CA ALA G 79 24.20 7.71 -24.34
C ALA G 79 25.37 8.63 -24.04
N GLU G 80 25.75 8.71 -22.77
CA GLU G 80 26.83 9.59 -22.36
C GLU G 80 27.79 8.84 -21.45
N GLY G 81 29.06 9.19 -21.54
CA GLY G 81 30.08 8.55 -20.73
C GLY G 81 31.23 9.49 -20.45
N VAL G 82 31.94 9.19 -19.36
CA VAL G 82 33.07 9.99 -18.91
C VAL G 82 34.31 9.11 -18.89
N GLY G 83 35.40 9.63 -19.45
CA GLY G 83 36.63 8.86 -19.54
C GLY G 83 37.79 9.50 -18.81
N LYS G 84 39.00 9.33 -19.34
CA LYS G 84 40.19 9.89 -18.72
C LYS G 84 40.39 11.34 -19.13
N ASP G 85 41.00 12.10 -18.22
CA ASP G 85 41.33 13.50 -18.48
C ASP G 85 40.08 14.34 -18.72
N ASN G 86 38.98 13.96 -18.08
CA ASN G 86 37.75 14.76 -18.08
C ASN G 86 37.23 14.98 -19.50
N LYS G 87 36.87 13.86 -20.13
CA LYS G 87 36.27 13.86 -21.46
C LYS G 87 34.88 13.26 -21.36
N LEU G 88 33.92 13.90 -22.05
CA LEU G 88 32.53 13.47 -22.03
C LEU G 88 32.14 13.10 -23.47
N SER G 89 31.88 11.82 -23.70
CA SER G 89 31.51 11.32 -25.01
C SER G 89 30.01 11.06 -25.06
N VAL G 90 29.36 11.59 -26.10
CA VAL G 90 27.93 11.43 -26.30
C VAL G 90 27.71 10.72 -27.63
N LEU G 91 27.04 9.59 -27.59
CA LEU G 91 26.58 8.88 -28.78
C LEU G 91 25.11 9.17 -29.00
N LEU G 92 24.72 9.36 -30.26
CA LEU G 92 23.35 9.69 -30.62
C LEU G 92 22.87 8.71 -31.68
N PHE G 93 21.73 8.08 -31.42
CA PHE G 93 21.14 7.09 -32.32
C PHE G 93 19.85 7.66 -32.89
N THR G 94 19.81 7.78 -34.22
CA THR G 94 18.66 8.28 -34.95
C THR G 94 17.93 7.11 -35.61
N THR G 95 16.78 7.43 -36.20
CA THR G 95 15.89 6.40 -36.75
C THR G 95 16.54 5.62 -37.90
N GLN G 96 16.79 6.28 -39.02
CA GLN G 96 17.32 5.57 -40.17
C GLN G 96 17.63 6.57 -41.27
N ARG G 97 18.50 6.17 -42.19
CA ARG G 97 18.97 7.04 -43.27
C ARG G 97 18.28 6.66 -44.57
N LEU G 98 17.77 7.66 -45.28
CA LEU G 98 17.10 7.44 -46.56
C LEU G 98 17.90 7.96 -47.75
N ASP G 99 18.73 8.98 -47.54
CA ASP G 99 19.49 9.58 -48.64
C ASP G 99 20.86 9.99 -48.14
N LYS G 100 21.78 10.17 -49.09
CA LYS G 100 23.14 10.62 -48.79
C LYS G 100 23.32 12.03 -49.33
N VAL G 101 23.18 13.01 -48.45
CA VAL G 101 23.28 14.41 -48.84
C VAL G 101 24.20 15.23 -47.94
N HIS G 102 24.80 14.63 -46.91
CA HIS G 102 25.73 15.34 -46.02
C HIS G 102 25.05 16.53 -45.34
N HIS G 103 24.09 16.19 -44.48
CA HIS G 103 23.35 17.21 -43.75
C HIS G 103 24.29 18.11 -42.97
N ASN G 104 23.90 19.38 -42.84
CA ASN G 104 24.60 20.31 -41.98
C ASN G 104 24.21 20.08 -40.52
N ILE G 105 25.00 20.67 -39.62
CA ILE G 105 24.76 20.49 -38.19
C ILE G 105 25.04 21.80 -37.45
N SER G 106 24.22 22.05 -36.44
CA SER G 106 24.41 23.18 -35.54
C SER G 106 24.48 22.66 -34.12
N VAL G 107 25.59 22.94 -33.43
CA VAL G 107 25.82 22.44 -32.09
C VAL G 107 26.08 23.61 -31.15
N THR G 108 25.36 23.64 -30.03
CA THR G 108 25.56 24.65 -29.01
C THR G 108 25.76 23.97 -27.66
N ILE G 109 26.85 24.33 -26.99
CA ILE G 109 27.25 23.73 -25.73
C ILE G 109 27.23 24.83 -24.66
N THR G 110 26.40 24.65 -23.64
CA THR G 110 26.22 25.66 -22.60
C THR G 110 26.69 25.10 -21.27
N CYS G 111 27.55 25.84 -20.57
CA CYS G 111 28.04 25.44 -19.25
C CYS G 111 27.01 25.84 -18.21
N MET G 112 26.41 24.84 -17.56
CA MET G 112 25.41 25.10 -16.53
C MET G 112 25.91 24.81 -15.13
N GLU G 113 27.21 24.60 -14.93
CA GLU G 113 27.71 24.30 -13.60
C GLU G 113 29.21 24.57 -13.54
N MET G 114 29.61 25.44 -12.62
CA MET G 114 31.00 25.64 -12.22
C MET G 114 31.82 26.46 -13.22
N ASN G 115 31.29 26.74 -14.41
CA ASN G 115 31.98 27.67 -15.29
C ASN G 115 31.03 28.50 -16.16
N CYS G 116 29.84 28.82 -15.67
CA CYS G 116 28.87 29.54 -16.50
C CYS G 116 29.50 30.81 -17.06
N GLY G 117 28.84 31.36 -18.08
CA GLY G 117 29.33 32.57 -18.70
C GLY G 117 28.52 32.87 -19.95
N THR G 118 28.99 33.88 -20.69
CA THR G 118 28.35 34.28 -21.93
C THR G 118 29.06 33.63 -23.12
N THR G 119 28.69 34.05 -24.32
CA THR G 119 29.22 33.43 -25.53
C THR G 119 30.71 33.68 -25.65
N LYS G 120 31.46 32.63 -26.00
CA LYS G 120 32.90 32.72 -26.19
C LYS G 120 33.36 32.24 -27.56
N TYR G 121 32.47 31.63 -28.35
CA TYR G 121 32.86 31.11 -29.65
C TYR G 121 31.62 30.94 -30.51
N ASP G 122 31.63 31.53 -31.71
CA ASP G 122 30.48 31.44 -32.60
C ASP G 122 30.88 31.19 -34.05
N SER G 123 32.00 30.53 -34.29
CA SER G 123 32.48 30.28 -35.64
C SER G 123 31.87 28.99 -36.18
N ASP G 124 32.23 28.63 -37.41
CA ASP G 124 31.76 27.40 -38.04
C ASP G 124 32.95 26.57 -38.49
N LEU G 125 32.74 25.25 -38.51
CA LEU G 125 33.80 24.31 -38.83
C LEU G 125 33.64 23.80 -40.25
N PRO G 126 34.68 23.90 -41.09
CA PRO G 126 34.48 23.57 -42.51
C PRO G 126 34.36 22.07 -42.78
N GLU G 127 35.18 21.25 -42.15
CA GLU G 127 35.20 19.81 -42.40
C GLU G 127 35.51 19.52 -43.86
N SER G 128 36.72 19.87 -44.27
CA SER G 128 37.16 19.70 -45.64
C SER G 128 37.62 18.27 -45.94
N ILE G 129 37.26 17.32 -45.08
CA ILE G 129 37.50 15.90 -45.40
C ILE G 129 36.85 15.57 -46.73
N HIS G 130 35.59 15.98 -46.90
CA HIS G 130 34.94 16.05 -48.20
C HIS G 130 34.54 17.47 -48.58
N HIS G 131 34.54 18.40 -47.64
CA HIS G 131 34.24 19.81 -47.91
C HIS G 131 32.85 19.98 -48.54
N LYS G 132 31.85 19.41 -47.88
CA LYS G 132 30.48 19.50 -48.37
C LYS G 132 29.53 19.94 -47.26
N SER G 133 29.90 19.68 -46.00
CA SER G 133 29.07 20.00 -44.86
C SER G 133 29.79 20.97 -43.93
N SER G 134 29.02 21.80 -43.25
CA SER G 134 29.56 22.76 -42.30
C SER G 134 28.77 22.69 -41.00
N CYS G 135 29.48 22.70 -39.88
CA CYS G 135 28.89 22.66 -38.55
C CYS G 135 29.12 23.98 -37.84
N ASP G 136 28.04 24.58 -37.35
CA ASP G 136 28.14 25.85 -36.64
C ASP G 136 28.12 25.60 -35.13
N ILE G 137 29.22 25.95 -34.47
CA ILE G 137 29.42 25.65 -33.05
C ILE G 137 29.31 26.95 -32.26
N THR G 138 28.49 26.94 -31.22
CA THR G 138 28.37 28.05 -30.30
C THR G 138 28.59 27.55 -28.88
N ILE G 139 29.54 28.17 -28.18
CA ILE G 139 29.92 27.74 -26.84
C ILE G 139 29.59 28.88 -25.87
N ASN G 140 28.81 28.57 -24.84
CA ASN G 140 28.56 29.49 -23.75
C ASN G 140 29.29 29.00 -22.51
N GLY G 141 30.21 29.81 -22.01
CA GLY G 141 31.00 29.45 -20.86
C GLY G 141 32.47 29.30 -21.19
N SER G 142 33.20 28.70 -20.24
CA SER G 142 34.60 28.39 -20.43
C SER G 142 34.90 26.93 -20.08
N CYS G 143 33.87 26.09 -19.97
CA CYS G 143 34.04 24.70 -19.57
C CYS G 143 34.20 23.78 -20.78
N VAL G 144 35.10 24.14 -21.69
CA VAL G 144 35.34 23.34 -22.89
C VAL G 144 36.78 23.56 -23.35
N THR G 145 37.45 22.47 -23.68
CA THR G 145 38.80 22.50 -24.23
C THR G 145 38.91 21.80 -25.57
N CYS G 146 38.23 20.67 -25.75
CA CYS G 146 38.21 19.97 -27.03
C CYS G 146 36.78 19.77 -27.47
N VAL G 147 36.54 19.75 -28.78
CA VAL G 147 35.23 19.42 -29.32
C VAL G 147 35.43 18.64 -30.62
N ASN G 148 35.03 17.37 -30.62
CA ASN G 148 35.13 16.53 -31.80
C ASN G 148 33.75 15.97 -32.11
N LEU G 149 33.43 15.86 -33.40
CA LEU G 149 32.13 15.39 -33.84
C LEU G 149 32.29 14.50 -35.06
N GLU G 150 31.96 13.22 -34.92
CA GLU G 150 32.05 12.25 -36.01
C GLU G 150 30.63 11.86 -36.41
N THR G 151 30.24 12.29 -37.61
CA THR G 151 28.95 11.93 -38.19
C THR G 151 29.09 10.67 -39.03
N ASP G 152 28.21 9.71 -38.79
CA ASP G 152 28.28 8.42 -39.45
C ASP G 152 29.56 7.70 -39.06
N PRO G 153 29.76 7.41 -37.78
CA PRO G 153 30.98 6.71 -37.37
C PRO G 153 31.02 5.31 -37.97
N THR G 154 32.24 4.87 -38.29
CA THR G 154 32.48 3.53 -38.80
C THR G 154 33.05 2.60 -37.74
N LYS G 155 33.20 3.06 -36.50
CA LYS G 155 33.71 2.24 -35.42
C LYS G 155 32.58 1.44 -34.78
N ILE G 156 32.86 0.81 -33.65
CA ILE G 156 31.91 -0.08 -33.01
C ILE G 156 31.01 0.69 -32.06
N ASN G 157 29.95 1.30 -32.60
CA ASN G 157 28.93 1.92 -31.76
C ASN G 157 28.33 0.93 -30.76
N PRO G 158 28.05 -0.32 -31.12
CA PRO G 158 27.40 -1.24 -30.16
C PRO G 158 28.23 -1.40 -28.90
N HIS G 159 27.71 -0.87 -27.80
CA HIS G 159 28.33 -0.98 -26.49
C HIS G 159 27.59 -2.04 -25.69
N TYR G 160 28.32 -2.98 -25.11
CA TYR G 160 27.71 -4.16 -24.51
C TYR G 160 26.78 -4.83 -25.51
N LEU G 161 27.28 -4.97 -26.73
CA LEU G 161 26.44 -5.37 -27.86
C LEU G 161 25.69 -6.65 -27.56
N HIS G 162 24.37 -6.54 -27.46
CA HIS G 162 23.70 -5.25 -27.57
C HIS G 162 22.70 -5.08 -26.44
N PRO G 163 22.13 -3.88 -26.31
CA PRO G 163 21.07 -3.68 -25.30
C PRO G 163 19.98 -4.74 -25.44
N LYS G 164 19.15 -4.85 -24.40
CA LYS G 164 18.28 -6.00 -24.27
C LYS G 164 17.46 -6.26 -25.52
N ASP G 165 16.83 -5.23 -26.08
CA ASP G 165 15.91 -5.43 -27.19
C ASP G 165 16.24 -4.60 -28.42
N LYS G 166 16.95 -3.49 -28.27
CA LYS G 166 17.16 -2.58 -29.38
C LYS G 166 18.09 -3.20 -30.42
N TYR G 167 17.85 -2.86 -31.69
CA TYR G 167 18.71 -3.25 -32.80
C TYR G 167 19.51 -2.04 -33.23
N LEU G 168 20.80 -2.25 -33.53
CA LEU G 168 21.71 -1.17 -33.84
C LEU G 168 22.36 -1.40 -35.20
N TYR G 169 22.43 -0.33 -36.00
CA TYR G 169 23.08 -0.34 -37.30
C TYR G 169 24.11 0.77 -37.36
N ARG G 170 25.02 0.67 -38.32
CA ARG G 170 26.07 1.67 -38.46
C ARG G 170 26.53 1.72 -39.90
N ASN G 171 26.91 2.91 -40.34
CA ASN G 171 27.38 3.08 -41.70
C ASN G 171 28.68 2.34 -41.93
N SER G 172 28.79 1.68 -43.09
CA SER G 172 30.01 1.01 -43.49
C SER G 172 30.63 1.60 -44.75
N GLU G 173 30.15 2.75 -45.20
CA GLU G 173 30.68 3.41 -46.39
C GLU G 173 31.54 4.58 -45.95
N TYR G 174 32.83 4.52 -46.28
CA TYR G 174 33.78 5.53 -45.82
C TYR G 174 33.43 6.92 -46.35
N GLY G 175 32.76 6.99 -47.51
CA GLY G 175 32.49 8.27 -48.13
C GLY G 175 31.53 9.16 -47.37
N MET G 176 30.77 8.61 -46.43
CA MET G 176 29.76 9.39 -45.70
C MET G 176 30.25 9.92 -44.37
N ARG G 177 31.33 9.38 -43.82
CA ARG G 177 31.79 9.83 -42.51
C ARG G 177 32.26 11.28 -42.57
N GLY G 178 31.96 12.02 -41.51
CA GLY G 178 32.39 13.40 -41.42
C GLY G 178 33.02 13.67 -40.07
N SER G 179 34.07 14.48 -40.07
CA SER G 179 34.81 14.81 -38.87
C SER G 179 34.90 16.32 -38.72
N TYR G 180 34.39 16.83 -37.61
CA TYR G 180 34.48 18.24 -37.25
C TYR G 180 35.29 18.35 -35.96
N GLY G 181 36.23 19.29 -35.92
CA GLY G 181 37.06 19.43 -34.74
C GLY G 181 37.43 20.85 -34.40
N VAL G 182 37.47 21.15 -33.11
CA VAL G 182 37.91 22.46 -32.63
C VAL G 182 38.60 22.27 -31.28
N THR G 183 39.84 22.76 -31.19
CA THR G 183 40.63 22.62 -29.99
C THR G 183 41.18 23.98 -29.58
N PHE G 184 41.25 24.20 -28.27
CA PHE G 184 41.79 25.43 -27.70
C PHE G 184 43.14 25.25 -27.04
N MET G 185 43.45 24.04 -26.59
CA MET G 185 44.77 23.70 -26.08
C MET G 185 45.70 23.33 -27.23
N ASP G 186 46.85 22.76 -26.88
CA ASP G 186 47.85 22.41 -27.89
C ASP G 186 47.73 20.94 -28.31
N GLU G 187 47.47 20.73 -29.59
CA GLU G 187 47.50 19.41 -30.22
C GLU G 187 46.75 18.36 -29.39
N LEU G 188 45.44 18.55 -29.31
CA LEU G 188 44.56 17.61 -28.61
C LEU G 188 43.78 16.71 -29.57
N ASN G 189 44.37 16.36 -30.71
CA ASN G 189 43.69 15.48 -31.65
C ASN G 189 43.47 14.11 -31.04
N GLN G 190 42.37 13.47 -31.43
CA GLN G 190 41.96 12.18 -30.85
C GLN G 190 41.77 12.31 -29.34
N CYS G 191 40.78 13.13 -28.98
CA CYS G 191 40.61 13.53 -27.59
C CYS G 191 40.42 12.32 -26.67
N PHE G 192 39.92 11.20 -27.21
CA PHE G 192 39.87 9.95 -26.45
C PHE G 192 39.28 8.87 -27.34
N LEU G 193 39.35 7.63 -26.88
CA LEU G 193 38.95 6.46 -27.66
C LEU G 193 37.79 5.74 -26.98
N ASP G 194 37.00 5.05 -27.81
CA ASP G 194 35.73 4.49 -27.34
C ASP G 194 35.95 3.44 -26.25
N ILE G 195 36.61 2.34 -26.59
CA ILE G 195 36.67 1.17 -25.71
C ILE G 195 37.63 1.51 -24.57
N LYS G 196 37.07 1.94 -23.44
CA LYS G 196 37.83 2.28 -22.25
C LYS G 196 36.93 2.03 -21.04
N GLU G 197 37.31 2.58 -19.89
CA GLU G 197 36.50 2.48 -18.69
C GLU G 197 35.16 3.19 -18.88
N VAL G 198 34.95 3.77 -20.06
CA VAL G 198 33.67 4.39 -20.38
C VAL G 198 32.56 3.39 -20.15
N SER G 199 31.62 3.73 -19.27
CA SER G 199 30.53 2.83 -18.92
C SER G 199 29.36 2.94 -19.89
N TYR G 200 29.05 4.15 -20.36
CA TYR G 200 28.00 4.36 -21.35
C TYR G 200 26.64 3.88 -20.85
N ASP G 201 26.15 4.57 -19.81
CA ASP G 201 24.77 4.37 -19.36
C ASP G 201 23.80 5.05 -20.31
N ILE G 202 22.63 4.44 -20.49
CA ILE G 202 21.65 4.99 -21.41
C ILE G 202 21.26 6.39 -20.96
N CYS G 203 21.02 7.27 -21.93
CA CYS G 203 20.78 8.68 -21.66
C CYS G 203 19.27 8.94 -21.67
N TYR G 204 18.67 8.75 -20.50
CA TYR G 204 17.27 9.11 -20.26
C TYR G 204 16.81 8.56 -18.91
N MET H 1 40.93 5.60 -48.64
CA MET H 1 40.75 5.86 -50.06
C MET H 1 42.07 5.79 -50.82
N LEU H 2 43.18 5.86 -50.08
CA LEU H 2 44.51 5.83 -50.67
C LEU H 2 45.24 4.61 -50.14
N LYS H 3 45.46 3.61 -51.00
CA LYS H 3 46.20 2.41 -50.66
C LYS H 3 47.58 2.48 -51.29
N ILE H 4 48.61 2.34 -50.46
CA ILE H 4 50.00 2.42 -50.91
C ILE H 4 50.68 1.09 -50.60
N GLN H 5 51.33 0.52 -51.62
CA GLN H 5 52.07 -0.72 -51.49
C GLN H 5 53.54 -0.44 -51.77
N ALA H 6 54.41 -1.06 -50.98
CA ALA H 6 55.85 -0.86 -51.12
C ALA H 6 56.55 -2.20 -51.14
N TYR H 7 57.63 -2.28 -51.90
CA TYR H 7 58.44 -3.49 -51.96
C TYR H 7 59.11 -3.72 -50.61
N PHE H 8 59.70 -4.90 -50.46
CA PHE H 8 60.34 -5.25 -49.19
C PHE H 8 61.43 -4.23 -48.86
N ASN H 9 61.29 -3.58 -47.71
CA ASN H 9 62.21 -2.52 -47.29
C ASN H 9 62.31 -1.44 -48.36
N GLU H 10 61.17 -1.13 -48.97
CA GLU H 10 61.08 -0.04 -49.92
C GLU H 10 60.87 1.28 -49.17
N THR H 11 60.90 2.39 -49.90
CA THR H 11 60.69 3.71 -49.34
C THR H 11 59.19 4.01 -49.28
N ALA H 12 58.76 4.69 -48.22
CA ALA H 12 57.36 4.99 -48.00
C ALA H 12 57.10 6.48 -48.18
N ASP H 13 56.00 6.81 -48.84
CA ASP H 13 55.59 8.19 -49.05
C ASP H 13 54.13 8.36 -48.64
N LEU H 14 53.87 9.38 -47.84
CA LEU H 14 52.53 9.70 -47.36
C LEU H 14 52.13 11.08 -47.87
N PRO H 15 51.38 11.16 -48.98
CA PRO H 15 50.75 12.43 -49.35
C PRO H 15 49.31 12.47 -48.87
N CYS H 16 48.72 13.66 -48.74
CA CYS H 16 47.31 13.76 -48.39
C CYS H 16 46.54 14.78 -49.21
N GLN H 17 47.20 15.47 -50.16
CA GLN H 17 46.52 16.22 -51.21
C GLN H 17 45.56 17.26 -50.63
N PHE H 18 46.15 18.23 -49.94
CA PHE H 18 45.37 19.35 -49.41
C PHE H 18 44.98 20.27 -50.56
N ALA H 19 43.67 20.42 -50.79
CA ALA H 19 43.21 21.23 -51.90
C ALA H 19 43.62 22.69 -51.75
N ASN H 20 43.50 23.23 -50.55
CA ASN H 20 43.90 24.62 -50.27
C ASN H 20 43.15 25.59 -51.18
N SER H 21 41.82 25.56 -51.06
CA SER H 21 40.99 26.45 -51.88
C SER H 21 41.16 27.92 -51.49
N GLN H 22 41.56 28.19 -50.24
CA GLN H 22 41.70 29.56 -49.77
C GLN H 22 43.06 30.16 -50.07
N ASN H 23 43.96 29.41 -50.70
CA ASN H 23 45.31 29.89 -51.00
C ASN H 23 46.01 30.35 -49.72
N GLN H 24 45.89 29.54 -48.68
CA GLN H 24 46.51 29.83 -47.40
C GLN H 24 48.00 29.51 -47.47
N SER H 25 48.75 29.99 -46.47
CA SER H 25 50.19 29.83 -46.41
C SER H 25 50.57 28.98 -45.21
N LEU H 26 51.79 28.41 -45.28
CA LEU H 26 52.25 27.52 -44.23
C LEU H 26 52.48 28.24 -42.91
N SER H 27 52.53 29.58 -42.93
CA SER H 27 52.82 30.32 -41.71
C SER H 27 51.63 30.36 -40.75
N GLU H 28 50.44 29.98 -41.20
CA GLU H 28 49.25 30.02 -40.35
C GLU H 28 48.60 28.64 -40.19
N LEU H 29 49.33 27.57 -40.47
CA LEU H 29 48.77 26.23 -40.40
C LEU H 29 49.73 25.30 -39.68
N VAL H 30 49.16 24.24 -39.10
CA VAL H 30 49.94 23.17 -38.49
C VAL H 30 49.51 21.85 -39.11
N VAL H 31 50.47 20.93 -39.21
CA VAL H 31 50.26 19.64 -39.85
C VAL H 31 50.76 18.53 -38.94
N PHE H 32 49.96 17.48 -38.80
CA PHE H 32 50.31 16.31 -38.02
C PHE H 32 50.08 15.06 -38.85
N TRP H 33 51.01 14.12 -38.74
CA TRP H 33 50.83 12.78 -39.27
C TRP H 33 50.92 11.82 -38.10
N GLN H 34 49.88 11.02 -37.89
CA GLN H 34 49.85 10.13 -36.75
C GLN H 34 49.44 8.74 -37.21
N ASP H 35 49.86 7.73 -36.45
CA ASP H 35 49.62 6.33 -36.78
C ASP H 35 48.37 5.85 -36.06
N GLN H 36 48.12 4.53 -36.14
CA GLN H 36 46.93 3.94 -35.55
C GLN H 36 47.00 3.83 -34.04
N GLU H 37 48.18 4.03 -33.44
CA GLU H 37 48.33 3.96 -31.99
C GLU H 37 48.32 5.33 -31.34
N ASN H 38 48.07 6.39 -32.12
CA ASN H 38 47.99 7.78 -31.64
C ASN H 38 49.36 8.39 -31.40
N LEU H 39 50.43 7.77 -31.88
CA LEU H 39 51.77 8.34 -31.74
C LEU H 39 52.07 9.29 -32.89
N VAL H 40 52.70 10.41 -32.56
CA VAL H 40 52.99 11.44 -33.56
C VAL H 40 54.17 11.02 -34.41
N LEU H 41 54.20 11.53 -35.65
CA LEU H 41 55.28 11.27 -36.59
C LEU H 41 56.05 12.52 -36.98
N ASN H 42 55.38 13.66 -37.09
CA ASN H 42 56.03 14.90 -37.49
C ASN H 42 55.08 16.06 -37.25
N GLU H 43 55.63 17.26 -37.19
CA GLU H 43 54.84 18.46 -36.99
C GLU H 43 55.52 19.64 -37.66
N VAL H 44 54.75 20.41 -38.41
CA VAL H 44 55.23 21.60 -39.11
C VAL H 44 54.45 22.77 -38.54
N TYR H 45 55.02 23.44 -37.54
CA TYR H 45 54.34 24.54 -36.87
C TYR H 45 54.62 25.84 -37.62
N LEU H 46 53.58 26.41 -38.22
CA LEU H 46 53.64 27.72 -38.87
C LEU H 46 54.85 27.86 -39.81
N GLY H 47 55.30 26.76 -40.41
CA GLY H 47 56.35 26.80 -41.41
C GLY H 47 57.67 26.22 -40.97
N LYS H 48 57.86 25.90 -39.70
CA LYS H 48 59.10 25.34 -39.20
C LYS H 48 58.85 23.98 -38.58
N GLU H 49 59.74 23.03 -38.84
CA GLU H 49 59.60 21.69 -38.29
C GLU H 49 59.78 21.71 -36.78
N LYS H 50 59.08 20.82 -36.09
CA LYS H 50 59.26 20.63 -34.66
C LYS H 50 59.33 19.14 -34.35
N PHE H 51 60.14 18.80 -33.35
CA PHE H 51 60.35 17.41 -32.93
C PHE H 51 60.16 17.28 -31.42
N ASP H 52 59.06 17.83 -30.92
CA ASP H 52 58.84 17.90 -29.48
C ASP H 52 58.15 16.67 -28.91
N SER H 53 57.43 15.89 -29.74
CA SER H 53 56.69 14.74 -29.22
C SER H 53 56.89 13.46 -30.01
N VAL H 54 57.72 13.48 -31.06
CA VAL H 54 57.90 12.28 -31.87
C VAL H 54 58.53 11.17 -31.03
N HIS H 55 57.99 9.96 -31.16
CA HIS H 55 58.58 8.81 -30.50
C HIS H 55 59.97 8.52 -31.06
N SER H 56 60.81 7.92 -30.24
CA SER H 56 62.20 7.71 -30.62
C SER H 56 62.32 6.92 -31.93
N LYS H 57 61.51 5.88 -32.08
CA LYS H 57 61.60 5.06 -33.29
C LYS H 57 61.25 5.86 -34.54
N TYR H 58 60.49 6.93 -34.39
CA TYR H 58 60.10 7.77 -35.52
C TYR H 58 61.03 8.95 -35.74
N MET H 59 62.07 9.10 -34.92
CA MET H 59 62.97 10.24 -35.05
C MET H 59 63.92 10.06 -36.22
N GLY H 60 64.12 11.14 -36.98
CA GLY H 60 65.10 11.17 -38.05
C GLY H 60 64.62 10.58 -39.36
N ARG H 61 63.84 9.50 -39.29
CA ARG H 61 63.40 8.83 -40.51
C ARG H 61 62.40 9.64 -41.32
N THR H 62 61.88 10.74 -40.78
CA THR H 62 60.88 11.55 -41.44
C THR H 62 61.54 12.69 -42.21
N SER H 63 60.84 13.15 -43.24
CA SER H 63 61.27 14.30 -44.02
C SER H 63 60.05 14.94 -44.65
N PHE H 64 59.97 16.27 -44.55
CA PHE H 64 58.82 17.02 -45.03
C PHE H 64 59.21 17.87 -46.24
N ASP H 65 58.28 17.96 -47.18
CA ASP H 65 58.47 18.71 -48.42
C ASP H 65 57.49 19.87 -48.46
N SER H 66 57.90 20.96 -49.12
CA SER H 66 57.06 22.15 -49.18
C SER H 66 56.01 22.05 -50.27
N ASP H 67 56.45 21.93 -51.53
CA ASP H 67 55.52 22.00 -52.65
C ASP H 67 54.66 20.74 -52.74
N SER H 68 55.26 19.57 -52.54
CA SER H 68 54.53 18.31 -52.71
C SER H 68 53.61 17.99 -51.53
N TRP H 69 53.84 18.58 -50.37
CA TRP H 69 53.04 18.29 -49.18
C TRP H 69 53.03 16.79 -48.88
N THR H 70 54.18 16.15 -49.07
CA THR H 70 54.32 14.72 -48.88
C THR H 70 55.40 14.44 -47.85
N LEU H 71 55.11 13.51 -46.94
CA LEU H 71 56.08 13.08 -45.93
C LEU H 71 56.77 11.81 -46.40
N ARG H 72 58.10 11.80 -46.34
CA ARG H 72 58.90 10.68 -46.83
C ARG H 72 59.44 9.90 -45.63
N LEU H 73 58.92 8.70 -45.43
CA LEU H 73 59.36 7.82 -44.35
C LEU H 73 60.25 6.73 -44.93
N HIS H 74 61.39 6.52 -44.29
CA HIS H 74 62.40 5.57 -44.73
C HIS H 74 62.54 4.44 -43.72
N ASN H 75 63.27 3.40 -44.12
CA ASN H 75 63.52 2.24 -43.27
C ASN H 75 62.21 1.56 -42.86
N LEU H 76 61.46 1.14 -43.88
CA LEU H 76 60.23 0.42 -43.62
C LEU H 76 60.52 -0.91 -42.93
N GLN H 77 59.54 -1.41 -42.19
CA GLN H 77 59.66 -2.64 -41.43
C GLN H 77 58.38 -3.45 -41.58
N ILE H 78 58.48 -4.74 -41.23
CA ILE H 78 57.32 -5.62 -41.37
C ILE H 78 56.19 -5.18 -40.45
N LYS H 79 56.52 -4.67 -39.27
CA LYS H 79 55.53 -4.31 -38.28
C LYS H 79 55.07 -2.86 -38.39
N ASP H 80 55.53 -2.12 -39.39
CA ASP H 80 55.16 -0.72 -39.54
C ASP H 80 53.90 -0.52 -40.37
N LYS H 81 53.27 -1.60 -40.86
CA LYS H 81 52.05 -1.45 -41.62
C LYS H 81 50.93 -0.93 -40.73
N GLY H 82 50.14 -0.01 -41.26
CA GLY H 82 49.07 0.58 -40.49
C GLY H 82 48.48 1.78 -41.20
N LEU H 83 47.65 2.52 -40.47
CA LEU H 83 46.92 3.67 -40.98
C LEU H 83 47.55 4.96 -40.47
N TYR H 84 47.72 5.91 -41.38
CA TYR H 84 48.31 7.21 -41.09
C TYR H 84 47.31 8.30 -41.45
N GLN H 85 47.31 9.37 -40.66
CA GLN H 85 46.34 10.44 -40.80
C GLN H 85 47.06 11.77 -41.04
N CYS H 86 46.49 12.56 -41.95
CA CYS H 86 47.04 13.88 -42.29
C CYS H 86 46.09 14.94 -41.75
N ILE H 87 46.36 15.38 -40.53
CA ILE H 87 45.51 16.35 -39.85
C ILE H 87 46.10 17.74 -40.06
N ILE H 88 45.32 18.63 -40.66
CA ILE H 88 45.72 20.01 -40.89
C ILE H 88 44.84 20.91 -40.03
N HIS H 89 45.47 21.77 -39.24
CA HIS H 89 44.78 22.66 -38.32
C HIS H 89 45.13 24.11 -38.64
N HIS H 90 44.16 25.00 -38.44
CA HIS H 90 44.33 26.43 -38.67
C HIS H 90 44.45 27.11 -37.31
N LYS H 91 45.57 27.81 -37.10
CA LYS H 91 45.87 28.43 -35.82
C LYS H 91 45.32 29.85 -35.81
N LYS H 92 44.02 29.97 -35.55
CA LYS H 92 43.42 31.28 -35.36
C LYS H 92 43.71 31.79 -33.95
N PRO H 93 43.61 33.10 -33.75
CA PRO H 93 43.85 33.65 -32.40
C PRO H 93 42.96 33.04 -31.34
N THR H 94 41.71 32.70 -31.69
CA THR H 94 40.79 32.11 -30.72
C THR H 94 41.15 30.66 -30.44
N GLY H 95 41.15 29.83 -31.49
CA GLY H 95 41.49 28.43 -31.33
C GLY H 95 41.85 27.83 -32.67
N MET H 96 42.15 26.52 -32.64
CA MET H 96 42.52 25.79 -33.83
C MET H 96 41.35 24.93 -34.27
N ILE H 97 40.98 25.02 -35.55
CA ILE H 97 39.85 24.29 -36.12
C ILE H 97 40.37 23.43 -37.27
N ARG H 98 39.99 22.16 -37.26
CA ARG H 98 40.50 21.20 -38.24
C ARG H 98 39.93 21.53 -39.61
N ILE H 99 40.80 21.63 -40.60
CA ILE H 99 40.41 22.03 -41.95
C ILE H 99 40.76 21.00 -43.01
N HIS H 100 41.34 19.86 -42.62
CA HIS H 100 41.58 18.80 -43.58
C HIS H 100 42.10 17.56 -42.87
N GLN H 101 41.73 16.39 -43.41
CA GLN H 101 42.10 15.11 -42.84
C GLN H 101 42.02 14.07 -43.95
N MET H 102 43.02 13.18 -44.01
CA MET H 102 43.08 12.18 -45.07
C MET H 102 43.75 10.93 -44.52
N ASN H 103 43.09 9.78 -44.68
CA ASN H 103 43.62 8.51 -44.21
C ASN H 103 44.45 7.85 -45.30
N SER H 104 45.43 7.05 -44.88
CA SER H 104 46.24 6.28 -45.82
C SER H 104 46.78 5.05 -45.12
N GLU H 105 46.45 3.86 -45.64
CA GLU H 105 46.88 2.61 -45.07
C GLU H 105 48.03 2.03 -45.91
N LEU H 106 49.11 1.65 -45.23
CA LEU H 106 50.28 1.11 -45.91
C LEU H 106 50.65 -0.25 -45.34
N SER H 107 51.04 -1.17 -46.22
CA SER H 107 51.51 -2.50 -45.86
C SER H 107 52.76 -2.82 -46.67
N VAL H 108 53.55 -3.76 -46.16
CA VAL H 108 54.82 -4.12 -46.75
C VAL H 108 54.76 -5.58 -47.20
N LEU H 109 55.87 -6.03 -47.80
CA LEU H 109 55.94 -7.39 -48.32
C LEU H 109 55.70 -8.40 -47.20
N ALA H 110 54.94 -9.44 -47.52
CA ALA H 110 54.59 -10.46 -46.54
C ALA H 110 54.89 -11.86 -47.07
N THR I 9 32.25 32.75 -16.81
CA THR I 9 32.74 33.31 -15.55
C THR I 9 31.75 34.32 -15.00
N ILE I 10 31.07 35.03 -15.89
CA ILE I 10 30.19 36.12 -15.47
C ILE I 10 28.98 35.58 -14.71
N CYS I 11 28.45 34.45 -15.14
CA CYS I 11 27.17 34.03 -14.59
C CYS I 11 27.34 32.87 -13.62
N PRO I 12 26.58 32.85 -12.53
CA PRO I 12 26.44 31.63 -11.73
C PRO I 12 25.34 30.74 -12.31
N PRO I 13 25.47 29.42 -12.17
CA PRO I 13 24.52 28.52 -12.86
C PRO I 13 23.06 28.74 -12.48
N ARG I 14 22.76 29.00 -11.20
CA ARG I 14 21.40 29.14 -10.71
C ARG I 14 20.60 27.86 -10.96
N GLN I 15 21.08 26.78 -10.35
CA GLN I 15 20.53 25.44 -10.54
C GLN I 15 19.67 25.05 -9.33
N ASP I 16 19.27 23.78 -9.30
CA ASP I 16 18.57 23.23 -8.15
C ASP I 16 19.55 22.81 -7.06
N TYR I 17 20.40 21.84 -7.35
CA TYR I 17 21.40 21.36 -6.42
C TYR I 17 22.75 21.30 -7.11
N ARG I 18 23.82 21.53 -6.35
CA ARG I 18 25.16 21.62 -6.90
C ARG I 18 26.03 20.48 -6.40
N TYR I 19 26.79 19.87 -7.32
CA TYR I 19 27.83 18.94 -6.95
C TYR I 19 29.12 19.63 -6.56
N TRP I 20 29.24 20.92 -6.88
CA TRP I 20 30.45 21.69 -6.59
C TRP I 20 30.22 22.57 -5.37
N TYR I 21 31.19 22.57 -4.45
CA TYR I 21 31.11 23.28 -3.17
C TYR I 21 32.28 24.23 -3.01
N PHE I 22 32.34 24.89 -1.86
CA PHE I 22 33.40 25.81 -1.48
C PHE I 22 33.47 25.83 0.05
N ALA I 23 33.90 26.94 0.63
CA ALA I 23 34.09 26.97 2.09
C ALA I 23 33.79 28.35 2.68
N ALA I 24 33.28 28.35 3.91
CA ALA I 24 33.27 29.49 4.82
C ALA I 24 32.66 29.05 6.15
N GLU I 25 33.38 29.27 7.25
CA GLU I 25 33.00 28.63 8.50
C GLU I 25 32.74 29.66 9.60
N LEU I 26 32.07 29.20 10.65
CA LEU I 26 31.88 30.03 11.84
C LEU I 26 31.56 29.13 13.02
N THR I 27 31.72 29.70 14.22
CA THR I 27 31.48 28.99 15.47
C THR I 27 30.81 29.92 16.46
N ILE I 28 29.79 29.39 17.15
CA ILE I 28 29.03 30.12 18.15
C ILE I 28 29.14 29.39 19.48
N GLY I 29 29.61 30.10 20.50
CA GLY I 29 29.71 29.54 21.83
C GLY I 29 28.56 30.02 22.70
N VAL I 30 27.63 29.10 22.98
CA VAL I 30 26.39 29.41 23.68
C VAL I 30 26.47 28.85 25.08
N ASN I 31 25.71 29.46 26.00
CA ASN I 31 25.83 29.12 27.41
C ASN I 31 24.97 27.91 27.80
N TYR I 32 23.73 27.82 27.31
CA TYR I 32 22.90 26.69 27.66
C TYR I 32 23.47 25.41 27.06
N ASP I 33 22.84 24.29 27.38
CA ASP I 33 23.44 22.97 27.21
C ASP I 33 22.99 22.33 25.90
N ILE I 34 23.95 21.84 25.13
CA ILE I 34 23.72 21.00 23.97
C ILE I 34 24.59 19.75 24.12
N ASN I 35 23.97 18.57 24.05
CA ASN I 35 24.70 17.34 24.30
C ASN I 35 25.49 16.87 23.08
N SER I 36 24.81 16.56 21.99
CA SER I 36 25.46 15.99 20.82
C SER I 36 24.61 16.26 19.59
N THR I 37 25.15 15.90 18.43
CA THR I 37 24.44 16.10 17.17
C THR I 37 23.23 15.20 17.08
N ILE I 38 22.22 15.67 16.36
CA ILE I 38 20.95 14.95 16.24
C ILE I 38 20.72 14.35 14.86
N MET I 39 21.56 14.69 13.87
CA MET I 39 21.46 14.09 12.54
C MET I 39 20.09 14.36 11.91
N GLY I 40 19.84 15.63 11.62
CA GLY I 40 18.62 16.03 10.96
C GLY I 40 17.94 17.20 11.66
N GLU I 41 18.63 17.80 12.62
CA GLU I 41 18.04 18.88 13.40
C GLU I 41 17.97 20.18 12.60
N CYS I 42 19.01 20.47 11.82
CA CYS I 42 19.07 21.75 11.13
C CYS I 42 18.02 21.82 10.02
N HIS I 43 17.69 23.05 9.64
CA HIS I 43 16.90 23.31 8.44
C HIS I 43 17.31 24.68 7.90
N MET I 44 17.71 24.73 6.63
CA MET I 44 18.28 25.94 6.06
C MET I 44 17.54 26.35 4.79
N SER I 45 17.53 27.66 4.54
CA SER I 45 16.96 28.24 3.34
C SER I 45 17.93 29.24 2.75
N GLU I 46 17.90 29.37 1.42
CA GLU I 46 18.86 30.17 0.69
C GLU I 46 18.14 31.09 -0.29
N SER I 47 18.78 32.22 -0.59
CA SER I 47 18.21 33.19 -1.51
C SER I 47 19.33 33.98 -2.18
N TYR I 48 19.12 34.34 -3.44
CA TYR I 48 20.04 35.20 -4.17
C TYR I 48 19.37 36.27 -5.00
N ILE I 49 18.04 36.24 -5.17
CA ILE I 49 17.37 37.05 -6.17
C ILE I 49 17.73 38.53 -6.04
N ASP I 50 18.26 38.94 -4.90
CA ASP I 50 18.51 40.35 -4.63
C ASP I 50 19.90 40.80 -5.09
N ARG I 51 20.73 39.89 -5.59
CA ARG I 51 22.13 40.18 -5.89
C ARG I 51 22.98 40.11 -4.63
N ASN I 52 22.34 39.79 -3.50
CA ASN I 52 23.02 39.56 -2.23
C ASN I 52 22.71 38.16 -1.75
N ALA I 53 23.74 37.38 -1.45
CA ALA I 53 23.53 35.99 -1.08
C ALA I 53 23.11 35.88 0.38
N ASN I 54 22.00 35.21 0.64
CA ASN I 54 21.47 35.14 1.99
C ASN I 54 21.15 33.70 2.36
N ILE I 55 21.56 33.30 3.55
CA ILE I 55 21.30 31.95 4.06
C ILE I 55 20.79 32.06 5.48
N VAL I 56 19.62 31.50 5.74
CA VAL I 56 19.03 31.51 7.07
C VAL I 56 18.81 30.06 7.48
N LEU I 57 19.51 29.64 8.53
CA LEU I 57 19.46 28.26 8.99
C LEU I 57 19.08 28.22 10.46
N THR I 58 18.06 27.44 10.77
CA THR I 58 17.60 27.23 12.13
C THR I 58 18.10 25.88 12.61
N GLY I 59 18.77 25.87 13.76
CA GLY I 59 19.40 24.67 14.24
C GLY I 59 18.94 24.23 15.61
N TYR I 60 19.89 23.97 16.50
CA TYR I 60 19.58 23.35 17.78
C TYR I 60 18.81 24.30 18.70
N GLY I 61 19.29 25.52 18.84
CA GLY I 61 18.60 26.47 19.70
C GLY I 61 18.66 27.90 19.24
N LEU I 62 19.20 28.13 18.04
CA LEU I 62 19.35 29.48 17.53
C LEU I 62 19.20 29.47 16.02
N GLU I 63 18.81 30.62 15.47
CA GLU I 63 18.67 30.80 14.03
C GLU I 63 19.72 31.80 13.57
N ILE I 64 20.48 31.42 12.54
CA ILE I 64 21.58 32.21 12.03
C ILE I 64 21.22 32.70 10.64
N ASN I 65 21.35 34.00 10.41
CA ASN I 65 20.94 34.64 9.16
C ASN I 65 22.14 35.43 8.65
N MET I 66 22.74 34.97 7.55
CA MET I 66 23.97 35.53 7.01
C MET I 66 23.74 36.08 5.62
N THR I 67 24.35 37.23 5.32
CA THR I 67 24.20 37.89 4.04
C THR I 67 25.54 38.39 3.56
N ILE I 68 25.86 38.08 2.31
CA ILE I 68 27.04 38.59 1.62
C ILE I 68 26.57 39.58 0.55
N MET I 69 27.17 40.76 0.56
CA MET I 69 26.82 41.84 -0.36
C MET I 69 27.77 41.85 -1.54
N ASP I 70 27.24 41.90 -2.75
CA ASP I 70 28.03 41.89 -3.98
C ASP I 70 28.91 40.64 -4.04
N THR I 71 28.23 39.50 -4.09
CA THR I 71 28.89 38.22 -3.84
C THR I 71 29.18 37.40 -5.09
N ASP I 72 28.24 37.28 -6.01
CA ASP I 72 28.35 36.33 -7.12
C ASP I 72 28.42 34.89 -6.61
N GLN I 73 27.88 34.67 -5.41
CA GLN I 73 27.83 33.34 -4.82
C GLN I 73 26.44 33.12 -4.24
N ARG I 74 26.00 31.87 -4.28
CA ARG I 74 24.75 31.46 -3.65
C ARG I 74 25.04 30.24 -2.79
N PHE I 75 24.63 30.29 -1.53
CA PHE I 75 25.00 29.25 -0.58
C PHE I 75 24.40 27.93 -1.01
N VAL I 76 25.25 27.03 -1.51
CA VAL I 76 24.78 25.75 -2.02
C VAL I 76 24.33 24.84 -0.88
N ALA I 77 25.14 24.74 0.17
CA ALA I 77 24.86 23.78 1.23
C ALA I 77 25.47 24.27 2.53
N ALA I 78 25.18 23.55 3.62
CA ALA I 78 25.70 23.88 4.92
C ALA I 78 25.71 22.63 5.80
N ALA I 79 26.51 22.69 6.86
CA ALA I 79 26.63 21.60 7.82
C ALA I 79 26.77 22.19 9.21
N GLU I 80 26.27 21.47 10.20
CA GLU I 80 26.30 21.94 11.58
C GLU I 80 26.77 20.83 12.50
N GLY I 81 27.48 21.22 13.56
CA GLY I 81 27.96 20.26 14.52
C GLY I 81 28.11 20.88 15.89
N VAL I 82 28.17 20.01 16.90
CA VAL I 82 28.29 20.43 18.29
C VAL I 82 29.51 19.75 18.90
N GLY I 83 30.31 20.52 19.63
CA GLY I 83 31.52 20.01 20.24
C GLY I 83 31.52 20.11 21.74
N LYS I 84 32.71 20.30 22.32
CA LYS I 84 32.84 20.39 23.76
C LYS I 84 32.56 21.82 24.24
N ASP I 85 32.03 21.91 25.45
CA ASP I 85 31.74 23.19 26.09
C ASP I 85 30.63 23.95 25.36
N ASN I 86 29.72 23.21 24.74
CA ASN I 86 28.53 23.78 24.12
C ASN I 86 28.90 24.79 23.04
N LYS I 87 29.57 24.29 22.00
CA LYS I 87 29.94 25.06 20.84
C LYS I 87 29.21 24.53 19.62
N LEU I 88 28.73 25.44 18.78
CA LEU I 88 27.98 25.10 17.57
C LEU I 88 28.77 25.62 16.37
N SER I 89 29.34 24.71 15.60
CA SER I 89 30.10 25.06 14.41
C SER I 89 29.23 24.89 13.18
N VAL I 90 29.23 25.91 12.33
CA VAL I 90 28.46 25.91 11.09
C VAL I 90 29.42 26.14 9.93
N LEU I 91 29.43 25.20 8.98
CA LEU I 91 30.17 25.35 7.74
C LEU I 91 29.19 25.64 6.61
N LEU I 92 29.59 26.52 5.69
CA LEU I 92 28.74 26.93 4.58
C LEU I 92 29.52 26.77 3.28
N PHE I 93 28.92 26.10 2.31
CA PHE I 93 29.53 25.85 1.00
C PHE I 93 28.76 26.63 -0.05
N THR I 94 29.46 27.48 -0.78
CA THR I 94 28.90 28.29 -1.85
C THR I 94 29.31 27.72 -3.20
N THR I 95 28.75 28.30 -4.27
CA THR I 95 28.95 27.77 -5.61
C THR I 95 30.41 27.86 -6.04
N GLN I 96 30.93 29.07 -6.20
CA GLN I 96 32.29 29.21 -6.73
C GLN I 96 32.68 30.67 -6.68
N ARG I 97 33.98 30.91 -6.62
CA ARG I 97 34.52 32.26 -6.53
C ARG I 97 34.91 32.76 -7.92
N LEU I 98 34.55 34.00 -8.22
CA LEU I 98 34.86 34.59 -9.51
C LEU I 98 35.84 35.75 -9.43
N ASP I 99 35.91 36.44 -8.29
CA ASP I 99 36.80 37.58 -8.14
C ASP I 99 37.23 37.70 -6.68
N LYS I 100 38.30 38.46 -6.46
CA LYS I 100 38.84 38.69 -5.11
C LYS I 100 38.60 40.15 -4.74
N VAL I 101 37.55 40.38 -3.96
CA VAL I 101 37.16 41.74 -3.57
C VAL I 101 36.87 41.88 -2.09
N HIS I 102 36.96 40.80 -1.30
CA HIS I 102 36.75 40.89 0.15
C HIS I 102 35.35 41.40 0.49
N HIS I 103 34.36 40.59 0.13
CA HIS I 103 32.97 40.95 0.37
C HIS I 103 32.72 41.25 1.84
N ASN I 104 31.75 42.12 2.09
CA ASN I 104 31.28 42.37 3.45
C ASN I 104 30.34 41.26 3.88
N ILE I 105 29.97 41.28 5.16
CA ILE I 105 29.09 40.25 5.71
C ILE I 105 28.20 40.85 6.80
N SER I 106 26.97 40.36 6.83
CA SER I 106 26.03 40.70 7.88
C SER I 106 25.52 39.41 8.51
N VAL I 107 25.68 39.28 9.82
CA VAL I 107 25.30 38.07 10.54
C VAL I 107 24.36 38.44 11.68
N THR I 108 23.24 37.74 11.77
CA THR I 108 22.28 37.94 12.85
C THR I 108 21.97 36.59 13.49
N ILE I 109 22.12 36.52 14.80
CA ILE I 109 21.91 35.30 15.57
C ILE I 109 20.75 35.54 16.53
N THR I 110 19.69 34.76 16.39
CA THR I 110 18.49 34.93 17.20
C THR I 110 18.31 33.70 18.08
N CYS I 111 18.14 33.93 19.39
CA CYS I 111 17.92 32.85 20.34
C CYS I 111 16.45 32.48 20.34
N MET I 112 16.12 31.32 19.81
CA MET I 112 14.74 30.87 19.73
C MET I 112 14.38 29.81 20.77
N GLU I 113 15.24 29.55 21.75
CA GLU I 113 14.94 28.53 22.74
C GLU I 113 15.79 28.74 23.98
N MET I 114 15.13 28.86 25.13
CA MET I 114 15.75 28.83 26.44
C MET I 114 16.48 30.12 26.81
N ASN I 115 16.65 31.05 25.86
CA ASN I 115 17.19 32.36 26.24
C ASN I 115 16.63 33.49 25.40
N CYS I 116 15.38 33.38 24.94
CA CYS I 116 14.86 34.41 24.06
C CYS I 116 14.99 35.79 24.69
N GLY I 117 14.87 36.81 23.86
CA GLY I 117 14.98 38.19 24.33
C GLY I 117 15.03 39.13 23.17
N THR I 118 15.31 40.40 23.48
CA THR I 118 15.42 41.42 22.46
C THR I 118 16.89 41.64 22.09
N THR I 119 17.14 42.65 21.27
CA THR I 119 18.49 42.90 20.76
C THR I 119 19.43 43.27 21.89
N LYS I 120 20.62 42.67 21.89
CA LYS I 120 21.64 42.96 22.89
C LYS I 120 22.97 43.40 22.30
N TYR I 121 23.12 43.37 20.97
CA TYR I 121 24.39 43.73 20.35
C TYR I 121 24.12 44.13 18.90
N ASP I 122 24.62 45.31 18.51
CA ASP I 122 24.41 45.78 17.14
C ASP I 122 25.66 46.45 16.57
N SER I 123 26.85 46.14 17.10
CA SER I 123 28.07 46.79 16.66
C SER I 123 28.63 46.07 15.42
N ASP I 124 29.74 46.57 14.89
CA ASP I 124 30.39 45.99 13.73
C ASP I 124 31.81 45.57 14.08
N LEU I 125 32.31 44.58 13.35
CA LEU I 125 33.61 43.99 13.62
C LEU I 125 34.60 44.41 12.55
N PRO I 126 35.77 44.93 12.91
CA PRO I 126 36.66 45.49 11.88
C PRO I 126 37.37 44.44 11.05
N GLU I 127 37.91 43.40 11.67
CA GLU I 127 38.69 42.38 10.96
C GLU I 127 39.91 43.01 10.27
N SER I 128 40.83 43.51 11.09
CA SER I 128 42.04 44.15 10.59
C SER I 128 43.14 43.14 10.25
N ILE I 129 42.79 41.86 10.07
CA ILE I 129 43.77 40.90 9.57
C ILE I 129 44.34 41.40 8.25
N HIS I 130 43.46 41.86 7.35
CA HIS I 130 43.84 42.70 6.23
C HIS I 130 43.19 44.07 6.27
N HIS I 131 42.15 44.26 7.08
CA HIS I 131 41.52 45.56 7.28
C HIS I 131 40.95 46.10 5.98
N LYS I 132 40.10 45.30 5.35
CA LYS I 132 39.45 45.71 4.10
C LYS I 132 37.95 45.42 4.14
N SER I 133 37.54 44.49 4.99
CA SER I 133 36.15 44.07 5.07
C SER I 133 35.62 44.29 6.49
N SER I 134 34.31 44.49 6.59
CA SER I 134 33.64 44.69 7.87
C SER I 134 32.39 43.83 7.93
N CYS I 135 32.22 43.13 9.05
CA CYS I 135 31.07 42.28 9.29
C CYS I 135 30.25 42.86 10.42
N ASP I 136 28.95 43.02 10.19
CA ASP I 136 28.05 43.59 11.19
C ASP I 136 27.24 42.46 11.84
N ILE I 137 27.33 42.38 13.17
CA ILE I 137 26.72 41.29 13.94
C ILE I 137 25.59 41.86 14.77
N THR I 138 24.42 41.24 14.66
CA THR I 138 23.28 41.57 15.50
C THR I 138 22.84 40.31 16.24
N ILE I 139 22.78 40.39 17.57
CA ILE I 139 22.47 39.24 18.40
C ILE I 139 21.20 39.55 19.18
N ASN I 140 20.20 38.69 19.04
CA ASN I 140 18.99 38.78 19.84
C ASN I 140 18.99 37.64 20.86
N GLY I 141 18.93 38.00 22.13
CA GLY I 141 18.94 37.03 23.20
C GLY I 141 20.22 37.08 24.01
N SER I 142 20.32 36.15 24.97
CA SER I 142 21.49 36.03 25.82
C SER I 142 22.16 34.67 25.66
N CYS I 143 21.83 33.93 24.61
CA CYS I 143 22.36 32.58 24.42
C CYS I 143 23.61 32.58 23.54
N VAL I 144 24.58 33.44 23.83
CA VAL I 144 25.80 33.53 23.06
C VAL I 144 26.93 34.00 23.95
N THR I 145 28.08 33.35 23.86
CA THR I 145 29.28 33.73 24.58
C THR I 145 30.46 34.01 23.66
N CYS I 146 30.66 33.19 22.62
CA CYS I 146 31.71 33.42 21.64
C CYS I 146 31.10 33.49 20.25
N VAL I 147 31.71 34.30 19.38
CA VAL I 147 31.31 34.34 17.98
C VAL I 147 32.55 34.50 17.13
N ASN I 148 32.88 33.47 16.34
CA ASN I 148 34.03 33.52 15.45
C ASN I 148 33.58 33.20 14.04
N LEU I 149 34.14 33.90 13.06
CA LEU I 149 33.76 33.73 11.66
C LEU I 149 35.02 33.75 10.80
N GLU I 150 35.26 32.67 10.09
CA GLU I 150 36.43 32.54 9.22
C GLU I 150 35.95 32.45 7.78
N THR I 151 36.24 33.49 7.00
CA THR I 151 35.89 33.56 5.59
C THR I 151 37.08 33.09 4.75
N ASP I 152 36.81 32.22 3.80
CA ASP I 152 37.84 31.60 2.98
C ASP I 152 38.77 30.78 3.87
N PRO I 153 38.27 29.72 4.48
CA PRO I 153 39.12 28.91 5.36
C PRO I 153 40.22 28.21 4.59
N THR I 154 41.33 27.97 5.29
CA THR I 154 42.46 27.22 4.74
C THR I 154 42.61 25.84 5.37
N LYS I 155 41.85 25.54 6.41
CA LYS I 155 41.90 24.24 7.06
C LYS I 155 41.17 23.20 6.20
N ILE I 156 41.02 22.00 6.75
CA ILE I 156 40.43 20.89 6.00
C ILE I 156 38.91 20.90 6.14
N ASN I 157 38.25 21.69 5.30
CA ASN I 157 36.79 21.65 5.26
C ASN I 157 36.24 20.26 4.97
N PRO I 158 36.81 19.47 4.07
CA PRO I 158 36.21 18.16 3.75
C PRO I 158 36.07 17.31 5.01
N HIS I 159 34.82 17.09 5.42
CA HIS I 159 34.50 16.24 6.55
C HIS I 159 34.04 14.89 6.04
N TYR I 160 34.63 13.82 6.56
CA TYR I 160 34.44 12.49 5.99
C TYR I 160 34.80 12.52 4.50
N LEU I 161 35.93 13.16 4.20
CA LEU I 161 36.29 13.48 2.82
C LEU I 161 36.26 12.23 1.95
N HIS I 162 35.32 12.22 1.01
CA HIS I 162 34.35 13.29 0.87
C HIS I 162 32.93 12.73 0.78
N PRO I 163 31.92 13.60 0.87
CA PRO I 163 30.55 13.14 0.69
C PRO I 163 30.39 12.31 -0.56
N LYS I 164 29.27 11.59 -0.66
CA LYS I 164 29.12 10.55 -1.67
C LYS I 164 29.47 11.05 -3.07
N ASP I 165 28.91 12.18 -3.47
CA ASP I 165 29.07 12.66 -4.84
C ASP I 165 29.61 14.08 -4.96
N LYS I 166 29.44 14.90 -3.93
CA LYS I 166 29.81 16.30 -4.03
C LYS I 166 31.32 16.47 -4.14
N TYR I 167 31.73 17.52 -4.85
CA TYR I 167 33.13 17.89 -4.98
C TYR I 167 33.37 19.16 -4.18
N LEU I 168 34.45 19.19 -3.42
CA LEU I 168 34.74 20.27 -2.49
C LEU I 168 36.07 20.92 -2.82
N TYR I 169 36.07 22.25 -2.84
CA TYR I 169 37.27 23.04 -3.07
C TYR I 169 37.45 24.02 -1.92
N ARG I 170 38.67 24.52 -1.76
CA ARG I 170 38.97 25.43 -0.66
C ARG I 170 40.08 26.37 -1.08
N ASN I 171 39.98 27.61 -0.60
CA ASN I 171 41.01 28.59 -0.88
C ASN I 171 42.36 28.15 -0.34
N SER I 172 43.40 28.34 -1.15
CA SER I 172 44.76 28.05 -0.74
C SER I 172 45.65 29.29 -0.75
N GLU I 173 45.07 30.48 -0.89
CA GLU I 173 45.82 31.72 -0.89
C GLU I 173 45.59 32.44 0.44
N TYR I 174 46.68 32.70 1.16
CA TYR I 174 46.57 33.27 2.50
C TYR I 174 45.97 34.67 2.49
N GLY I 175 46.16 35.42 1.41
CA GLY I 175 45.74 36.80 1.37
C GLY I 175 44.24 37.01 1.39
N MET I 176 43.45 35.97 1.14
CA MET I 176 42.00 36.11 1.04
C MET I 176 41.26 35.75 2.32
N ARG I 177 41.90 35.05 3.25
CA ARG I 177 41.22 34.62 4.46
C ARG I 177 40.93 35.81 5.37
N GLY I 178 39.81 35.74 6.07
CA GLY I 178 39.44 36.79 7.01
C GLY I 178 38.90 36.17 8.29
N SER I 179 39.17 36.86 9.40
CA SER I 179 38.76 36.39 10.71
C SER I 179 38.03 37.49 11.45
N TYR I 180 36.80 37.23 11.86
CA TYR I 180 36.00 38.14 12.67
C TYR I 180 35.74 37.48 14.02
N GLY I 181 35.90 38.23 15.10
CA GLY I 181 35.70 37.65 16.41
C GLY I 181 35.07 38.58 17.42
N VAL I 182 34.24 38.03 18.30
CA VAL I 182 33.63 38.81 19.38
C VAL I 182 33.37 37.88 20.56
N THR I 183 33.88 38.25 21.72
CA THR I 183 33.77 37.44 22.92
C THR I 183 33.28 38.30 24.07
N PHE I 184 32.46 37.70 24.93
CA PHE I 184 31.94 38.35 26.12
C PHE I 184 32.59 37.84 27.40
N MET I 185 33.00 36.57 27.42
CA MET I 185 33.74 36.02 28.54
C MET I 185 35.21 36.42 28.45
N ASP I 186 36.04 35.78 29.26
CA ASP I 186 37.46 36.13 29.33
C ASP I 186 38.29 35.22 28.44
N GLU I 187 39.01 35.81 27.49
CA GLU I 187 40.00 35.13 26.66
C GLU I 187 39.47 33.80 26.11
N LEU I 188 38.47 33.91 25.23
CA LEU I 188 37.88 32.76 24.58
C LEU I 188 38.35 32.60 23.13
N ASN I 189 39.58 33.03 22.83
CA ASN I 189 40.11 32.88 21.49
C ASN I 189 40.24 31.39 21.13
N GLN I 190 40.02 31.09 19.85
CA GLN I 190 40.02 29.71 19.37
C GLN I 190 38.96 28.88 20.10
N CYS I 191 37.71 29.25 19.84
CA CYS I 191 36.60 28.71 20.60
C CYS I 191 36.55 27.18 20.51
N PHE I 192 37.07 26.61 19.42
CA PHE I 192 37.23 25.16 19.33
C PHE I 192 37.87 24.83 17.98
N LEU I 193 38.23 23.56 17.81
CA LEU I 193 38.96 23.10 16.64
C LEU I 193 38.14 22.07 15.86
N ASP I 194 38.40 21.99 14.56
CA ASP I 194 37.53 21.22 13.67
C ASP I 194 37.53 19.74 14.02
N ILE I 195 38.68 19.09 13.91
CA ILE I 195 38.75 17.63 13.98
C ILE I 195 38.55 17.22 15.45
N LYS I 196 37.33 16.84 15.79
CA LYS I 196 36.99 16.39 17.13
C LYS I 196 35.81 15.42 17.01
N GLU I 197 35.13 15.17 18.12
CA GLU I 197 33.95 14.33 18.12
C GLU I 197 32.83 14.98 17.30
N VAL I 198 33.10 16.14 16.72
CA VAL I 198 32.12 16.82 15.88
C VAL I 198 31.66 15.87 14.78
N SER I 199 30.37 15.53 14.80
CA SER I 199 29.82 14.60 13.83
C SER I 199 29.62 15.22 12.45
N TYR I 200 29.14 16.47 12.40
CA TYR I 200 28.99 17.21 11.14
C TYR I 200 28.03 16.49 10.18
N ASP I 201 26.77 16.45 10.58
CA ASP I 201 25.71 15.97 9.70
C ASP I 201 25.32 17.06 8.71
N ILE I 202 24.97 16.65 7.48
CA ILE I 202 24.59 17.62 6.46
C ILE I 202 23.38 18.41 6.94
N CYS I 203 23.38 19.70 6.62
CA CYS I 203 22.38 20.63 7.16
C CYS I 203 21.26 20.81 6.14
N TYR I 204 20.27 19.92 6.23
CA TYR I 204 19.03 20.03 5.46
C TYR I 204 18.23 18.75 5.60
N MET J 1 52.78 34.91 6.91
CA MET J 1 53.29 35.92 6.01
C MET J 1 54.67 36.44 6.44
N LEU J 2 55.04 36.15 7.68
CA LEU J 2 56.33 36.56 8.22
C LEU J 2 57.12 35.31 8.58
N LYS J 3 58.22 35.07 7.86
CA LYS J 3 59.11 33.95 8.12
C LYS J 3 60.35 34.46 8.85
N ILE J 4 60.60 33.90 10.04
CA ILE J 4 61.72 34.30 10.87
C ILE J 4 62.64 33.10 11.03
N GLN J 5 63.92 33.30 10.74
CA GLN J 5 64.94 32.27 10.86
C GLN J 5 65.94 32.69 11.92
N ALA J 6 66.33 31.76 12.78
CA ALA J 6 67.30 32.01 13.83
C ALA J 6 68.34 30.91 13.84
N TYR J 7 69.56 31.28 14.21
CA TYR J 7 70.63 30.31 14.31
C TYR J 7 70.36 29.37 15.49
N PHE J 8 71.11 28.26 15.53
CA PHE J 8 70.88 27.26 16.57
C PHE J 8 71.01 27.90 17.94
N ASN J 9 69.98 27.70 18.77
CA ASN J 9 69.93 28.28 20.11
C ASN J 9 70.16 29.79 20.07
N GLU J 10 69.56 30.43 19.06
CA GLU J 10 69.61 31.88 18.94
C GLU J 10 68.43 32.50 19.68
N THR J 11 68.30 33.81 19.58
CA THR J 11 67.19 34.55 20.19
C THR J 11 66.07 34.71 19.17
N ALA J 12 64.83 34.70 19.65
CA ALA J 12 63.65 34.80 18.80
C ALA J 12 62.91 36.09 19.08
N ASP J 13 62.43 36.73 18.01
CA ASP J 13 61.64 37.95 18.12
C ASP J 13 60.36 37.78 17.32
N LEU J 14 59.22 38.10 17.94
CA LEU J 14 57.92 38.02 17.29
C LEU J 14 57.28 39.40 17.28
N PRO J 15 57.41 40.16 16.19
CA PRO J 15 56.60 41.37 16.03
C PRO J 15 55.37 41.10 15.19
N CYS J 16 54.34 41.94 15.29
CA CYS J 16 53.16 41.78 14.44
C CYS J 16 52.68 43.08 13.80
N GLN J 17 53.41 44.18 13.98
CA GLN J 17 53.22 45.40 13.21
C GLN J 17 51.77 45.89 13.24
N PHE J 18 51.34 46.26 14.44
CA PHE J 18 50.01 46.83 14.62
C PHE J 18 50.00 48.26 14.09
N ALA J 19 49.26 48.51 13.01
CA ALA J 19 49.25 49.83 12.41
C ALA J 19 48.69 50.87 13.38
N ASN J 20 47.61 50.53 14.09
CA ASN J 20 47.01 51.42 15.08
C ASN J 20 46.56 52.74 14.42
N SER J 21 45.68 52.60 13.43
CA SER J 21 45.17 53.77 12.73
C SER J 21 44.36 54.68 13.65
N GLN J 22 43.74 54.12 14.68
CA GLN J 22 42.92 54.90 15.58
C GLN J 22 43.71 55.59 16.68
N ASN J 23 45.04 55.41 16.72
CA ASN J 23 45.89 56.01 17.74
C ASN J 23 45.38 55.66 19.15
N GLN J 24 45.05 54.39 19.31
CA GLN J 24 44.53 53.88 20.58
C GLN J 24 45.67 53.67 21.57
N SER J 25 45.32 53.45 22.83
CA SER J 25 46.28 53.31 23.91
C SER J 25 46.21 51.90 24.48
N LEU J 26 47.32 51.46 25.08
CA LEU J 26 47.40 50.12 25.65
C LEU J 26 46.45 49.94 26.84
N SER J 27 45.97 51.02 27.43
CA SER J 27 45.10 50.91 28.60
C SER J 27 43.74 50.30 28.26
N GLU J 28 43.37 50.25 26.98
CA GLU J 28 42.09 49.71 26.56
C GLU J 28 42.23 48.49 25.64
N LEU J 29 43.40 47.88 25.58
CA LEU J 29 43.64 46.77 24.68
C LEU J 29 44.31 45.62 25.41
N VAL J 30 44.00 44.40 24.97
CA VAL J 30 44.65 43.20 25.47
C VAL J 30 45.33 42.51 24.30
N VAL J 31 46.50 41.94 24.57
CA VAL J 31 47.31 41.31 23.53
C VAL J 31 47.70 39.91 23.98
N PHE J 32 47.57 38.96 23.06
CA PHE J 32 47.91 37.57 23.32
C PHE J 32 48.81 37.06 22.20
N TRP J 33 49.80 36.26 22.59
CA TRP J 33 50.60 35.50 21.63
C TRP J 33 50.42 34.03 21.97
N GLN J 34 49.99 33.24 21.00
CA GLN J 34 49.74 31.83 21.24
C GLN J 34 50.34 31.01 20.12
N ASP J 35 50.71 29.78 20.46
CA ASP J 35 51.35 28.87 19.53
C ASP J 35 50.30 28.01 18.82
N GLN J 36 50.76 26.98 18.11
CA GLN J 36 49.87 26.13 17.32
C GLN J 36 49.06 25.18 18.19
N GLU J 37 49.42 25.00 19.45
CA GLU J 37 48.69 24.11 20.35
C GLU J 37 47.73 24.85 21.27
N ASN J 38 47.56 26.15 21.07
CA ASN J 38 46.65 26.99 21.84
C ASN J 38 47.19 27.35 23.22
N LEU J 39 48.44 27.04 23.52
CA LEU J 39 49.04 27.41 24.79
C LEU J 39 49.50 28.86 24.73
N VAL J 40 49.14 29.63 25.75
CA VAL J 40 49.42 31.06 25.78
C VAL J 40 50.90 31.29 26.06
N LEU J 41 51.39 32.45 25.63
CA LEU J 41 52.77 32.87 25.86
C LEU J 41 52.89 34.10 26.73
N ASN J 42 51.96 35.05 26.59
CA ASN J 42 52.02 36.28 27.36
C ASN J 42 50.73 37.06 27.13
N GLU J 43 50.38 37.89 28.10
CA GLU J 43 49.17 38.69 28.03
C GLU J 43 49.42 40.04 28.65
N VAL J 44 49.00 41.09 27.96
CA VAL J 44 49.13 42.46 28.43
C VAL J 44 47.72 43.01 28.58
N TYR J 45 47.18 42.94 29.79
CA TYR J 45 45.82 43.35 30.05
C TYR J 45 45.81 44.84 30.41
N LEU J 46 45.24 45.66 29.53
CA LEU J 46 45.04 47.09 29.78
C LEU J 46 46.32 47.78 30.25
N GLY J 47 47.48 47.29 29.84
CA GLY J 47 48.74 47.93 30.15
C GLY J 47 49.59 47.21 31.19
N LYS J 48 49.04 46.23 31.89
CA LYS J 48 49.79 45.48 32.90
C LYS J 48 49.95 44.04 32.46
N GLU J 49 51.17 43.52 32.60
CA GLU J 49 51.42 42.13 32.25
C GLU J 49 50.67 41.20 33.19
N LYS J 50 50.19 40.08 32.66
CA LYS J 50 49.52 39.07 33.47
C LYS J 50 50.11 37.70 33.17
N PHE J 51 50.19 36.85 34.19
CA PHE J 51 50.75 35.51 34.09
C PHE J 51 49.78 34.50 34.68
N ASP J 52 48.51 34.60 34.30
CA ASP J 52 47.45 33.79 34.89
C ASP J 52 47.23 32.46 34.18
N SER J 53 47.58 32.36 32.90
CA SER J 53 47.33 31.14 32.15
C SER J 53 48.54 30.63 31.38
N VAL J 54 49.70 31.27 31.50
CA VAL J 54 50.88 30.85 30.75
C VAL J 54 51.32 29.46 31.22
N HIS J 55 51.64 28.60 30.25
CA HIS J 55 52.20 27.30 30.58
C HIS J 55 53.56 27.46 31.23
N SER J 56 53.92 26.49 32.07
CA SER J 56 55.16 26.61 32.85
C SER J 56 56.38 26.76 31.94
N LYS J 57 56.42 26.00 30.83
CA LYS J 57 57.60 26.03 29.98
C LYS J 57 57.83 27.42 29.38
N TYR J 58 56.78 28.21 29.23
CA TYR J 58 56.89 29.54 28.64
C TYR J 58 57.08 30.63 29.68
N MET J 59 57.16 30.29 30.96
CA MET J 59 57.30 31.29 32.01
C MET J 59 58.70 31.87 32.02
N GLY J 60 58.78 33.19 32.13
CA GLY J 60 60.05 33.87 32.27
C GLY J 60 60.79 34.14 30.98
N ARG J 61 60.72 33.22 30.03
CA ARG J 61 61.44 33.36 28.78
C ARG J 61 60.89 34.47 27.89
N THR J 62 59.73 35.01 28.21
CA THR J 62 59.09 36.04 27.39
C THR J 62 59.37 37.42 27.96
N SER J 63 59.44 38.40 27.07
CA SER J 63 59.61 39.79 27.45
C SER J 63 58.85 40.66 26.46
N PHE J 64 58.14 41.64 26.98
CA PHE J 64 57.28 42.49 26.17
C PHE J 64 57.85 43.89 26.08
N ASP J 65 57.72 44.49 24.90
CA ASP J 65 58.23 45.82 24.63
C ASP J 65 57.05 46.74 24.28
N SER J 66 57.14 47.99 24.71
CA SER J 66 56.06 48.94 24.49
C SER J 66 56.10 49.53 23.09
N ASP J 67 57.18 50.26 22.77
CA ASP J 67 57.24 50.97 21.50
C ASP J 67 57.28 50.00 20.32
N SER J 68 58.04 48.91 20.42
CA SER J 68 58.21 48.00 19.29
C SER J 68 57.04 47.04 19.11
N TRP J 69 56.21 46.84 20.14
CA TRP J 69 55.11 45.89 20.06
C TRP J 69 55.60 44.51 19.65
N THR J 70 56.76 44.12 20.19
CA THR J 70 57.41 42.87 19.83
C THR J 70 57.68 42.05 21.09
N LEU J 71 57.49 40.74 20.99
CA LEU J 71 57.75 39.82 22.09
C LEU J 71 59.07 39.11 21.85
N ARG J 72 59.95 39.14 22.85
CA ARG J 72 61.28 38.56 22.74
C ARG J 72 61.32 37.26 23.52
N LEU J 73 61.50 36.15 22.81
CA LEU J 73 61.58 34.83 23.39
C LEU J 73 63.01 34.33 23.36
N HIS J 74 63.48 33.78 24.47
CA HIS J 74 64.85 33.33 24.63
C HIS J 74 64.89 31.82 24.88
N ASN J 75 66.09 31.26 24.79
CA ASN J 75 66.30 29.82 25.01
C ASN J 75 65.51 29.00 24.00
N LEU J 76 65.80 29.24 22.72
CA LEU J 76 65.15 28.48 21.65
C LEU J 76 65.56 27.01 21.75
N GLN J 77 64.71 26.14 21.21
CA GLN J 77 64.95 24.71 21.22
C GLN J 77 64.56 24.13 19.86
N ILE J 78 65.04 22.92 19.59
CA ILE J 78 64.78 22.29 18.31
C ILE J 78 63.28 22.05 18.12
N LYS J 79 62.56 21.83 19.21
CA LYS J 79 61.14 21.51 19.17
C LYS J 79 60.23 22.73 19.29
N ASP J 80 60.79 23.93 19.36
CA ASP J 80 59.99 25.14 19.52
C ASP J 80 59.56 25.75 18.18
N LYS J 81 59.94 25.15 17.06
CA LYS J 81 59.52 25.68 15.77
C LYS J 81 58.01 25.55 15.62
N GLY J 82 57.37 26.58 15.10
CA GLY J 82 55.93 26.57 14.94
C GLY J 82 55.41 27.95 14.62
N LEU J 83 54.09 28.08 14.69
CA LEU J 83 53.37 29.30 14.36
C LEU J 83 52.86 29.99 15.61
N TYR J 84 52.96 31.32 15.61
CA TYR J 84 52.53 32.14 16.73
C TYR J 84 51.64 33.26 16.21
N GLN J 85 50.66 33.63 17.02
CA GLN J 85 49.62 34.57 16.62
C GLN J 85 49.63 35.79 17.52
N CYS J 86 49.37 36.96 16.92
CA CYS J 86 49.31 38.23 17.63
C CYS J 86 47.86 38.70 17.65
N ILE J 87 47.13 38.26 18.67
CA ILE J 87 45.70 38.54 18.76
C ILE J 87 45.51 39.77 19.65
N ILE J 88 44.87 40.79 19.11
CA ILE J 88 44.61 42.03 19.85
C ILE J 88 43.11 42.19 20.01
N HIS J 89 42.68 42.42 21.24
CA HIS J 89 41.27 42.59 21.59
C HIS J 89 41.05 43.98 22.19
N HIS J 90 39.94 44.60 21.83
CA HIS J 90 39.53 45.89 22.37
C HIS J 90 38.47 45.65 23.44
N LYS J 91 38.77 46.06 24.67
CA LYS J 91 37.90 45.79 25.82
C LYS J 91 36.89 46.92 25.96
N LYS J 92 35.84 46.86 25.17
CA LYS J 92 34.73 47.79 25.29
C LYS J 92 33.86 47.40 26.49
N PRO J 93 33.05 48.33 26.98
CA PRO J 93 32.17 48.00 28.12
C PRO J 93 31.25 46.83 27.86
N THR J 94 30.80 46.65 26.62
CA THR J 94 29.89 45.55 26.30
C THR J 94 30.65 44.24 26.12
N GLY J 95 31.54 44.19 25.14
CA GLY J 95 32.30 42.98 24.88
C GLY J 95 33.60 43.30 24.18
N MET J 96 34.41 42.26 24.00
CA MET J 96 35.71 42.39 23.35
C MET J 96 35.61 41.94 21.91
N ILE J 97 36.03 42.80 20.98
CA ILE J 97 36.00 42.51 19.55
C ILE J 97 37.42 42.55 19.02
N ARG J 98 37.80 41.53 18.26
CA ARG J 98 39.16 41.38 17.76
C ARG J 98 39.43 42.47 16.73
N ILE J 99 40.55 43.19 16.90
CA ILE J 99 40.88 44.30 16.04
C ILE J 99 42.17 44.09 15.26
N HIS J 100 42.90 43.00 15.52
CA HIS J 100 44.10 42.74 14.75
C HIS J 100 44.63 41.35 15.05
N GLN J 101 45.21 40.72 14.03
CA GLN J 101 45.78 39.38 14.13
C GLN J 101 46.93 39.28 13.15
N MET J 102 47.97 38.55 13.53
CA MET J 102 49.15 38.40 12.68
C MET J 102 49.78 37.05 12.96
N ASN J 103 50.14 36.31 11.90
CA ASN J 103 50.78 35.02 12.03
C ASN J 103 52.28 35.14 11.79
N SER J 104 53.06 34.33 12.49
CA SER J 104 54.51 34.30 12.28
C SER J 104 55.01 32.89 12.55
N GLU J 105 55.76 32.33 11.61
CA GLU J 105 56.30 30.99 11.73
C GLU J 105 57.80 31.06 11.95
N LEU J 106 58.29 30.31 12.94
CA LEU J 106 59.71 30.29 13.28
C LEU J 106 60.23 28.87 13.26
N SER J 107 61.44 28.71 12.71
CA SER J 107 62.15 27.44 12.68
C SER J 107 63.60 27.66 13.08
N VAL J 108 64.23 26.60 13.57
CA VAL J 108 65.59 26.67 14.08
C VAL J 108 66.48 25.75 13.27
N LEU J 109 67.78 25.77 13.58
CA LEU J 109 68.75 24.96 12.86
C LEU J 109 68.40 23.48 12.97
N ALA J 110 68.58 22.76 11.86
CA ALA J 110 68.26 21.33 11.82
C ALA J 110 69.25 20.59 10.93
N THR K 9 15.73 37.04 27.64
CA THR K 9 15.09 36.91 28.94
C THR K 9 13.65 37.41 28.90
N ILE K 10 13.43 38.47 28.12
CA ILE K 10 12.13 39.11 28.07
C ILE K 10 11.10 38.19 27.41
N CYS K 11 11.50 37.45 26.40
CA CYS K 11 10.50 36.77 25.57
C CYS K 11 10.55 35.27 25.80
N PRO K 12 9.40 34.59 25.82
CA PRO K 12 9.40 33.14 25.66
C PRO K 12 9.44 32.75 24.20
N PRO K 13 10.09 31.64 23.85
CA PRO K 13 10.32 31.33 22.43
C PRO K 13 9.05 31.25 21.59
N ARG K 14 7.97 30.69 22.15
CA ARG K 14 6.71 30.50 21.41
C ARG K 14 6.93 29.62 20.18
N GLN K 15 7.42 28.41 20.43
CA GLN K 15 7.78 27.45 19.41
C GLN K 15 6.68 26.40 19.26
N ASP K 16 6.97 25.36 18.49
CA ASP K 16 6.07 24.21 18.38
C ASP K 16 6.26 23.26 19.57
N TYR K 17 7.45 22.68 19.69
CA TYR K 17 7.77 21.75 20.77
C TYR K 17 9.13 22.14 21.34
N ARG K 18 9.33 21.81 22.62
CA ARG K 18 10.52 22.23 23.34
C ARG K 18 11.31 21.03 23.83
N TYR K 19 12.64 21.19 23.85
CA TYR K 19 13.52 20.21 24.48
C TYR K 19 13.84 20.56 25.92
N TRP K 20 13.66 21.82 26.31
CA TRP K 20 13.94 22.30 27.66
C TRP K 20 12.67 22.29 28.49
N TYR K 21 12.75 21.72 29.69
CA TYR K 21 11.61 21.51 30.57
C TYR K 21 11.82 22.22 31.92
N PHE K 22 10.86 22.02 32.81
CA PHE K 22 10.87 22.56 34.16
C PHE K 22 10.04 21.62 35.02
N ALA K 23 9.46 22.13 36.12
CA ALA K 23 8.71 21.26 37.01
C ALA K 23 7.53 21.99 37.66
N ALA K 24 6.45 21.25 37.90
CA ALA K 24 5.39 21.62 38.83
C ALA K 24 4.40 20.46 38.92
N GLU K 25 4.12 19.96 40.12
CA GLU K 25 3.43 18.69 40.25
C GLU K 25 2.14 18.83 41.06
N LEU K 26 1.28 17.84 40.92
CA LEU K 26 0.06 17.78 41.73
C LEU K 26 -0.41 16.34 41.81
N THR K 27 -1.25 16.07 42.81
CA THR K 27 -1.79 14.74 43.05
C THR K 27 -3.25 14.86 43.46
N ILE K 28 -4.08 13.98 42.89
CA ILE K 28 -5.51 13.94 43.14
C ILE K 28 -5.87 12.55 43.65
N GLY K 29 -6.45 12.49 44.84
CA GLY K 29 -6.90 11.24 45.41
C GLY K 29 -8.39 11.06 45.19
N VAL K 30 -8.73 10.15 44.28
CA VAL K 30 -10.11 9.92 43.85
C VAL K 30 -10.60 8.61 44.45
N ASN K 31 -11.93 8.50 44.58
CA ASN K 31 -12.51 7.37 45.29
C ASN K 31 -12.74 6.16 44.40
N TYR K 32 -13.23 6.36 43.17
CA TYR K 32 -13.44 5.23 42.29
C TYR K 32 -12.10 4.60 41.91
N ASP K 33 -12.16 3.49 41.18
CA ASP K 33 -11.03 2.59 41.04
C ASP K 33 -10.26 2.87 39.76
N ILE K 34 -8.93 2.96 39.87
CA ILE K 34 -8.03 3.00 38.73
C ILE K 34 -6.93 1.98 38.98
N ASN K 35 -6.74 1.06 38.03
CA ASN K 35 -5.80 -0.04 38.22
C ASN K 35 -4.35 0.37 37.95
N SER K 36 -4.05 0.74 36.71
CA SER K 36 -2.68 1.02 36.33
C SER K 36 -2.67 1.93 35.11
N THR K 37 -1.47 2.34 34.70
CA THR K 37 -1.31 3.25 33.58
C THR K 37 -1.70 2.55 32.27
N ILE K 38 -2.15 3.34 31.30
CA ILE K 38 -2.63 2.83 30.03
C ILE K 38 -1.73 3.19 28.86
N MET K 39 -0.72 4.04 29.06
CA MET K 39 0.25 4.38 28.02
C MET K 39 -0.45 4.97 26.80
N GLY K 40 -0.99 6.18 27.00
CA GLY K 40 -1.63 6.90 25.91
C GLY K 40 -3.03 7.35 26.26
N GLU K 41 -3.39 7.22 27.54
CA GLU K 41 -4.75 7.58 27.97
C GLU K 41 -4.94 9.09 28.01
N CYS K 42 -3.92 9.82 28.44
CA CYS K 42 -4.07 11.26 28.59
C CYS K 42 -4.16 11.94 27.23
N HIS K 43 -4.71 13.16 27.24
CA HIS K 43 -4.66 14.06 26.09
C HIS K 43 -4.69 15.48 26.62
N MET K 44 -3.74 16.31 26.18
CA MET K 44 -3.55 17.63 26.75
C MET K 44 -3.65 18.72 25.69
N SER K 45 -4.02 19.92 26.14
CA SER K 45 -4.03 21.12 25.31
C SER K 45 -3.44 22.27 26.11
N GLU K 46 -2.75 23.16 25.40
CA GLU K 46 -2.01 24.25 26.01
C GLU K 46 -2.36 25.56 25.34
N SER K 47 -2.29 26.65 26.10
CA SER K 47 -2.60 27.97 25.57
C SER K 47 -1.86 29.03 26.36
N TYR K 48 -1.45 30.08 25.65
CA TYR K 48 -0.81 31.23 26.28
C TYR K 48 -1.30 32.57 25.74
N ILE K 49 -2.06 32.59 24.64
CA ILE K 49 -2.31 33.83 23.91
C ILE K 49 -2.83 34.95 24.81
N ASP K 50 -3.37 34.60 25.97
CA ASP K 50 -4.01 35.58 26.83
C ASP K 50 -3.03 36.27 27.77
N ARG K 51 -1.76 35.87 27.76
CA ARG K 51 -0.78 36.33 28.75
C ARG K 51 -0.91 35.54 30.04
N ASN K 52 -1.81 34.54 30.03
CA ASN K 52 -1.98 33.63 31.16
C ASN K 52 -1.81 32.21 30.67
N ALA K 53 -0.93 31.45 31.32
CA ALA K 53 -0.67 30.09 30.90
C ALA K 53 -1.85 29.21 31.27
N ASN K 54 -2.28 28.35 30.35
CA ASN K 54 -3.41 27.47 30.62
C ASN K 54 -3.13 26.10 30.03
N ILE K 55 -3.35 25.07 30.84
CA ILE K 55 -3.17 23.69 30.42
C ILE K 55 -4.40 22.90 30.84
N VAL K 56 -5.04 22.24 29.88
CA VAL K 56 -6.23 21.44 30.14
C VAL K 56 -5.94 20.03 29.66
N LEU K 57 -5.90 19.08 30.59
CA LEU K 57 -5.56 17.71 30.28
C LEU K 57 -6.68 16.79 30.73
N THR K 58 -7.16 15.96 29.81
CA THR K 58 -8.17 14.95 30.10
C THR K 58 -7.48 13.60 30.23
N GLY K 59 -7.71 12.94 31.36
CA GLY K 59 -6.99 11.72 31.66
C GLY K 59 -7.86 10.52 31.93
N TYR K 60 -7.59 9.83 33.04
CA TYR K 60 -8.22 8.53 33.27
C TYR K 60 -9.71 8.67 33.55
N GLY K 61 -10.08 9.57 34.45
CA GLY K 61 -11.49 9.75 34.76
C GLY K 61 -11.90 11.17 35.06
N LEU K 62 -10.99 12.12 34.86
CA LEU K 62 -11.27 13.50 35.18
C LEU K 62 -10.46 14.42 34.26
N GLU K 63 -10.96 15.64 34.10
CA GLU K 63 -10.28 16.67 33.31
C GLU K 63 -9.79 17.75 34.25
N ILE K 64 -8.51 18.10 34.13
CA ILE K 64 -7.85 19.07 35.00
C ILE K 64 -7.50 20.29 34.15
N ASN K 65 -7.90 21.47 34.63
CA ASN K 65 -7.73 22.73 33.92
C ASN K 65 -7.00 23.69 34.84
N MET K 66 -5.72 23.95 34.55
CA MET K 66 -4.88 24.77 35.41
C MET K 66 -4.47 26.03 34.68
N THR K 67 -4.51 27.15 35.40
CA THR K 67 -4.18 28.45 34.83
C THR K 67 -3.23 29.19 35.76
N ILE K 68 -2.13 29.67 35.21
CA ILE K 68 -1.18 30.53 35.90
C ILE K 68 -1.37 31.94 35.37
N MET K 69 -1.60 32.88 36.29
CA MET K 69 -1.85 34.27 35.94
C MET K 69 -0.55 35.06 36.04
N ASP K 70 -0.24 35.82 34.99
CA ASP K 70 0.99 36.61 34.91
C ASP K 70 2.22 35.70 35.05
N THR K 71 2.37 34.82 34.07
CA THR K 71 3.28 33.68 34.18
C THR K 71 4.59 33.86 33.43
N ASP K 72 4.57 34.23 32.16
CA ASP K 72 5.75 34.17 31.31
C ASP K 72 6.23 32.74 31.11
N GLN K 73 5.32 31.79 31.26
CA GLN K 73 5.59 30.38 31.01
C GLN K 73 4.44 29.79 30.21
N ARG K 74 4.76 28.88 29.31
CA ARG K 74 3.75 28.14 28.57
C ARG K 74 4.00 26.66 28.76
N PHE K 75 2.97 25.95 29.22
CA PHE K 75 3.13 24.56 29.60
C PHE K 75 3.60 23.74 28.40
N VAL K 76 4.83 23.22 28.49
CA VAL K 76 5.42 22.52 27.36
C VAL K 76 4.92 21.08 27.30
N ALA K 77 4.95 20.37 28.42
CA ALA K 77 4.61 18.94 28.41
C ALA K 77 4.01 18.55 29.75
N ALA K 78 3.54 17.30 29.82
CA ALA K 78 2.94 16.80 31.05
C ALA K 78 3.02 15.28 31.06
N ALA K 79 2.86 14.71 32.25
CA ALA K 79 2.88 13.26 32.43
C ALA K 79 1.91 12.92 33.56
N GLU K 80 1.25 11.77 33.43
CA GLU K 80 0.26 11.35 34.40
C GLU K 80 0.50 9.89 34.78
N GLY K 81 0.25 9.58 36.05
CA GLY K 81 0.45 8.23 36.54
C GLY K 81 -0.51 7.90 37.65
N VAL K 82 -0.70 6.60 37.87
CA VAL K 82 -1.62 6.09 38.87
C VAL K 82 -0.84 5.23 39.86
N GLY K 83 -1.03 5.48 41.15
CA GLY K 83 -0.31 4.76 42.17
C GLY K 83 -1.19 3.90 43.04
N LYS K 84 -0.84 3.77 44.31
CA LYS K 84 -1.64 2.97 45.23
C LYS K 84 -2.75 3.80 45.84
N ASP K 85 -3.84 3.12 46.21
CA ASP K 85 -4.99 3.75 46.86
C ASP K 85 -5.68 4.75 45.93
N ASN K 86 -5.62 4.48 44.63
CA ASN K 86 -6.34 5.26 43.63
C ASN K 86 -5.95 6.75 43.69
N LYS K 87 -4.67 6.98 43.41
CA LYS K 87 -4.11 8.32 43.35
C LYS K 87 -3.64 8.61 41.94
N LEU K 88 -3.81 9.85 41.51
CA LEU K 88 -3.46 10.28 40.15
C LEU K 88 -2.48 11.45 40.26
N SER K 89 -1.24 11.22 39.87
CA SER K 89 -0.20 12.24 39.93
C SER K 89 0.05 12.81 38.54
N VAL K 90 0.06 14.14 38.45
CA VAL K 90 0.27 14.85 37.20
C VAL K 90 1.46 15.78 37.38
N LEU K 91 2.49 15.59 36.56
CA LEU K 91 3.63 16.48 36.49
C LEU K 91 3.50 17.35 35.24
N LEU K 92 3.75 18.65 35.40
CA LEU K 92 3.66 19.60 34.31
C LEU K 92 5.01 20.28 34.15
N PHE K 93 5.53 20.28 32.93
CA PHE K 93 6.81 20.88 32.61
C PHE K 93 6.56 22.11 31.75
N THR K 94 7.02 23.26 32.23
CA THR K 94 6.91 24.54 31.55
C THR K 94 8.25 24.92 30.91
N THR K 95 8.22 25.99 30.12
CA THR K 95 9.38 26.39 29.33
C THR K 95 10.57 26.78 30.20
N GLN K 96 10.44 27.86 30.96
CA GLN K 96 11.57 28.33 31.76
C GLN K 96 11.12 29.49 32.62
N ARG K 97 11.83 29.70 33.72
CA ARG K 97 11.48 30.73 34.68
C ARG K 97 12.35 31.96 34.46
N LEU K 98 11.70 33.13 34.36
CA LEU K 98 12.41 34.39 34.15
C LEU K 98 12.45 35.27 35.39
N ASP K 99 11.45 35.17 36.26
CA ASP K 99 11.38 36.01 37.44
C ASP K 99 10.71 35.24 38.58
N LYS K 100 10.94 35.71 39.80
CA LYS K 100 10.38 35.07 41.01
C LYS K 100 9.34 36.00 41.61
N VAL K 101 8.07 35.68 41.37
CA VAL K 101 6.97 36.51 41.85
C VAL K 101 5.86 35.71 42.51
N HIS K 102 5.96 34.38 42.58
CA HIS K 102 4.95 33.55 43.23
C HIS K 102 3.57 33.72 42.58
N HIS K 103 3.50 33.25 41.34
CA HIS K 103 2.28 33.39 40.55
C HIS K 103 1.10 32.71 41.25
N ASN K 104 -0.09 33.25 41.02
CA ASN K 104 -1.32 32.63 41.47
C ASN K 104 -1.69 31.48 40.56
N ILE K 105 -2.64 30.66 41.00
CA ILE K 105 -3.05 29.48 40.23
C ILE K 105 -4.53 29.23 40.41
N SER K 106 -5.18 28.82 39.32
CA SER K 106 -6.58 28.43 39.34
C SER K 106 -6.69 27.02 38.77
N VAL K 107 -7.24 26.10 39.56
CA VAL K 107 -7.33 24.70 39.17
C VAL K 107 -8.78 24.26 39.22
N THR K 108 -9.26 23.66 38.14
CA THR K 108 -10.61 23.14 38.04
C THR K 108 -10.55 21.66 37.69
N ILE K 109 -11.19 20.83 38.50
CA ILE K 109 -11.20 19.38 38.33
C ILE K 109 -12.62 18.94 38.07
N THR K 110 -12.87 18.38 36.89
CA THR K 110 -14.21 17.97 36.49
C THR K 110 -14.26 16.46 36.34
N CYS K 111 -15.22 15.82 37.00
CA CYS K 111 -15.41 14.38 36.91
C CYS K 111 -16.19 14.07 35.64
N MET K 112 -15.51 13.50 34.65
CA MET K 112 -16.14 13.18 33.38
C MET K 112 -16.52 11.71 33.24
N GLU K 113 -16.40 10.91 34.31
CA GLU K 113 -16.72 9.49 34.21
C GLU K 113 -16.97 8.92 35.59
N MET K 114 -18.14 8.32 35.78
CA MET K 114 -18.48 7.50 36.93
C MET K 114 -18.82 8.29 38.19
N ASN K 115 -18.61 9.61 38.20
CA ASN K 115 -19.10 10.40 39.32
C ASN K 115 -19.52 11.81 38.93
N CYS K 116 -20.05 12.01 37.73
CA CYS K 116 -20.37 13.36 37.28
C CYS K 116 -21.24 14.07 38.30
N GLY K 117 -21.31 15.38 38.17
CA GLY K 117 -22.13 16.18 39.07
C GLY K 117 -21.92 17.66 38.80
N THR K 118 -22.53 18.48 39.64
CA THR K 118 -22.37 19.91 39.57
C THR K 118 -21.24 20.35 40.50
N THR K 119 -21.12 21.67 40.69
CA THR K 119 -20.04 22.20 41.50
C THR K 119 -20.25 21.86 42.96
N LYS K 120 -19.19 21.38 43.61
CA LYS K 120 -19.23 21.04 45.03
C LYS K 120 -18.19 21.78 45.85
N TYR K 121 -17.32 22.58 45.24
CA TYR K 121 -16.28 23.30 45.97
C TYR K 121 -15.82 24.47 45.13
N ASP K 122 -15.76 25.66 45.74
CA ASP K 122 -15.32 26.86 45.03
C ASP K 122 -14.44 27.76 45.90
N SER K 123 -13.85 27.23 46.97
CA SER K 123 -13.08 28.05 47.90
C SER K 123 -11.67 28.26 47.35
N ASP K 124 -10.84 28.98 48.11
CA ASP K 124 -9.46 29.26 47.74
C ASP K 124 -8.53 28.76 48.84
N LEU K 125 -7.31 28.42 48.42
CA LEU K 125 -6.32 27.83 49.30
C LEU K 125 -5.24 28.86 49.63
N PRO K 126 -4.96 29.12 50.90
CA PRO K 126 -4.04 30.22 51.22
C PRO K 126 -2.58 29.91 50.91
N GLU K 127 -2.11 28.70 51.23
CA GLU K 127 -0.71 28.33 51.07
C GLU K 127 0.18 29.28 51.87
N SER K 128 0.01 29.25 53.19
CA SER K 128 0.76 30.10 54.09
C SER K 128 2.17 29.57 54.36
N ILE K 129 2.66 28.64 53.54
CA ILE K 129 4.05 28.22 53.64
C ILE K 129 4.96 29.44 53.50
N HIS K 130 4.65 30.29 52.52
CA HIS K 130 5.20 31.65 52.46
C HIS K 130 4.11 32.71 52.50
N HIS K 131 2.86 32.37 52.21
CA HIS K 131 1.74 33.29 52.32
C HIS K 131 1.87 34.45 51.33
N LYS K 132 2.09 34.11 50.06
CA LYS K 132 2.20 35.13 49.02
C LYS K 132 1.38 34.76 47.79
N SER K 133 0.99 33.49 47.67
CA SER K 133 0.23 33.01 46.53
C SER K 133 -1.06 32.36 47.03
N SER K 134 -2.08 32.39 46.16
CA SER K 134 -3.38 31.80 46.46
C SER K 134 -3.87 31.01 45.27
N CYS K 135 -4.36 29.81 45.54
CA CYS K 135 -4.87 28.91 44.51
C CYS K 135 -6.37 28.75 44.69
N ASP K 136 -7.13 28.94 43.61
CA ASP K 136 -8.58 28.78 43.64
C ASP K 136 -8.94 27.46 42.99
N ILE K 137 -9.57 26.57 43.76
CA ILE K 137 -9.91 25.22 43.33
C ILE K 137 -11.42 25.13 43.13
N THR K 138 -11.83 24.72 41.95
CA THR K 138 -13.23 24.43 41.66
C THR K 138 -13.36 22.98 41.25
N ILE K 139 -14.17 22.23 41.99
CA ILE K 139 -14.32 20.79 41.79
C ILE K 139 -15.76 20.52 41.38
N ASN K 140 -15.93 19.92 40.20
CA ASN K 140 -17.24 19.46 39.76
C ASN K 140 -17.29 17.95 39.84
N GLY K 141 -18.24 17.43 40.62
CA GLY K 141 -18.37 16.01 40.85
C GLY K 141 -18.11 15.64 42.30
N SER K 142 -18.11 14.33 42.53
CA SER K 142 -17.79 13.77 43.85
C SER K 142 -16.57 12.85 43.79
N CYS K 143 -15.84 12.87 42.68
CA CYS K 143 -14.73 11.95 42.46
C CYS K 143 -13.39 12.54 42.91
N VAL K 144 -13.34 13.06 44.13
CA VAL K 144 -12.10 13.63 44.66
C VAL K 144 -12.11 13.49 46.18
N THR K 145 -10.99 13.05 46.73
CA THR K 145 -10.79 12.97 48.17
C THR K 145 -9.58 13.77 48.64
N CYS K 146 -8.47 13.72 47.90
CA CYS K 146 -7.29 14.51 48.23
C CYS K 146 -6.94 15.40 47.05
N VAL K 147 -6.39 16.58 47.34
CA VAL K 147 -5.85 17.45 46.30
C VAL K 147 -4.61 18.13 46.85
N ASN K 148 -3.45 17.79 46.30
CA ASN K 148 -2.19 18.41 46.71
C ASN K 148 -1.52 19.01 45.48
N LEU K 149 -0.87 20.16 45.68
CA LEU K 149 -0.25 20.89 44.58
C LEU K 149 1.09 21.44 45.04
N GLU K 150 2.16 21.00 44.41
CA GLU K 150 3.50 21.47 44.73
C GLU K 150 4.04 22.27 43.55
N THR K 151 4.18 23.57 43.74
CA THR K 151 4.72 24.47 42.74
C THR K 151 6.21 24.63 42.98
N ASP K 152 7.00 24.45 41.92
CA ASP K 152 8.45 24.47 42.01
C ASP K 152 8.93 23.35 42.92
N PRO K 153 8.69 22.10 42.57
CA PRO K 153 9.12 21.00 43.41
C PRO K 153 10.64 20.91 43.46
N THR K 154 11.13 20.35 44.57
CA THR K 154 12.56 20.13 44.76
C THR K 154 12.94 18.66 44.72
N LYS K 155 11.99 17.76 44.48
CA LYS K 155 12.27 16.34 44.39
C LYS K 155 12.78 15.99 43.00
N ILE K 156 12.88 14.69 42.72
CA ILE K 156 13.47 14.23 41.47
C ILE K 156 12.40 14.11 40.39
N ASN K 157 12.11 15.23 39.71
CA ASN K 157 11.21 15.18 38.57
C ASN K 157 11.67 14.22 37.49
N PRO K 158 12.96 14.13 37.16
CA PRO K 158 13.36 13.25 36.05
C PRO K 158 12.98 11.81 36.31
N HIS K 159 12.03 11.33 35.51
CA HIS K 159 11.57 9.94 35.57
C HIS K 159 12.18 9.18 34.39
N TYR K 160 12.79 8.04 34.68
CA TYR K 160 13.61 7.34 33.69
C TYR K 160 14.68 8.31 33.15
N LEU K 161 15.31 9.02 34.08
CA LEU K 161 16.17 10.14 33.72
C LEU K 161 17.25 9.71 32.73
N HIS K 162 17.15 10.25 31.52
CA HIS K 162 16.04 11.14 31.16
C HIS K 162 15.42 10.69 29.84
N PRO K 163 14.29 11.29 29.47
CA PRO K 163 13.70 11.00 28.16
C PRO K 163 14.74 11.11 27.05
N LYS K 164 14.41 10.56 25.89
CA LYS K 164 15.40 10.35 24.84
C LYS K 164 16.18 11.61 24.52
N ASP K 165 15.49 12.73 24.33
CA ASP K 165 16.15 13.94 23.84
C ASP K 165 15.91 15.16 24.72
N LYS K 166 14.89 15.15 25.57
CA LYS K 166 14.53 16.34 26.33
C LYS K 166 15.53 16.60 27.44
N TYR K 167 15.64 17.88 27.82
CA TYR K 167 16.46 18.31 28.94
C TYR K 167 15.54 18.83 30.04
N LEU K 168 15.87 18.51 31.28
CA LEU K 168 15.00 18.81 32.41
C LEU K 168 15.76 19.59 33.48
N TYR K 169 15.11 20.61 34.02
CA TYR K 169 15.64 21.42 35.11
C TYR K 169 14.62 21.48 36.23
N ARG K 170 15.09 21.80 37.43
CA ARG K 170 14.22 21.87 38.60
C ARG K 170 14.75 22.90 39.57
N ASN K 171 13.83 23.55 40.27
CA ASN K 171 14.21 24.56 41.25
C ASN K 171 14.97 23.93 42.40
N SER K 172 16.02 24.62 42.85
CA SER K 172 16.80 24.19 44.00
C SER K 172 16.78 25.20 45.14
N GLU K 173 16.00 26.26 45.02
CA GLU K 173 15.91 27.29 46.05
C GLU K 173 14.65 27.04 46.88
N TYR K 174 14.83 26.79 48.17
CA TYR K 174 13.71 26.42 49.03
C TYR K 174 12.67 27.52 49.12
N GLY K 175 13.06 28.77 48.90
CA GLY K 175 12.14 29.88 49.07
C GLY K 175 11.07 30.01 48.00
N MET K 176 11.19 29.27 46.90
CA MET K 176 10.22 29.38 45.81
C MET K 176 9.16 28.29 45.82
N ARG K 177 9.38 27.19 46.53
CA ARG K 177 8.42 26.10 46.52
C ARG K 177 7.14 26.50 47.25
N GLY K 178 6.02 26.02 46.74
CA GLY K 178 4.74 26.29 47.36
C GLY K 178 3.91 25.03 47.44
N SER K 179 3.15 24.91 48.53
CA SER K 179 2.33 23.73 48.79
C SER K 179 0.90 24.16 49.04
N TYR K 180 -0.02 23.62 48.24
CA TYR K 180 -1.46 23.84 48.40
C TYR K 180 -2.11 22.50 48.69
N GLY K 181 -3.00 22.47 49.69
CA GLY K 181 -3.64 21.22 50.03
C GLY K 181 -5.09 21.33 50.41
N VAL K 182 -5.88 20.32 50.06
CA VAL K 182 -7.29 20.26 50.45
C VAL K 182 -7.69 18.79 50.56
N THR K 183 -8.21 18.41 51.72
CA THR K 183 -8.61 17.04 51.98
C THR K 183 -10.01 17.01 52.55
N PHE K 184 -10.77 15.97 52.17
CA PHE K 184 -12.11 15.74 52.68
C PHE K 184 -12.20 14.56 53.63
N MET K 185 -11.28 13.60 53.51
CA MET K 185 -11.18 12.51 54.47
C MET K 185 -10.32 12.95 55.65
N ASP K 186 -9.92 11.98 56.47
CA ASP K 186 -9.18 12.28 57.69
C ASP K 186 -7.68 12.08 57.49
N GLU K 187 -6.93 13.15 57.72
CA GLU K 187 -5.46 13.11 57.76
C GLU K 187 -4.87 12.36 56.56
N LEU K 188 -5.06 12.93 55.38
CA LEU K 188 -4.53 12.38 54.15
C LEU K 188 -3.31 13.12 53.64
N ASN K 189 -2.49 13.67 54.53
CA ASN K 189 -1.28 14.37 54.11
C ASN K 189 -0.32 13.40 53.44
N GLN K 190 0.44 13.93 52.46
CA GLN K 190 1.36 13.12 51.66
C GLN K 190 0.60 12.00 50.95
N CYS K 191 -0.28 12.41 50.05
CA CYS K 191 -1.22 11.48 49.44
C CYS K 191 -0.51 10.34 48.71
N PHE K 192 0.74 10.56 48.30
CA PHE K 192 1.55 9.49 47.73
C PHE K 192 2.94 10.05 47.43
N LEU K 193 3.86 9.15 47.09
CA LEU K 193 5.25 9.51 46.85
C LEU K 193 5.66 9.13 45.43
N ASP K 194 6.67 9.83 44.91
CA ASP K 194 6.99 9.77 43.49
C ASP K 194 7.52 8.38 43.09
N ILE K 195 8.64 7.97 43.69
CA ILE K 195 9.34 6.77 43.24
C ILE K 195 8.55 5.56 43.72
N LYS K 196 7.74 4.99 42.84
CA LYS K 196 6.94 3.81 43.13
C LYS K 196 6.71 3.06 41.83
N GLU K 197 5.71 2.17 41.81
CA GLU K 197 5.33 1.46 40.59
C GLU K 197 4.76 2.42 39.56
N VAL K 198 4.73 3.71 39.91
CA VAL K 198 4.24 4.73 38.98
C VAL K 198 4.98 4.61 37.66
N SER K 199 4.23 4.47 36.58
CA SER K 199 4.82 4.32 35.25
C SER K 199 5.17 5.65 34.61
N TYR K 200 4.30 6.66 34.74
CA TYR K 200 4.56 8.00 34.24
C TYR K 200 4.82 8.00 32.73
N ASP K 201 3.77 7.67 31.99
CA ASP K 201 3.80 7.80 30.54
C ASP K 201 3.64 9.26 30.14
N ILE K 202 4.30 9.65 29.05
CA ILE K 202 4.20 11.03 28.59
C ILE K 202 2.76 11.34 28.22
N CYS K 203 2.35 12.57 28.49
CA CYS K 203 0.94 12.96 28.40
C CYS K 203 0.71 13.68 27.07
N TYR K 204 0.47 12.88 26.04
CA TYR K 204 0.04 13.38 24.73
C TYR K 204 0.07 12.25 23.70
N MET L 1 14.62 25.50 56.56
CA MET L 1 15.17 26.82 56.85
C MET L 1 15.48 27.00 58.33
N LEU L 2 15.09 26.01 59.13
CA LEU L 2 15.35 26.04 60.57
C LEU L 2 16.22 24.84 60.91
N LYS L 3 17.49 25.10 61.22
CA LYS L 3 18.44 24.06 61.61
C LYS L 3 18.60 24.07 63.13
N ILE L 4 18.34 22.92 63.74
CA ILE L 4 18.42 22.76 65.19
C ILE L 4 19.50 21.74 65.50
N GLN L 5 20.42 22.12 66.39
CA GLN L 5 21.49 21.24 66.83
C GLN L 5 21.32 20.96 68.32
N ALA L 6 21.56 19.72 68.72
CA ALA L 6 21.44 19.33 70.12
C ALA L 6 22.67 18.54 70.52
N TYR L 7 23.07 18.70 71.77
CA TYR L 7 24.21 17.95 72.30
C TYR L 7 23.85 16.47 72.38
N PHE L 8 24.87 15.64 72.60
CA PHE L 8 24.67 14.20 72.62
C PHE L 8 23.59 13.84 73.63
N ASN L 9 22.55 13.16 73.16
CA ASN L 9 21.41 12.77 73.99
C ASN L 9 20.83 14.00 74.70
N GLU L 10 20.74 15.10 73.97
CA GLU L 10 20.12 16.32 74.48
C GLU L 10 18.62 16.26 74.21
N THR L 11 17.90 17.29 74.66
CA THR L 11 16.47 17.40 74.43
C THR L 11 16.21 18.14 73.12
N ALA L 12 15.13 17.77 72.44
CA ALA L 12 14.81 18.33 71.14
C ALA L 12 13.54 19.18 71.22
N ASP L 13 13.55 20.32 70.56
CA ASP L 13 12.39 21.19 70.48
C ASP L 13 12.10 21.49 69.01
N LEU L 14 10.85 21.27 68.60
CA LEU L 14 10.41 21.54 67.23
C LEU L 14 9.36 22.64 67.26
N PRO L 15 9.72 23.89 66.99
CA PRO L 15 8.71 24.92 66.76
C PRO L 15 8.44 25.12 65.28
N CYS L 16 7.32 25.73 64.92
CA CYS L 16 7.08 26.09 63.52
C CYS L 16 6.50 27.49 63.34
N GLN L 17 6.29 28.23 64.42
CA GLN L 17 6.04 29.67 64.38
C GLN L 17 4.88 30.01 63.44
N PHE L 18 3.69 29.56 63.84
CA PHE L 18 2.48 29.90 63.11
C PHE L 18 2.15 31.36 63.34
N ALA L 19 2.18 32.16 62.27
CA ALA L 19 1.94 33.59 62.40
C ALA L 19 0.53 33.87 62.91
N ASN L 20 -0.46 33.13 62.41
CA ASN L 20 -1.85 33.29 62.83
C ASN L 20 -2.34 34.72 62.58
N SER L 21 -2.22 35.13 61.32
CA SER L 21 -2.65 36.49 60.95
C SER L 21 -4.14 36.67 61.17
N GLN L 22 -4.94 35.60 61.06
CA GLN L 22 -6.37 35.69 61.22
C GLN L 22 -6.82 35.61 62.68
N ASN L 23 -5.90 35.43 63.62
CA ASN L 23 -6.23 35.35 65.03
C ASN L 23 -7.24 34.23 65.29
N GLN L 24 -6.93 33.05 64.75
CA GLN L 24 -7.78 31.88 64.92
C GLN L 24 -7.51 31.22 66.26
N SER L 25 -8.34 30.23 66.60
CA SER L 25 -8.26 29.53 67.88
C SER L 25 -7.96 28.06 67.65
N LEU L 26 -7.48 27.40 68.70
CA LEU L 26 -7.13 25.99 68.61
C LEU L 26 -8.35 25.09 68.51
N SER L 27 -9.55 25.64 68.70
CA SER L 27 -10.76 24.81 68.64
C SER L 27 -11.13 24.45 67.21
N GLU L 28 -10.65 25.19 66.21
CA GLU L 28 -10.98 24.92 64.81
C GLU L 28 -9.77 24.53 63.98
N LEU L 29 -8.70 24.06 64.60
CA LEU L 29 -7.48 23.73 63.88
C LEU L 29 -6.95 22.38 64.33
N VAL L 30 -6.21 21.74 63.43
CA VAL L 30 -5.50 20.51 63.74
C VAL L 30 -4.04 20.69 63.35
N VAL L 31 -3.15 20.09 64.15
CA VAL L 31 -1.71 20.21 63.94
C VAL L 31 -1.09 18.83 63.94
N PHE L 32 -0.21 18.59 62.96
CA PHE L 32 0.47 17.31 62.83
C PHE L 32 1.96 17.56 62.66
N TRP L 33 2.75 16.70 63.30
CA TRP L 33 4.18 16.67 63.10
C TRP L 33 4.56 15.30 62.58
N GLN L 34 5.27 15.26 61.45
CA GLN L 34 5.62 13.99 60.85
C GLN L 34 7.07 14.01 60.39
N ASP L 35 7.68 12.83 60.35
CA ASP L 35 9.07 12.67 59.98
C ASP L 35 9.18 12.35 58.49
N GLN L 36 10.39 11.99 58.04
CA GLN L 36 10.64 11.74 56.63
C GLN L 36 10.05 10.41 56.16
N GLU L 37 9.68 9.52 57.08
CA GLU L 37 9.07 8.25 56.72
C GLU L 37 7.54 8.30 56.76
N ASN L 38 6.97 9.47 57.02
CA ASN L 38 5.53 9.70 57.08
C ASN L 38 4.89 9.22 58.38
N LEU L 39 5.68 8.76 59.34
CA LEU L 39 5.14 8.37 60.63
C LEU L 39 4.79 9.59 61.46
N VAL L 40 3.62 9.56 62.09
CA VAL L 40 3.13 10.69 62.85
C VAL L 40 3.81 10.73 64.22
N LEU L 41 3.80 11.92 64.83
CA LEU L 41 4.36 12.13 66.16
C LEU L 41 3.34 12.61 67.17
N ASN L 42 2.41 13.47 66.77
CA ASN L 42 1.41 14.00 67.68
C ASN L 42 0.28 14.60 66.85
N GLU L 43 -0.87 14.79 67.51
CA GLU L 43 -2.02 15.36 66.85
C GLU L 43 -2.86 16.10 67.88
N VAL L 44 -3.26 17.32 67.54
CA VAL L 44 -4.07 18.17 68.41
C VAL L 44 -5.35 18.47 67.65
N TYR L 45 -6.40 17.71 67.92
CA TYR L 45 -7.67 17.85 67.21
C TYR L 45 -8.55 18.84 67.97
N LEU L 46 -8.78 20.00 67.37
CA LEU L 46 -9.68 21.02 67.92
C LEU L 46 -9.41 21.34 69.39
N GLY L 47 -8.16 21.18 69.82
CA GLY L 47 -7.76 21.54 71.18
C GLY L 47 -7.51 20.37 72.10
N LYS L 48 -7.81 19.14 71.69
CA LYS L 48 -7.59 17.97 72.51
C LYS L 48 -6.53 17.08 71.86
N GLU L 49 -5.57 16.62 72.66
CA GLU L 49 -4.54 15.75 72.14
C GLU L 49 -5.13 14.39 71.78
N LYS L 50 -4.60 13.77 70.73
CA LYS L 50 -4.99 12.42 70.33
C LYS L 50 -3.75 11.58 70.11
N PHE L 51 -3.84 10.30 70.47
CA PHE L 51 -2.75 9.34 70.34
C PHE L 51 -3.22 8.11 69.59
N ASP L 52 -3.88 8.33 68.45
CA ASP L 52 -4.52 7.26 67.70
C ASP L 52 -3.60 6.58 66.71
N SER L 53 -2.51 7.23 66.28
CA SER L 53 -1.64 6.64 65.27
C SER L 53 -0.16 6.81 65.56
N VAL L 54 0.22 7.34 66.72
CA VAL L 54 1.63 7.53 67.03
C VAL L 54 2.29 6.17 67.20
N HIS L 55 3.47 6.01 66.59
CA HIS L 55 4.22 4.77 66.72
C HIS L 55 4.66 4.57 68.17
N SER L 56 4.84 3.29 68.55
CA SER L 56 5.15 2.97 69.93
C SER L 56 6.40 3.71 70.41
N LYS L 57 7.44 3.74 69.58
CA LYS L 57 8.66 4.45 69.97
C LYS L 57 8.41 5.94 70.14
N TYR L 58 7.45 6.49 69.40
CA TYR L 58 7.11 7.90 69.48
C TYR L 58 6.13 8.21 70.61
N MET L 59 5.55 7.20 71.24
CA MET L 59 4.57 7.42 72.28
C MET L 59 5.22 7.94 73.55
N GLY L 60 4.57 8.92 74.18
CA GLY L 60 5.02 9.42 75.47
C GLY L 60 6.12 10.46 75.39
N ARG L 61 7.06 10.28 74.46
CA ARG L 61 8.20 11.18 74.37
C ARG L 61 7.82 12.57 73.87
N THR L 62 6.61 12.76 73.36
CA THR L 62 6.18 14.03 72.81
C THR L 62 5.34 14.79 73.83
N SER L 63 5.43 16.11 73.78
CA SER L 63 4.63 16.98 74.63
C SER L 63 4.35 18.27 73.87
N PHE L 64 3.10 18.70 73.91
CA PHE L 64 2.64 19.86 73.16
C PHE L 64 2.37 21.02 74.10
N ASP L 65 2.73 22.21 73.64
CA ASP L 65 2.56 23.44 74.41
C ASP L 65 1.57 24.35 73.69
N SER L 66 0.82 25.12 74.46
CA SER L 66 -0.22 25.98 73.89
C SER L 66 0.37 27.29 73.37
N ASP L 67 0.95 28.09 74.27
CA ASP L 67 1.40 29.43 73.87
C ASP L 67 2.60 29.37 72.94
N SER L 68 3.54 28.46 73.21
CA SER L 68 4.78 28.41 72.43
C SER L 68 4.61 27.73 71.08
N TRP L 69 3.58 26.91 70.90
CA TRP L 69 3.37 26.18 69.65
C TRP L 69 4.59 25.36 69.28
N THR L 70 5.24 24.78 70.30
CA THR L 70 6.44 23.98 70.11
C THR L 70 6.24 22.60 70.70
N LEU L 71 6.68 21.58 69.98
CA LEU L 71 6.60 20.20 70.45
C LEU L 71 7.96 19.78 71.02
N ARG L 72 7.95 19.26 72.23
CA ARG L 72 9.18 18.88 72.93
C ARG L 72 9.34 17.37 72.86
N LEU L 73 10.39 16.92 72.18
CA LEU L 73 10.72 15.51 72.07
C LEU L 73 11.93 15.19 72.94
N HIS L 74 11.81 14.12 73.73
CA HIS L 74 12.83 13.71 74.67
C HIS L 74 13.44 12.38 74.24
N ASN L 75 14.56 12.02 74.88
CA ASN L 75 15.25 10.77 74.62
C ASN L 75 15.69 10.67 73.15
N LEU L 76 16.48 11.66 72.73
CA LEU L 76 17.02 11.65 71.39
C LEU L 76 17.97 10.47 71.22
N GLN L 77 18.15 10.05 69.97
CA GLN L 77 18.98 8.91 69.64
C GLN L 77 19.79 9.23 68.38
N ILE L 78 20.84 8.43 68.16
CA ILE L 78 21.72 8.68 67.02
C ILE L 78 20.95 8.55 65.71
N LYS L 79 19.91 7.71 65.70
CA LYS L 79 19.14 7.45 64.48
C LYS L 79 17.90 8.33 64.35
N ASP L 80 17.69 9.29 65.26
CA ASP L 80 16.51 10.15 65.20
C ASP L 80 16.71 11.39 64.35
N LYS L 81 17.91 11.61 63.80
CA LYS L 81 18.13 12.78 62.97
C LYS L 81 17.31 12.68 61.69
N GLY L 82 16.73 13.80 61.28
CA GLY L 82 15.90 13.80 60.09
C GLY L 82 15.08 15.08 60.01
N LEU L 83 14.10 15.05 59.11
CA LEU L 83 13.26 16.20 58.82
C LEU L 83 11.86 16.00 59.40
N TYR L 84 11.34 17.07 60.01
CA TYR L 84 10.04 17.07 60.64
C TYR L 84 9.22 18.23 60.07
N GLN L 85 7.92 17.98 59.91
CA GLN L 85 7.02 18.92 59.28
C GLN L 85 5.93 19.36 60.24
N CYS L 86 5.53 20.63 60.15
CA CYS L 86 4.47 21.21 60.97
C CYS L 86 3.29 21.52 60.06
N ILE L 87 2.40 20.55 59.90
CA ILE L 87 1.26 20.70 58.99
C ILE L 87 0.06 21.15 59.82
N ILE L 88 -0.50 22.30 59.47
CA ILE L 88 -1.67 22.83 60.14
C ILE L 88 -2.85 22.80 59.18
N HIS L 89 -3.98 22.28 59.64
CA HIS L 89 -5.19 22.15 58.84
C HIS L 89 -6.34 22.88 59.53
N HIS L 90 -7.24 23.43 58.73
CA HIS L 90 -8.42 24.14 59.21
C HIS L 90 -9.65 23.29 58.91
N LYS L 91 -10.41 22.97 59.95
CA LYS L 91 -11.53 22.03 59.82
C LYS L 91 -12.82 22.80 59.55
N LYS L 92 -13.03 23.15 58.29
CA LYS L 92 -14.29 23.73 57.87
C LYS L 92 -15.33 22.63 57.68
N PRO L 93 -16.62 22.99 57.68
CA PRO L 93 -17.66 21.97 57.47
C PRO L 93 -17.50 21.21 56.17
N THR L 94 -17.01 21.87 55.12
CA THR L 94 -16.84 21.20 53.82
C THR L 94 -15.61 20.29 53.83
N GLY L 95 -14.44 20.87 54.08
CA GLY L 95 -13.22 20.10 54.09
C GLY L 95 -12.14 20.83 54.86
N MET L 96 -10.97 20.21 54.93
CA MET L 96 -9.82 20.77 55.63
C MET L 96 -8.81 21.25 54.60
N ILE L 97 -8.36 22.50 54.75
CA ILE L 97 -7.41 23.13 53.84
C ILE L 97 -6.14 23.45 54.60
N ARG L 98 -5.00 23.03 54.06
CA ARG L 98 -3.71 23.23 54.71
C ARG L 98 -3.38 24.72 54.72
N ILE L 99 -3.27 25.29 55.92
CA ILE L 99 -3.05 26.71 56.08
C ILE L 99 -1.67 27.06 56.61
N HIS L 100 -0.82 26.05 56.83
CA HIS L 100 0.54 26.35 57.27
C HIS L 100 1.38 25.09 57.26
N GLN L 101 2.67 25.26 56.97
CA GLN L 101 3.63 24.16 56.90
C GLN L 101 5.01 24.72 57.18
N MET L 102 5.81 23.98 57.94
CA MET L 102 7.15 24.44 58.31
C MET L 102 8.06 23.23 58.46
N ASN L 103 9.19 23.23 57.77
CA ASN L 103 10.15 22.14 57.81
C ASN L 103 11.24 22.44 58.84
N SER L 104 11.79 21.38 59.43
CA SER L 104 12.90 21.52 60.36
C SER L 104 13.73 20.26 60.37
N GLU L 105 15.04 20.38 60.18
CA GLU L 105 15.95 19.25 60.17
C GLU L 105 16.77 19.26 61.46
N LEU L 106 16.82 18.11 62.12
CA LEU L 106 17.54 17.98 63.38
C LEU L 106 18.57 16.86 63.31
N SER L 107 19.74 17.11 63.88
CA SER L 107 20.83 16.15 63.95
C SER L 107 21.43 16.17 65.34
N VAL L 108 22.09 15.08 65.71
CA VAL L 108 22.66 14.90 67.04
C VAL L 108 24.17 14.74 66.92
N LEU L 109 24.82 14.64 68.08
CA LEU L 109 26.28 14.51 68.12
C LEU L 109 26.72 13.28 67.34
N ALA L 110 27.79 13.44 66.56
CA ALA L 110 28.28 12.37 65.71
C ALA L 110 29.76 12.11 65.95
#